data_4HY6
# 
_entry.id   4HY6 
# 
_audit_conform.dict_name       mmcif_pdbx.dic 
_audit_conform.dict_version    5.381 
_audit_conform.dict_location   http://mmcif.pdb.org/dictionaries/ascii/mmcif_pdbx.dic 
# 
loop_
_database_2.database_id 
_database_2.database_code 
_database_2.pdbx_database_accession 
_database_2.pdbx_DOI 
PDB   4HY6         pdb_00004hy6 10.2210/pdb4hy6/pdb 
RCSB  RCSB076067   ?            ?                   
WWPDB D_1000076067 ?            ?                   
# 
_pdbx_database_status.status_code                     REL 
_pdbx_database_status.entry_id                        4HY6 
_pdbx_database_status.recvd_initial_deposition_date   2012-11-13 
_pdbx_database_status.deposit_site                    RCSB 
_pdbx_database_status.process_site                    PDBJ 
_pdbx_database_status.methods_development_category    ? 
_pdbx_database_status.status_code_sf                  REL 
_pdbx_database_status.status_code_mr                  ? 
_pdbx_database_status.SG_entry                        ? 
_pdbx_database_status.status_code_cs                  ? 
_pdbx_database_status.pdb_format_compatible           Y 
_pdbx_database_status.status_code_nmr_data            ? 
# 
loop_
_audit_author.name 
_audit_author.pdbx_ordinal 
'Yang, M.' 1 
'Li, J.'   2 
'He, J.H.' 3 
# 
_citation.id                        primary 
_citation.title                     'Crystal Structure of the human Hsp90-alpha N-domain bound to the hsp90 inhibitor FJ1' 
_citation.journal_abbrev            'to be published' 
_citation.journal_volume            ? 
_citation.page_first                ? 
_citation.page_last                 ? 
_citation.year                      ? 
_citation.journal_id_ASTM           ? 
_citation.country                   ? 
_citation.journal_id_ISSN           ? 
_citation.journal_id_CSD            0353 
_citation.book_publisher            ? 
_citation.pdbx_database_id_PubMed   ? 
_citation.pdbx_database_id_DOI      ? 
# 
loop_
_citation_author.citation_id 
_citation_author.name 
_citation_author.ordinal 
_citation_author.identifier_ORCID 
primary 'Yang, M.' 1 ? 
primary 'Li, J.'   2 ? 
primary 'He, J.H.' 3 ? 
# 
_cell.entry_id           4HY6 
_cell.length_a           67.061 
_cell.length_b           91.034 
_cell.length_c           99.177 
_cell.angle_alpha        90.00 
_cell.angle_beta         90.00 
_cell.angle_gamma        90.00 
_cell.Z_PDB              8 
_cell.pdbx_unique_axis   ? 
_cell.length_a_esd       ? 
_cell.length_b_esd       ? 
_cell.length_c_esd       ? 
_cell.angle_alpha_esd    ? 
_cell.angle_beta_esd     ? 
_cell.angle_gamma_esd    ? 
# 
_symmetry.entry_id                         4HY6 
_symmetry.space_group_name_H-M             'I 2 2 2' 
_symmetry.pdbx_full_space_group_name_H-M   ? 
_symmetry.cell_setting                     ? 
_symmetry.Int_Tables_number                23 
_symmetry.space_group_name_Hall            ? 
# 
loop_
_entity.id 
_entity.type 
_entity.src_method 
_entity.pdbx_description 
_entity.formula_weight 
_entity.pdbx_number_of_molecules 
_entity.pdbx_ec 
_entity.pdbx_mutation 
_entity.pdbx_fragment 
_entity.details 
1 polymer     man 'Heat shock protein HSP 90-alpha'                                      25656.768 1   ? ? 
'N-Terminal domain, UNP residues 9-236' ? 
2 non-polymer syn '6,6-dimethyl-3-(trifluoromethyl)-1,5,6,7-tetrahydro-4H-indazol-4-one' 232.202   1   ? ? ? ? 
3 water       nat water                                                                  18.015    102 ? ? ? ? 
# 
_entity_name_com.entity_id   1 
_entity_name_com.name        'Heat shock 86 kDa, HSP 86, HSP86, Renal carcinoma antigen NY-REN-38' 
# 
_entity_poly.entity_id                      1 
_entity_poly.type                           'polypeptide(L)' 
_entity_poly.nstd_linkage                   no 
_entity_poly.nstd_monomer                   no 
_entity_poly.pdbx_seq_one_letter_code       
;DQPMEEEEVETFAFQAEIAQLMSLIINTFYSNKEIFLRELISNSSDALDKIRYESLTDPSKLDSGKELHINLIPNKQDRT
LTIVDTGIGMTKADLINNLGTIAKSGTKAFMEALQAGADISMIGQFGVGFYSAYLVAEKVTVITKHNDDEQYAWESSAGG
SFTVRTDTGEPMGRGTKVILHLKEDQTEYLEERRIKEIVKKHSQFIGYPITLFVEKERDKEVSDDEAE
;
_entity_poly.pdbx_seq_one_letter_code_can   
;DQPMEEEEVETFAFQAEIAQLMSLIINTFYSNKEIFLRELISNSSDALDKIRYESLTDPSKLDSGKELHINLIPNKQDRT
LTIVDTGIGMTKADLINNLGTIAKSGTKAFMEALQAGADISMIGQFGVGFYSAYLVAEKVTVITKHNDDEQYAWESSAGG
SFTVRTDTGEPMGRGTKVILHLKEDQTEYLEERRIKEIVKKHSQFIGYPITLFVEKERDKEVSDDEAE
;
_entity_poly.pdbx_strand_id                 A 
_entity_poly.pdbx_target_identifier         ? 
# 
loop_
_entity_poly_seq.entity_id 
_entity_poly_seq.num 
_entity_poly_seq.mon_id 
_entity_poly_seq.hetero 
1 1   ASP n 
1 2   GLN n 
1 3   PRO n 
1 4   MET n 
1 5   GLU n 
1 6   GLU n 
1 7   GLU n 
1 8   GLU n 
1 9   VAL n 
1 10  GLU n 
1 11  THR n 
1 12  PHE n 
1 13  ALA n 
1 14  PHE n 
1 15  GLN n 
1 16  ALA n 
1 17  GLU n 
1 18  ILE n 
1 19  ALA n 
1 20  GLN n 
1 21  LEU n 
1 22  MET n 
1 23  SER n 
1 24  LEU n 
1 25  ILE n 
1 26  ILE n 
1 27  ASN n 
1 28  THR n 
1 29  PHE n 
1 30  TYR n 
1 31  SER n 
1 32  ASN n 
1 33  LYS n 
1 34  GLU n 
1 35  ILE n 
1 36  PHE n 
1 37  LEU n 
1 38  ARG n 
1 39  GLU n 
1 40  LEU n 
1 41  ILE n 
1 42  SER n 
1 43  ASN n 
1 44  SER n 
1 45  SER n 
1 46  ASP n 
1 47  ALA n 
1 48  LEU n 
1 49  ASP n 
1 50  LYS n 
1 51  ILE n 
1 52  ARG n 
1 53  TYR n 
1 54  GLU n 
1 55  SER n 
1 56  LEU n 
1 57  THR n 
1 58  ASP n 
1 59  PRO n 
1 60  SER n 
1 61  LYS n 
1 62  LEU n 
1 63  ASP n 
1 64  SER n 
1 65  GLY n 
1 66  LYS n 
1 67  GLU n 
1 68  LEU n 
1 69  HIS n 
1 70  ILE n 
1 71  ASN n 
1 72  LEU n 
1 73  ILE n 
1 74  PRO n 
1 75  ASN n 
1 76  LYS n 
1 77  GLN n 
1 78  ASP n 
1 79  ARG n 
1 80  THR n 
1 81  LEU n 
1 82  THR n 
1 83  ILE n 
1 84  VAL n 
1 85  ASP n 
1 86  THR n 
1 87  GLY n 
1 88  ILE n 
1 89  GLY n 
1 90  MET n 
1 91  THR n 
1 92  LYS n 
1 93  ALA n 
1 94  ASP n 
1 95  LEU n 
1 96  ILE n 
1 97  ASN n 
1 98  ASN n 
1 99  LEU n 
1 100 GLY n 
1 101 THR n 
1 102 ILE n 
1 103 ALA n 
1 104 LYS n 
1 105 SER n 
1 106 GLY n 
1 107 THR n 
1 108 LYS n 
1 109 ALA n 
1 110 PHE n 
1 111 MET n 
1 112 GLU n 
1 113 ALA n 
1 114 LEU n 
1 115 GLN n 
1 116 ALA n 
1 117 GLY n 
1 118 ALA n 
1 119 ASP n 
1 120 ILE n 
1 121 SER n 
1 122 MET n 
1 123 ILE n 
1 124 GLY n 
1 125 GLN n 
1 126 PHE n 
1 127 GLY n 
1 128 VAL n 
1 129 GLY n 
1 130 PHE n 
1 131 TYR n 
1 132 SER n 
1 133 ALA n 
1 134 TYR n 
1 135 LEU n 
1 136 VAL n 
1 137 ALA n 
1 138 GLU n 
1 139 LYS n 
1 140 VAL n 
1 141 THR n 
1 142 VAL n 
1 143 ILE n 
1 144 THR n 
1 145 LYS n 
1 146 HIS n 
1 147 ASN n 
1 148 ASP n 
1 149 ASP n 
1 150 GLU n 
1 151 GLN n 
1 152 TYR n 
1 153 ALA n 
1 154 TRP n 
1 155 GLU n 
1 156 SER n 
1 157 SER n 
1 158 ALA n 
1 159 GLY n 
1 160 GLY n 
1 161 SER n 
1 162 PHE n 
1 163 THR n 
1 164 VAL n 
1 165 ARG n 
1 166 THR n 
1 167 ASP n 
1 168 THR n 
1 169 GLY n 
1 170 GLU n 
1 171 PRO n 
1 172 MET n 
1 173 GLY n 
1 174 ARG n 
1 175 GLY n 
1 176 THR n 
1 177 LYS n 
1 178 VAL n 
1 179 ILE n 
1 180 LEU n 
1 181 HIS n 
1 182 LEU n 
1 183 LYS n 
1 184 GLU n 
1 185 ASP n 
1 186 GLN n 
1 187 THR n 
1 188 GLU n 
1 189 TYR n 
1 190 LEU n 
1 191 GLU n 
1 192 GLU n 
1 193 ARG n 
1 194 ARG n 
1 195 ILE n 
1 196 LYS n 
1 197 GLU n 
1 198 ILE n 
1 199 VAL n 
1 200 LYS n 
1 201 LYS n 
1 202 HIS n 
1 203 SER n 
1 204 GLN n 
1 205 PHE n 
1 206 ILE n 
1 207 GLY n 
1 208 TYR n 
1 209 PRO n 
1 210 ILE n 
1 211 THR n 
1 212 LEU n 
1 213 PHE n 
1 214 VAL n 
1 215 GLU n 
1 216 LYS n 
1 217 GLU n 
1 218 ARG n 
1 219 ASP n 
1 220 LYS n 
1 221 GLU n 
1 222 VAL n 
1 223 SER n 
1 224 ASP n 
1 225 ASP n 
1 226 GLU n 
1 227 ALA n 
1 228 GLU n 
# 
_entity_src_gen.entity_id                          1 
_entity_src_gen.pdbx_src_id                        1 
_entity_src_gen.pdbx_alt_source_flag               sample 
_entity_src_gen.pdbx_seq_type                      ? 
_entity_src_gen.pdbx_beg_seq_num                   ? 
_entity_src_gen.pdbx_end_seq_num                   ? 
_entity_src_gen.gene_src_common_name               human 
_entity_src_gen.gene_src_genus                     ? 
_entity_src_gen.pdbx_gene_src_gene                 HSP90AA1 
_entity_src_gen.gene_src_species                   ? 
_entity_src_gen.gene_src_strain                    ? 
_entity_src_gen.gene_src_tissue                    ? 
_entity_src_gen.gene_src_tissue_fraction           ? 
_entity_src_gen.gene_src_details                   ? 
_entity_src_gen.pdbx_gene_src_fragment             ? 
_entity_src_gen.pdbx_gene_src_scientific_name      'Homo sapiens' 
_entity_src_gen.pdbx_gene_src_ncbi_taxonomy_id     9606 
_entity_src_gen.pdbx_gene_src_variant              ? 
_entity_src_gen.pdbx_gene_src_cell_line            ? 
_entity_src_gen.pdbx_gene_src_atcc                 ? 
_entity_src_gen.pdbx_gene_src_organ                ? 
_entity_src_gen.pdbx_gene_src_organelle            ? 
_entity_src_gen.pdbx_gene_src_cell                 ? 
_entity_src_gen.pdbx_gene_src_cellular_location    ? 
_entity_src_gen.host_org_common_name               ? 
_entity_src_gen.pdbx_host_org_scientific_name      'Escherichia coli' 
_entity_src_gen.pdbx_host_org_ncbi_taxonomy_id     562 
_entity_src_gen.host_org_genus                     ? 
_entity_src_gen.pdbx_host_org_gene                 ? 
_entity_src_gen.pdbx_host_org_organ                ? 
_entity_src_gen.host_org_species                   ? 
_entity_src_gen.pdbx_host_org_tissue               ? 
_entity_src_gen.pdbx_host_org_tissue_fraction      ? 
_entity_src_gen.pdbx_host_org_strain               BL21 
_entity_src_gen.pdbx_host_org_variant              ? 
_entity_src_gen.pdbx_host_org_cell_line            ? 
_entity_src_gen.pdbx_host_org_atcc                 ? 
_entity_src_gen.pdbx_host_org_culture_collection   ? 
_entity_src_gen.pdbx_host_org_cell                 ? 
_entity_src_gen.pdbx_host_org_organelle            ? 
_entity_src_gen.pdbx_host_org_cellular_location    ? 
_entity_src_gen.pdbx_host_org_vector_type          PLASMID 
_entity_src_gen.pdbx_host_org_vector               ? 
_entity_src_gen.host_org_details                   ? 
_entity_src_gen.expression_system_id               ? 
_entity_src_gen.plasmid_name                       PET28A 
_entity_src_gen.plasmid_details                    ? 
_entity_src_gen.pdbx_description                   ? 
# 
_struct_ref.id                         1 
_struct_ref.db_name                    UNP 
_struct_ref.db_code                    HS90A_HUMAN 
_struct_ref.pdbx_db_accession          P07900 
_struct_ref.entity_id                  1 
_struct_ref.pdbx_seq_one_letter_code   
;DQPMEEEEVETFAFQAEIAQLMSLIINTFYSNKEIFLRELISNSSDALDKIRYESLTDPSKLDSGKELHINLIPNKQDRT
LTIVDTGIGMTKADLINNLGTIAKSGTKAFMEALQAGADISMIGQFGVGFYSAYLVAEKVTVITKHNDDEQYAWESSAGG
SFTVRTDTGEPMGRGTKVILHLKEDQTEYLEERRIKEIVKKHSQFIGYPITLFVEKERDKEVSDDEAE
;
_struct_ref.pdbx_align_begin           9 
_struct_ref.pdbx_db_isoform            ? 
# 
_struct_ref_seq.align_id                      1 
_struct_ref_seq.ref_id                        1 
_struct_ref_seq.pdbx_PDB_id_code              4HY6 
_struct_ref_seq.pdbx_strand_id                A 
_struct_ref_seq.seq_align_beg                 1 
_struct_ref_seq.pdbx_seq_align_beg_ins_code   ? 
_struct_ref_seq.seq_align_end                 228 
_struct_ref_seq.pdbx_seq_align_end_ins_code   ? 
_struct_ref_seq.pdbx_db_accession             P07900 
_struct_ref_seq.db_align_beg                  9 
_struct_ref_seq.pdbx_db_align_beg_ins_code    ? 
_struct_ref_seq.db_align_end                  236 
_struct_ref_seq.pdbx_db_align_end_ins_code    ? 
_struct_ref_seq.pdbx_auth_seq_align_beg       9 
_struct_ref_seq.pdbx_auth_seq_align_end       236 
# 
loop_
_chem_comp.id 
_chem_comp.type 
_chem_comp.mon_nstd_flag 
_chem_comp.name 
_chem_comp.pdbx_synonyms 
_chem_comp.formula 
_chem_comp.formula_weight 
ALA 'L-peptide linking' y ALANINE                                                                ? 'C3 H7 N O2'      89.093  
ARG 'L-peptide linking' y ARGININE                                                               ? 'C6 H15 N4 O2 1'  175.209 
ASN 'L-peptide linking' y ASPARAGINE                                                             ? 'C4 H8 N2 O3'     132.118 
ASP 'L-peptide linking' y 'ASPARTIC ACID'                                                        ? 'C4 H7 N O4'      133.103 
FJ1 non-polymer         . '6,6-dimethyl-3-(trifluoromethyl)-1,5,6,7-tetrahydro-4H-indazol-4-one' ? 'C10 H11 F3 N2 O' 232.202 
GLN 'L-peptide linking' y GLUTAMINE                                                              ? 'C5 H10 N2 O3'    146.144 
GLU 'L-peptide linking' y 'GLUTAMIC ACID'                                                        ? 'C5 H9 N O4'      147.129 
GLY 'peptide linking'   y GLYCINE                                                                ? 'C2 H5 N O2'      75.067  
HIS 'L-peptide linking' y HISTIDINE                                                              ? 'C6 H10 N3 O2 1'  156.162 
HOH non-polymer         . WATER                                                                  ? 'H2 O'            18.015  
ILE 'L-peptide linking' y ISOLEUCINE                                                             ? 'C6 H13 N O2'     131.173 
LEU 'L-peptide linking' y LEUCINE                                                                ? 'C6 H13 N O2'     131.173 
LYS 'L-peptide linking' y LYSINE                                                                 ? 'C6 H15 N2 O2 1'  147.195 
MET 'L-peptide linking' y METHIONINE                                                             ? 'C5 H11 N O2 S'   149.211 
PHE 'L-peptide linking' y PHENYLALANINE                                                          ? 'C9 H11 N O2'     165.189 
PRO 'L-peptide linking' y PROLINE                                                                ? 'C5 H9 N O2'      115.130 
SER 'L-peptide linking' y SERINE                                                                 ? 'C3 H7 N O3'      105.093 
THR 'L-peptide linking' y THREONINE                                                              ? 'C4 H9 N O3'      119.119 
TRP 'L-peptide linking' y TRYPTOPHAN                                                             ? 'C11 H12 N2 O2'   204.225 
TYR 'L-peptide linking' y TYROSINE                                                               ? 'C9 H11 N O3'     181.189 
VAL 'L-peptide linking' y VALINE                                                                 ? 'C5 H11 N O2'     117.146 
# 
_exptl.entry_id          4HY6 
_exptl.method            'X-RAY DIFFRACTION' 
_exptl.crystals_number   1 
# 
_exptl_crystal.id                    1 
_exptl_crystal.density_meas          ? 
_exptl_crystal.density_Matthews      2.95 
_exptl_crystal.density_percent_sol   58.30 
_exptl_crystal.description           ? 
_exptl_crystal.F_000                 ? 
_exptl_crystal.preparation           ? 
# 
_diffrn.id                     1 
_diffrn.ambient_temp           100 
_diffrn.ambient_temp_details   ? 
_diffrn.crystal_id             1 
# 
_diffrn_detector.diffrn_id              1 
_diffrn_detector.detector               CCD 
_diffrn_detector.type                   'ADSC QUANTUM 315r' 
_diffrn_detector.pdbx_collection_date   2012-02-12 
_diffrn_detector.details                ? 
# 
_diffrn_radiation.diffrn_id                        1 
_diffrn_radiation.wavelength_id                    1 
_diffrn_radiation.pdbx_monochromatic_or_laue_m_l   M 
_diffrn_radiation.monochromator                    'Si 111' 
_diffrn_radiation.pdbx_diffrn_protocol             'SINGLE WAVELENGTH' 
_diffrn_radiation.pdbx_scattering_type             x-ray 
# 
_diffrn_radiation_wavelength.id           1 
_diffrn_radiation_wavelength.wavelength   0.9791 
_diffrn_radiation_wavelength.wt           1.0 
# 
_diffrn_source.diffrn_id                   1 
_diffrn_source.source                      SYNCHROTRON 
_diffrn_source.type                        'SSRF BEAMLINE BL17U' 
_diffrn_source.pdbx_synchrotron_site       SSRF 
_diffrn_source.pdbx_synchrotron_beamline   BL17U 
_diffrn_source.pdbx_wavelength             ? 
_diffrn_source.pdbx_wavelength_list        0.9791 
# 
_reflns.entry_id                     4HY6 
_reflns.observed_criterion_sigma_I   2.0 
_reflns.observed_criterion_sigma_F   2.0 
_reflns.d_resolution_low             33.531 
_reflns.d_resolution_high            1.649 
_reflns.number_obs                   36879 
_reflns.number_all                   ? 
_reflns.percent_possible_obs         99.7 
_reflns.pdbx_Rmerge_I_obs            0.058 
_reflns.pdbx_Rsym_value              ? 
_reflns.pdbx_netI_over_sigmaI        39.085 
_reflns.B_iso_Wilson_estimate        23.79 
_reflns.pdbx_redundancy              7.2 
_reflns.R_free_details               ? 
_reflns.limit_h_max                  ? 
_reflns.limit_h_min                  ? 
_reflns.limit_k_max                  ? 
_reflns.limit_k_min                  ? 
_reflns.limit_l_max                  ? 
_reflns.limit_l_min                  ? 
_reflns.observed_criterion_F_max     ? 
_reflns.observed_criterion_F_min     ? 
_reflns.pdbx_chi_squared             ? 
_reflns.pdbx_scaling_rejects         ? 
_reflns.pdbx_ordinal                 1 
_reflns.pdbx_diffrn_id               1 
# 
_refine.entry_id                                 4HY6 
_refine.ls_number_reflns_obs                     35925 
_refine.ls_number_reflns_all                     ? 
_refine.pdbx_ls_sigma_I                          ? 
_refine.pdbx_ls_sigma_F                          0.00 
_refine.pdbx_data_cutoff_high_absF               ? 
_refine.pdbx_data_cutoff_low_absF                ? 
_refine.pdbx_data_cutoff_high_rms_absF           ? 
_refine.ls_d_res_low                             33.531 
_refine.ls_d_res_high                            1.649 
_refine.ls_percent_reflns_obs                    97.18 
_refine.ls_R_factor_obs                          0.2005 
_refine.ls_R_factor_all                          ? 
_refine.ls_R_factor_R_work                       0.1996 
_refine.ls_R_factor_R_free                       0.2163 
_refine.ls_R_factor_R_free_error                 ? 
_refine.ls_R_factor_R_free_error_details         ? 
_refine.ls_percent_reflns_R_free                 5.39 
_refine.ls_number_reflns_R_free                  1937 
_refine.ls_number_parameters                     ? 
_refine.ls_number_restraints                     ? 
_refine.correlation_coeff_Fo_to_Fc               ? 
_refine.correlation_coeff_Fo_to_Fc_free          ? 
_refine.B_iso_mean                               23.7772 
_refine.aniso_B[1][1]                            -1.6703 
_refine.aniso_B[2][2]                            2.2562 
_refine.aniso_B[3][3]                            -0.5859 
_refine.aniso_B[1][2]                            0.0000 
_refine.aniso_B[1][3]                            -0.0000 
_refine.aniso_B[2][3]                            0.0000 
_refine.solvent_model_details                    'FLAT BULK SOLVENT MODEL' 
_refine.solvent_model_param_ksol                 0.392 
_refine.solvent_model_param_bsol                 44.153 
_refine.pdbx_solvent_vdw_probe_radii             1.30 
_refine.pdbx_solvent_ion_probe_radii             ? 
_refine.pdbx_solvent_shrinkage_radii             1.06 
_refine.pdbx_ls_cross_valid_method               ? 
_refine.details                                  ? 
_refine.pdbx_starting_model                      3T10 
_refine.pdbx_method_to_determine_struct          'MOLECULAR REPLACEMENT' 
_refine.pdbx_isotropic_thermal_model             ? 
_refine.pdbx_stereochemistry_target_values       MLHL 
_refine.pdbx_stereochem_target_val_spec_case     ? 
_refine.pdbx_R_Free_selection_details            RANDOM 
_refine.pdbx_overall_ESU_R                       ? 
_refine.pdbx_overall_ESU_R_Free                  ? 
_refine.overall_SU_ML                            0.19 
_refine.overall_FOM_work_R_set                   0.8673 
_refine.B_iso_max                                59.650 
_refine.B_iso_min                                12.390 
_refine.pdbx_overall_phase_error                 20.2000 
_refine.occupancy_max                            1.000 
_refine.occupancy_min                            1.000 
_refine.pdbx_diffrn_id                           1 
_refine.pdbx_refine_id                           'X-RAY DIFFRACTION' 
_refine.ls_redundancy_reflns_obs                 ? 
_refine.overall_SU_B                             ? 
_refine.overall_SU_R_Cruickshank_DPI             ? 
_refine.overall_SU_R_free                        ? 
_refine.ls_wR_factor_R_free                      ? 
_refine.ls_wR_factor_R_work                      ? 
_refine.overall_FOM_free_R_set                   ? 
_refine.pdbx_TLS_residual_ADP_flag               ? 
_refine.pdbx_overall_SU_R_free_Cruickshank_DPI   ? 
_refine.pdbx_overall_SU_R_Blow_DPI               ? 
_refine.pdbx_overall_SU_R_free_Blow_DPI          ? 
# 
_refine_hist.pdbx_refine_id                   'X-RAY DIFFRACTION' 
_refine_hist.cycle_id                         LAST 
_refine_hist.pdbx_number_atoms_protein        1635 
_refine_hist.pdbx_number_atoms_nucleic_acid   0 
_refine_hist.pdbx_number_atoms_ligand         16 
_refine_hist.number_atoms_solvent             102 
_refine_hist.number_atoms_total               1753 
_refine_hist.d_res_high                       1.649 
_refine_hist.d_res_low                        33.531 
# 
loop_
_refine_ls_restr.pdbx_refine_id 
_refine_ls_restr.type 
_refine_ls_restr.number 
_refine_ls_restr.dev_ideal 
_refine_ls_restr.dev_ideal_target 
_refine_ls_restr.weight 
_refine_ls_restr.pdbx_restraint_function 
'X-RAY DIFFRACTION' f_bond_d           1678 0.006  ? ? ? 
'X-RAY DIFFRACTION' f_angle_d          2267 1.034  ? ? ? 
'X-RAY DIFFRACTION' f_chiral_restr     258  0.072  ? ? ? 
'X-RAY DIFFRACTION' f_plane_restr      287  0.004  ? ? ? 
'X-RAY DIFFRACTION' f_dihedral_angle_d 630  12.873 ? ? ? 
# 
loop_
_refine_ls_shell.d_res_high 
_refine_ls_shell.d_res_low 
_refine_ls_shell.pdbx_total_number_of_bins_used 
_refine_ls_shell.percent_reflns_obs 
_refine_ls_shell.number_reflns_R_work 
_refine_ls_shell.R_factor_all 
_refine_ls_shell.R_factor_R_work 
_refine_ls_shell.R_factor_R_free 
_refine_ls_shell.percent_reflns_R_free 
_refine_ls_shell.number_reflns_R_free 
_refine_ls_shell.R_factor_R_free_error 
_refine_ls_shell.number_reflns_all 
_refine_ls_shell.number_reflns_obs 
_refine_ls_shell.pdbx_refine_id 
_refine_ls_shell.redundancy_reflns_obs 
1.6488 1.7077  10 90.0000  3124 . 0.2054 0.2237 . 169 . 3293 . 'X-RAY DIFFRACTION' . 
1.7077 1.7761  10 94.0000  3252 . 0.2009 0.2043 . 182 . 3434 . 'X-RAY DIFFRACTION' . 
1.7761 1.8569  10 96.0000  3316 . 0.1934 0.2516 . 184 . 3500 . 'X-RAY DIFFRACTION' . 
1.8569 1.9548  10 97.0000  3386 . 0.1932 0.2326 . 192 . 3578 . 'X-RAY DIFFRACTION' . 
1.9548 2.0773  10 99.0000  3414 . 0.2020 0.2288 . 205 . 3619 . 'X-RAY DIFFRACTION' . 
2.0773 2.2376  10 99.0000  3458 . 0.1960 0.2465 . 187 . 3645 . 'X-RAY DIFFRACTION' . 
2.2376 2.4628  10 99.0000  3459 . 0.2059 0.2068 . 203 . 3662 . 'X-RAY DIFFRACTION' . 
2.4628 2.8190  10 100.0000 3488 . 0.2246 0.2266 . 201 . 3689 . 'X-RAY DIFFRACTION' . 
2.8190 3.5510  10 100.0000 3529 . 0.2189 0.2263 . 212 . 3741 . 'X-RAY DIFFRACTION' . 
3.5510 33.5374 10 97.0000  3562 . 0.1756 0.1910 . 202 . 3764 . 'X-RAY DIFFRACTION' . 
# 
_struct.entry_id                  4HY6 
_struct.title                     'Crystal Structure of the human Hsp90-alpha N-domain bound to the hsp90 inhibitor FJ1' 
_struct.pdbx_model_details        ? 
_struct.pdbx_CASP_flag            ? 
_struct.pdbx_model_type_details   ? 
# 
_struct_keywords.entry_id        4HY6 
_struct_keywords.pdbx_keywords   'Chaperone/Chaperone Inhibitor' 
_struct_keywords.text            
;ATP Binding, molecularchaperone, inhibitor, Rossmann Fold, molecular chaperone, ATP hydrolysis, Chaperone-Chaperone Inhibitor complex
;
# 
loop_
_struct_asym.id 
_struct_asym.pdbx_blank_PDB_chainid_flag 
_struct_asym.pdbx_modified 
_struct_asym.entity_id 
_struct_asym.details 
A N N 1 ? 
B N N 2 ? 
C N N 3 ? 
# 
_struct_biol.id        1 
_struct_biol.details   ? 
# 
loop_
_struct_conf.conf_type_id 
_struct_conf.id 
_struct_conf.pdbx_PDB_helix_id 
_struct_conf.beg_label_comp_id 
_struct_conf.beg_label_asym_id 
_struct_conf.beg_label_seq_id 
_struct_conf.pdbx_beg_PDB_ins_code 
_struct_conf.end_label_comp_id 
_struct_conf.end_label_asym_id 
_struct_conf.end_label_seq_id 
_struct_conf.pdbx_end_PDB_ins_code 
_struct_conf.beg_auth_comp_id 
_struct_conf.beg_auth_asym_id 
_struct_conf.beg_auth_seq_id 
_struct_conf.end_auth_comp_id 
_struct_conf.end_auth_asym_id 
_struct_conf.end_auth_seq_id 
_struct_conf.pdbx_PDB_helix_class 
_struct_conf.details 
_struct_conf.pdbx_PDB_helix_length 
HELX_P HELX_P1 1 GLN A 15  ? THR A 28  ? GLN A 23  THR A 36  1 ? 14 
HELX_P HELX_P2 2 GLU A 34  ? ASP A 58  ? GLU A 42  ASP A 66  1 ? 25 
HELX_P HELX_P3 3 PRO A 59  ? ASP A 63  ? PRO A 67  ASP A 71  5 ? 5  
HELX_P HELX_P4 4 THR A 91  ? ASN A 97  ? THR A 99  ASN A 105 1 ? 7  
HELX_P HELX_P5 5 ASN A 97  ? ALA A 116 ? ASN A 105 ALA A 124 1 ? 20 
HELX_P HELX_P6 6 ASP A 119 ? GLY A 127 ? ASP A 127 GLY A 135 5 ? 9  
HELX_P HELX_P7 7 VAL A 128 ? LEU A 135 ? VAL A 136 LEU A 143 5 ? 8  
HELX_P HELX_P8 8 GLU A 184 ? LEU A 190 ? GLU A 192 LEU A 198 5 ? 7  
HELX_P HELX_P9 9 GLU A 191 ? SER A 203 ? GLU A 199 SER A 211 1 ? 13 
# 
_struct_conf_type.id          HELX_P 
_struct_conf_type.criteria    ? 
_struct_conf_type.reference   ? 
# 
_struct_sheet.id               A 
_struct_sheet.type             ? 
_struct_sheet.number_strands   8 
_struct_sheet.details          ? 
# 
loop_
_struct_sheet_order.sheet_id 
_struct_sheet_order.range_id_1 
_struct_sheet_order.range_id_2 
_struct_sheet_order.offset 
_struct_sheet_order.sense 
A 1 2 ? anti-parallel 
A 2 3 ? anti-parallel 
A 3 4 ? anti-parallel 
A 4 5 ? anti-parallel 
A 5 6 ? anti-parallel 
A 6 7 ? anti-parallel 
A 7 8 ? parallel      
# 
loop_
_struct_sheet_range.sheet_id 
_struct_sheet_range.id 
_struct_sheet_range.beg_label_comp_id 
_struct_sheet_range.beg_label_asym_id 
_struct_sheet_range.beg_label_seq_id 
_struct_sheet_range.pdbx_beg_PDB_ins_code 
_struct_sheet_range.end_label_comp_id 
_struct_sheet_range.end_label_asym_id 
_struct_sheet_range.end_label_seq_id 
_struct_sheet_range.pdbx_end_PDB_ins_code 
_struct_sheet_range.beg_auth_comp_id 
_struct_sheet_range.beg_auth_asym_id 
_struct_sheet_range.beg_auth_seq_id 
_struct_sheet_range.end_auth_comp_id 
_struct_sheet_range.end_auth_asym_id 
_struct_sheet_range.end_auth_seq_id 
A 1 GLU A 10  ? ALA A 13  ? GLU A 18  ALA A 21  
A 2 SER A 161 ? THR A 166 ? SER A 169 THR A 174 
A 3 GLN A 151 ? SER A 156 ? GLN A 159 SER A 164 
A 4 ALA A 137 ? LYS A 145 ? ALA A 145 LYS A 153 
A 5 GLY A 175 ? LEU A 182 ? GLY A 183 LEU A 190 
A 6 THR A 80  ? ASP A 85  ? THR A 88  ASP A 93  
A 7 ILE A 70  ? ASN A 75  ? ILE A 78  ASN A 83  
A 8 ILE A 210 ? LEU A 212 ? ILE A 218 LEU A 220 
# 
loop_
_pdbx_struct_sheet_hbond.sheet_id 
_pdbx_struct_sheet_hbond.range_id_1 
_pdbx_struct_sheet_hbond.range_id_2 
_pdbx_struct_sheet_hbond.range_1_label_atom_id 
_pdbx_struct_sheet_hbond.range_1_label_comp_id 
_pdbx_struct_sheet_hbond.range_1_label_asym_id 
_pdbx_struct_sheet_hbond.range_1_label_seq_id 
_pdbx_struct_sheet_hbond.range_1_PDB_ins_code 
_pdbx_struct_sheet_hbond.range_1_auth_atom_id 
_pdbx_struct_sheet_hbond.range_1_auth_comp_id 
_pdbx_struct_sheet_hbond.range_1_auth_asym_id 
_pdbx_struct_sheet_hbond.range_1_auth_seq_id 
_pdbx_struct_sheet_hbond.range_2_label_atom_id 
_pdbx_struct_sheet_hbond.range_2_label_comp_id 
_pdbx_struct_sheet_hbond.range_2_label_asym_id 
_pdbx_struct_sheet_hbond.range_2_label_seq_id 
_pdbx_struct_sheet_hbond.range_2_PDB_ins_code 
_pdbx_struct_sheet_hbond.range_2_auth_atom_id 
_pdbx_struct_sheet_hbond.range_2_auth_comp_id 
_pdbx_struct_sheet_hbond.range_2_auth_asym_id 
_pdbx_struct_sheet_hbond.range_2_auth_seq_id 
A 1 2 N PHE A 12  ? N PHE A 20  O PHE A 162 ? O PHE A 170 
A 2 3 O ARG A 165 ? O ARG A 173 N ALA A 153 ? N ALA A 161 
A 3 4 O TRP A 154 ? O TRP A 162 N VAL A 142 ? N VAL A 150 
A 4 5 N THR A 141 ? N THR A 149 O ILE A 179 ? O ILE A 187 
A 5 6 O LEU A 180 ? O LEU A 188 N LEU A 81  ? N LEU A 89  
A 6 7 O VAL A 84  ? O VAL A 92  N ASN A 71  ? N ASN A 79  
A 7 8 N LEU A 72  ? N LEU A 80  O THR A 211 ? O THR A 219 
# 
_struct_site.id                   AC1 
_struct_site.pdbx_evidence_code   Software 
_struct_site.pdbx_auth_asym_id    A 
_struct_site.pdbx_auth_comp_id    FJ1 
_struct_site.pdbx_auth_seq_id     501 
_struct_site.pdbx_auth_ins_code   ? 
_struct_site.pdbx_num_residues    7 
_struct_site.details              'BINDING SITE FOR RESIDUE FJ1 A 501' 
# 
loop_
_struct_site_gen.id 
_struct_site_gen.site_id 
_struct_site_gen.pdbx_num_res 
_struct_site_gen.label_comp_id 
_struct_site_gen.label_asym_id 
_struct_site_gen.label_seq_id 
_struct_site_gen.pdbx_auth_ins_code 
_struct_site_gen.auth_comp_id 
_struct_site_gen.auth_asym_id 
_struct_site_gen.auth_seq_id 
_struct_site_gen.label_atom_id 
_struct_site_gen.label_alt_id 
_struct_site_gen.symmetry 
_struct_site_gen.details 
1 AC1 7 LEU A 99  ? LEU A 107 . ? 1_555 ? 
2 AC1 7 ALA A 103 ? ALA A 111 . ? 1_555 ? 
3 AC1 7 GLY A 127 ? GLY A 135 . ? 1_555 ? 
4 AC1 7 PHE A 130 ? PHE A 138 . ? 1_555 ? 
5 AC1 7 TYR A 131 ? TYR A 139 . ? 1_555 ? 
6 AC1 7 TRP A 154 ? TRP A 162 . ? 1_555 ? 
7 AC1 7 HOH C .   ? HOH A 640 . ? 1_555 ? 
# 
_atom_sites.entry_id                    4HY6 
_atom_sites.fract_transf_matrix[1][1]   -0.01406313 
_atom_sites.fract_transf_matrix[1][2]   -0.00451986 
_atom_sites.fract_transf_matrix[1][3]   -0.00204130 
_atom_sites.fract_transf_matrix[2][1]   0.00083357 
_atom_sites.fract_transf_matrix[2][2]   0.00224798 
_atom_sites.fract_transf_matrix[2][3]   -0.01072017 
_atom_sites.fract_transf_matrix[3][1]   0.00326496 
_atom_sites.fract_transf_matrix[3][2]   -0.00938451 
_atom_sites.fract_transf_matrix[3][3]   -0.00171402 
_atom_sites.fract_transf_vector[1]      -0.009164 
_atom_sites.fract_transf_vector[2]      -0.160843 
_atom_sites.fract_transf_vector[3]      -0.291145 
# 
loop_
_atom_type.symbol 
C 
F 
N 
O 
S 
# 
loop_
_atom_site.group_PDB 
_atom_site.id 
_atom_site.type_symbol 
_atom_site.label_atom_id 
_atom_site.label_alt_id 
_atom_site.label_comp_id 
_atom_site.label_asym_id 
_atom_site.label_entity_id 
_atom_site.label_seq_id 
_atom_site.pdbx_PDB_ins_code 
_atom_site.Cartn_x 
_atom_site.Cartn_y 
_atom_site.Cartn_z 
_atom_site.occupancy 
_atom_site.B_iso_or_equiv 
_atom_site.pdbx_formal_charge 
_atom_site.auth_seq_id 
_atom_site.auth_comp_id 
_atom_site.auth_asym_id 
_atom_site.auth_atom_id 
_atom_site.pdbx_PDB_model_num 
ATOM   1    N N   . VAL A 1 9   ? 11.150  -15.010 11.478  1.00 30.66 ? 17  VAL A N   1 
ATOM   2    C CA  . VAL A 1 9   ? 11.055  -13.595 11.118  1.00 24.10 ? 17  VAL A CA  1 
ATOM   3    C C   . VAL A 1 9   ? 12.421  -13.056 10.723  1.00 23.98 ? 17  VAL A C   1 
ATOM   4    O O   . VAL A 1 9   ? 13.357  -13.088 11.523  1.00 27.08 ? 17  VAL A O   1 
ATOM   5    C CB  . VAL A 1 9   ? 10.537  -12.757 12.284  1.00 27.02 ? 17  VAL A CB  1 
ATOM   6    C CG1 . VAL A 1 9   ? 10.526  -11.266 11.910  1.00 25.70 ? 17  VAL A CG1 1 
ATOM   7    C CG2 . VAL A 1 9   ? 9.154   -13.230 12.704  1.00 33.25 ? 17  VAL A CG2 1 
ATOM   8    N N   . GLU A 1 10  ? 12.539  -12.577 9.490   1.00 18.72 ? 18  GLU A N   1 
ATOM   9    C CA  . GLU A 1 10  ? 13.781  -11.983 9.009   1.00 19.38 ? 18  GLU A CA  1 
ATOM   10   C C   . GLU A 1 10  ? 13.701  -10.456 9.080   1.00 18.24 ? 18  GLU A C   1 
ATOM   11   O O   . GLU A 1 10  ? 12.692  -9.876  8.701   1.00 18.65 ? 18  GLU A O   1 
ATOM   12   C CB  . GLU A 1 10  ? 14.053  -12.422 7.576   1.00 20.37 ? 18  GLU A CB  1 
ATOM   13   C CG  . GLU A 1 10  ? 14.383  -13.910 7.436   1.00 22.09 ? 18  GLU A CG  1 
ATOM   14   C CD  . GLU A 1 10  ? 14.623  -14.321 6.000   1.00 26.81 ? 18  GLU A CD  1 
ATOM   15   O OE1 . GLU A 1 10  ? 13.685  -14.230 5.189   1.00 29.65 ? 18  GLU A OE1 1 
ATOM   16   O OE2 . GLU A 1 10  ? 15.753  -14.745 5.679   1.00 32.74 ? 18  GLU A OE2 1 
ATOM   17   N N   . THR A 1 11  ? 14.771  -9.825  9.562   1.00 17.32 ? 19  THR A N   1 
ATOM   18   C CA  . THR A 1 11  ? 14.826  -8.361  9.659   1.00 16.86 ? 19  THR A CA  1 
ATOM   19   C C   . THR A 1 11  ? 15.827  -7.823  8.642   1.00 17.99 ? 19  THR A C   1 
ATOM   20   O O   . THR A 1 11  ? 16.947  -8.341  8.519   1.00 17.15 ? 19  THR A O   1 
ATOM   21   C CB  . THR A 1 11  ? 15.196  -7.891  11.088  1.00 16.17 ? 19  THR A CB  1 
ATOM   22   O OG1 . THR A 1 11  ? 14.261  -8.434  12.032  1.00 18.37 ? 19  THR A OG1 1 
ATOM   23   C CG2 . THR A 1 11  ? 15.191  -6.358  11.184  1.00 17.44 ? 19  THR A CG2 1 
ATOM   24   N N   . PHE A 1 12  ? 15.414  -6.786  7.914   1.00 15.87 ? 20  PHE A N   1 
ATOM   25   C CA  . PHE A 1 12  ? 16.219  -6.186  6.856   1.00 17.31 ? 20  PHE A CA  1 
ATOM   26   C C   . PHE A 1 12  ? 16.370  -4.683  7.062   1.00 17.13 ? 20  PHE A C   1 
ATOM   27   O O   . PHE A 1 12  ? 15.470  -4.032  7.595   1.00 16.53 ? 20  PHE A O   1 
ATOM   28   C CB  . PHE A 1 12  ? 15.542  -6.400  5.503   1.00 16.81 ? 20  PHE A CB  1 
ATOM   29   C CG  . PHE A 1 12  ? 15.285  -7.833  5.166   1.00 17.56 ? 20  PHE A CG  1 
ATOM   30   C CD1 . PHE A 1 12  ? 14.135  -8.460  5.615   1.00 18.90 ? 20  PHE A CD1 1 
ATOM   31   C CD2 . PHE A 1 12  ? 16.180  -8.547  4.391   1.00 20.46 ? 20  PHE A CD2 1 
ATOM   32   C CE1 . PHE A 1 12  ? 13.881  -9.790  5.302   1.00 19.05 ? 20  PHE A CE1 1 
ATOM   33   C CE2 . PHE A 1 12  ? 15.933  -9.882  4.071   1.00 18.83 ? 20  PHE A CE2 1 
ATOM   34   C CZ  . PHE A 1 12  ? 14.779  -10.497 4.531   1.00 18.24 ? 20  PHE A CZ  1 
ATOM   35   N N   . ALA A 1 13  ? 17.497  -4.129  6.625   1.00 16.70 ? 21  ALA A N   1 
ATOM   36   C CA  . ALA A 1 13  ? 17.665  -2.674  6.620   1.00 16.54 ? 21  ALA A CA  1 
ATOM   37   C C   . ALA A 1 13  ? 17.111  -2.108  5.324   1.00 17.97 ? 21  ALA A C   1 
ATOM   38   O O   . ALA A 1 13  ? 17.345  -2.660  4.254   1.00 20.33 ? 21  ALA A O   1 
ATOM   39   C CB  . ALA A 1 13  ? 19.144  -2.318  6.745   1.00 18.42 ? 21  ALA A CB  1 
ATOM   40   N N   . PHE A 1 14  ? 16.368  -1.008  5.407   1.00 17.64 ? 22  PHE A N   1 
ATOM   41   C CA  . PHE A 1 14  ? 15.992  -0.296  4.192   1.00 18.83 ? 22  PHE A CA  1 
ATOM   42   C C   . PHE A 1 14  ? 17.245  0.244   3.518   1.00 20.43 ? 22  PHE A C   1 
ATOM   43   O O   . PHE A 1 14  ? 18.222  0.563   4.188   1.00 23.27 ? 22  PHE A O   1 
ATOM   44   C CB  . PHE A 1 14  ? 15.104  0.906   4.522   1.00 19.02 ? 22  PHE A CB  1 
ATOM   45   C CG  . PHE A 1 14  ? 13.677  0.556   4.836   1.00 18.17 ? 22  PHE A CG  1 
ATOM   46   C CD1 . PHE A 1 14  ? 12.817  0.143   3.834   1.00 18.81 ? 22  PHE A CD1 1 
ATOM   47   C CD2 . PHE A 1 14  ? 13.185  0.702   6.126   1.00 17.07 ? 22  PHE A CD2 1 
ATOM   48   C CE1 . PHE A 1 14  ? 11.495  -0.155  4.114   1.00 18.68 ? 22  PHE A CE1 1 
ATOM   49   C CE2 . PHE A 1 14  ? 11.861  0.392   6.421   1.00 16.86 ? 22  PHE A CE2 1 
ATOM   50   C CZ  . PHE A 1 14  ? 11.012  -0.035  5.405   1.00 16.59 ? 22  PHE A CZ  1 
ATOM   51   N N   . GLN A 1 15  ? 17.209  0.374   2.199   1.00 23.05 ? 23  GLN A N   1 
ATOM   52   C CA  . GLN A 1 15  ? 18.206  1.205   1.533   1.00 28.80 ? 23  GLN A CA  1 
ATOM   53   C C   . GLN A 1 15  ? 18.190  2.590   2.162   1.00 27.16 ? 23  GLN A C   1 
ATOM   54   O O   . GLN A 1 15  ? 17.146  3.067   2.613   1.00 26.80 ? 23  GLN A O   1 
ATOM   55   C CB  . GLN A 1 15  ? 17.874  1.344   0.062   1.00 32.52 ? 23  GLN A CB  1 
ATOM   56   C CG  . GLN A 1 15  ? 18.296  0.183   -0.778  1.00 36.99 ? 23  GLN A CG  1 
ATOM   57   C CD  . GLN A 1 15  ? 17.690  0.266   -2.147  1.00 39.69 ? 23  GLN A CD  1 
ATOM   58   O OE1 . GLN A 1 15  ? 16.478  0.094   -2.309  1.00 39.84 ? 23  GLN A OE1 1 
ATOM   59   N NE2 . GLN A 1 15  ? 18.515  0.560   -3.146  1.00 40.62 ? 23  GLN A NE2 1 
ATOM   60   N N   . ALA A 1 16  ? 19.340  3.248   2.178   1.00 27.94 ? 24  ALA A N   1 
ATOM   61   C CA  . ALA A 1 16  ? 19.454  4.565   2.787   1.00 28.79 ? 24  ALA A CA  1 
ATOM   62   C C   . ALA A 1 16  ? 18.426  5.540   2.212   1.00 25.11 ? 24  ALA A C   1 
ATOM   63   O O   . ALA A 1 16  ? 17.814  6.299   2.954   1.00 24.39 ? 24  ALA A O   1 
ATOM   64   C CB  . ALA A 1 16  ? 20.865  5.107   2.606   1.00 32.73 ? 24  ALA A CB  1 
ATOM   65   N N   . GLU A 1 17  ? 18.243  5.507   0.895   1.00 27.41 ? 25  GLU A N   1 
ATOM   66   C CA  . GLU A 1 17  ? 17.347  6.435   0.208   1.00 28.33 ? 25  GLU A CA  1 
ATOM   67   C C   . GLU A 1 17  ? 15.899  6.294   0.678   1.00 25.30 ? 25  GLU A C   1 
ATOM   68   O O   . GLU A 1 17  ? 15.195  7.294   0.860   1.00 23.62 ? 25  GLU A O   1 
ATOM   69   C CB  . GLU A 1 17  ? 17.429  6.241   -1.310  1.00 32.31 ? 25  GLU A CB  1 
ATOM   70   C CG  . GLU A 1 17  ? 18.782  6.612   -1.930  1.00 38.62 ? 25  GLU A CG  1 
ATOM   71   C CD  . GLU A 1 17  ? 19.910  5.657   -1.551  1.00 41.07 ? 25  GLU A CD  1 
ATOM   72   O OE1 . GLU A 1 17  ? 19.622  4.537   -1.066  1.00 38.20 ? 25  GLU A OE1 1 
ATOM   73   O OE2 . GLU A 1 17  ? 21.092  6.028   -1.744  1.00 42.31 ? 25  GLU A OE2 1 
ATOM   74   N N   . ILE A 1 18  ? 15.459  5.053   0.880   1.00 24.61 ? 26  ILE A N   1 
ATOM   75   C CA  . ILE A 1 18  ? 14.098  4.794   1.335   1.00 20.42 ? 26  ILE A CA  1 
ATOM   76   C C   . ILE A 1 18  ? 13.922  5.186   2.796   1.00 18.78 ? 26  ILE A C   1 
ATOM   77   O O   . ILE A 1 18  ? 12.887  5.728   3.181   1.00 17.90 ? 26  ILE A O   1 
ATOM   78   C CB  . ILE A 1 18  ? 13.705  3.323   1.142   1.00 21.39 ? 26  ILE A CB  1 
ATOM   79   C CG1 . ILE A 1 18  ? 13.741  2.970   -0.346  1.00 25.66 ? 26  ILE A CG1 1 
ATOM   80   C CG2 . ILE A 1 18  ? 12.329  3.064   1.727   1.00 21.61 ? 26  ILE A CG2 1 
ATOM   81   C CD1 . ILE A 1 18  ? 12.750  3.746   -1.178  1.00 30.76 ? 26  ILE A CD1 1 
ATOM   82   N N   . ALA A 1 19  ? 14.938  4.923   3.613   1.00 18.24 ? 27  ALA A N   1 
ATOM   83   C CA  . ALA A 1 19  ? 14.895  5.348   5.000   1.00 19.30 ? 27  ALA A CA  1 
ATOM   84   C C   . ALA A 1 19  ? 14.771  6.873   5.068   1.00 17.43 ? 27  ALA A C   1 
ATOM   85   O O   . ALA A 1 19  ? 14.017  7.401   5.882   1.00 17.83 ? 27  ALA A O   1 
ATOM   86   C CB  . ALA A 1 19  ? 16.137  4.865   5.759   1.00 24.36 ? 27  ALA A CB  1 
ATOM   87   N N   . GLN A 1 20  ? 15.504  7.562   4.196   1.00 20.11 ? 28  GLN A N   1 
ATOM   88   C CA  . GLN A 1 20  ? 15.434  9.020   4.100   1.00 21.25 ? 28  GLN A CA  1 
ATOM   89   C C   . GLN A 1 20  ? 14.025  9.477   3.725   1.00 19.48 ? 28  GLN A C   1 
ATOM   90   O O   . GLN A 1 20  ? 13.477  10.419  4.309   1.00 20.85 ? 28  GLN A O   1 
ATOM   91   C CB  . GLN A 1 20  ? 16.417  9.523   3.038   1.00 22.43 ? 28  GLN A CB  1 
ATOM   92   C CG  . GLN A 1 20  ? 17.876  9.302   3.336   1.00 29.64 ? 28  GLN A CG  1 
ATOM   93   C CD  . GLN A 1 20  ? 18.755  9.686   2.154   1.00 35.03 ? 28  GLN A CD  1 
ATOM   94   O OE1 . GLN A 1 20  ? 18.391  10.556  1.358   1.00 38.93 ? 28  GLN A OE1 1 
ATOM   95   N NE2 . GLN A 1 20  ? 19.910  9.031   2.026   1.00 36.49 ? 28  GLN A NE2 1 
ATOM   96   N N   . LEU A 1 21  ? 13.443  8.806   2.740   1.00 17.88 ? 29  LEU A N   1 
ATOM   97   C CA  . LEU A 1 21  ? 12.089  9.127   2.301   1.00 18.09 ? 29  LEU A CA  1 
ATOM   98   C C   . LEU A 1 21  ? 11.098  8.941   3.440   1.00 19.35 ? 29  LEU A C   1 
ATOM   99   O O   . LEU A 1 21  ? 10.218  9.777   3.663   1.00 18.82 ? 29  LEU A O   1 
ATOM   100  C CB  . LEU A 1 21  ? 11.693  8.238   1.122   1.00 18.38 ? 29  LEU A CB  1 
ATOM   101  C CG  . LEU A 1 21  ? 10.236  8.339   0.669   1.00 21.76 ? 29  LEU A CG  1 
ATOM   102  C CD1 . LEU A 1 21  ? 9.989   9.711   0.066   1.00 23.31 ? 29  LEU A CD1 1 
ATOM   103  C CD2 . LEU A 1 21  ? 9.907   7.232   -0.328  1.00 19.89 ? 29  LEU A CD2 1 
ATOM   104  N N   . MET A 1 22  ? 11.231  7.838   4.171   1.00 17.32 ? 30  MET A N   1 
ATOM   105  C CA  . MET A 1 22  ? 10.289  7.575   5.250   1.00 16.35 ? 30  MET A CA  1 
ATOM   106  C C   . MET A 1 22  ? 10.383  8.645   6.328   1.00 18.05 ? 30  MET A C   1 
ATOM   107  O O   . MET A 1 22  ? 9.364   9.118   6.823   1.00 18.25 ? 30  MET A O   1 
ATOM   108  C CB  . MET A 1 22  ? 10.476  6.165   5.816   1.00 18.33 ? 30  MET A CB  1 
ATOM   109  C CG  . MET A 1 22  ? 10.100  5.110   4.808   1.00 18.03 ? 30  MET A CG  1 
ATOM   110  S SD  . MET A 1 22  ? 10.532  3.444   5.325   1.00 17.62 ? 30  MET A SD  1 
ATOM   111  C CE  . MET A 1 22  ? 9.170   3.063   6.411   1.00 19.68 ? 30  MET A CE  1 
ATOM   112  N N   . SER A 1 23  ? 11.605  9.043   6.677   1.00 19.38 ? 31  SER A N   1 
ATOM   113  C CA  . SER A 1 23  ? 11.787  10.110  7.662   1.00 19.51 ? 31  SER A CA  1 
ATOM   114  C C   . SER A 1 23  ? 11.182  11.421  7.179   1.00 19.80 ? 31  SER A C   1 
ATOM   115  O O   . SER A 1 23  ? 10.579  12.151  7.963   1.00 21.74 ? 31  SER A O   1 
ATOM   116  C CB  . SER A 1 23  ? 13.271  10.299  7.989   1.00 24.45 ? 31  SER A CB  1 
ATOM   117  O OG  . SER A 1 23  ? 13.782  9.143   8.630   1.00 28.06 ? 31  SER A OG  1 
ATOM   118  N N   . LEU A 1 24  ? 11.341  11.723  5.894   1.00 17.29 ? 32  LEU A N   1 
ATOM   119  C CA  . LEU A 1 24  ? 10.758  12.944  5.343   1.00 20.03 ? 32  LEU A CA  1 
ATOM   120  C C   . LEU A 1 24  ? 9.239   12.932  5.477   1.00 20.38 ? 32  LEU A C   1 
ATOM   121  O O   . LEU A 1 24  ? 8.620   13.909  5.900   1.00 21.65 ? 32  LEU A O   1 
ATOM   122  C CB  . LEU A 1 24  ? 11.157  13.109  3.880   1.00 21.71 ? 32  LEU A CB  1 
ATOM   123  C CG  . LEU A 1 24  ? 10.683  14.399  3.211   1.00 24.79 ? 32  LEU A CG  1 
ATOM   124  C CD1 . LEU A 1 24  ? 11.677  14.849  2.156   1.00 29.00 ? 32  LEU A CD1 1 
ATOM   125  C CD2 . LEU A 1 24  ? 9.290   14.214  2.607   1.00 28.09 ? 32  LEU A CD2 1 
ATOM   126  N N   . ILE A 1 25  ? 8.629   11.811  5.111   1.00 17.89 ? 33  ILE A N   1 
ATOM   127  C CA  . ILE A 1 25  ? 7.184   11.679  5.196   1.00 18.42 ? 33  ILE A CA  1 
ATOM   128  C C   . ILE A 1 25  ? 6.684   11.767  6.637   1.00 19.91 ? 33  ILE A C   1 
ATOM   129  O O   . ILE A 1 25  ? 5.653   12.375  6.915   1.00 20.13 ? 33  ILE A O   1 
ATOM   130  C CB  . ILE A 1 25  ? 6.750   10.352  4.530   1.00 16.20 ? 33  ILE A CB  1 
ATOM   131  C CG1 . ILE A 1 25  ? 7.040   10.443  3.028   1.00 19.15 ? 33  ILE A CG1 1 
ATOM   132  C CG2 . ILE A 1 25  ? 5.273   10.045  4.826   1.00 18.21 ? 33  ILE A CG2 1 
ATOM   133  C CD1 . ILE A 1 25  ? 6.934   9.142   2.266   1.00 22.15 ? 33  ILE A CD1 1 
ATOM   134  N N   . ILE A 1 26  ? 7.441   11.189  7.562   1.00 20.71 ? 34  ILE A N   1 
ATOM   135  C CA  . ILE A 1 26  ? 7.061   11.186  8.969   1.00 20.75 ? 34  ILE A CA  1 
ATOM   136  C C   . ILE A 1 26  ? 7.269   12.544  9.644   1.00 21.44 ? 34  ILE A C   1 
ATOM   137  O O   . ILE A 1 26  ? 6.461   12.963  10.478  1.00 23.87 ? 34  ILE A O   1 
ATOM   138  C CB  . ILE A 1 26  ? 7.810   10.071  9.727   1.00 23.40 ? 34  ILE A CB  1 
ATOM   139  C CG1 . ILE A 1 26  ? 7.265   8.710   9.275   1.00 20.50 ? 34  ILE A CG1 1 
ATOM   140  C CG2 . ILE A 1 26  ? 7.663   10.253  11.245  1.00 24.86 ? 34  ILE A CG2 1 
ATOM   141  C CD1 . ILE A 1 26  ? 8.166   7.529   9.619   1.00 21.99 ? 34  ILE A CD1 1 
ATOM   142  N N   . ASN A 1 27  ? 8.329   13.244  9.259   1.00 23.40 ? 35  ASN A N   1 
ATOM   143  C CA  . ASN A 1 27  ? 8.728   14.463  9.966   1.00 25.27 ? 35  ASN A CA  1 
ATOM   144  C C   . ASN A 1 27  ? 8.266   15.790  9.358   1.00 26.36 ? 35  ASN A C   1 
ATOM   145  O O   . ASN A 1 27  ? 8.213   16.800  10.062  1.00 28.40 ? 35  ASN A O   1 
ATOM   146  C CB  . ASN A 1 27  ? 10.245  14.486  10.142  1.00 25.23 ? 35  ASN A CB  1 
ATOM   147  C CG  . ASN A 1 27  ? 10.748  13.352  11.017  1.00 28.23 ? 35  ASN A CG  1 
ATOM   148  O OD1 . ASN A 1 27  ? 10.102  12.968  11.990  1.00 35.00 ? 35  ASN A OD1 1 
ATOM   149  N ND2 . ASN A 1 27  ? 11.910  12.812  10.674  1.00 33.11 ? 35  ASN A ND2 1 
ATOM   150  N N   . THR A 1 28  ? 7.960   15.808  8.063   1.00 23.37 ? 36  THR A N   1 
ATOM   151  C CA  . THR A 1 28  ? 7.593   17.060  7.399   1.00 21.69 ? 36  THR A CA  1 
ATOM   152  C C   . THR A 1 28  ? 6.205   17.507  7.846   1.00 24.59 ? 36  THR A C   1 
ATOM   153  O O   . THR A 1 28  ? 5.291   16.695  7.966   1.00 23.89 ? 36  THR A O   1 
ATOM   154  C CB  . THR A 1 28  ? 7.643   16.926  5.858   1.00 24.84 ? 36  THR A CB  1 
ATOM   155  O OG1 . THR A 1 28  ? 8.986   16.645  5.441   1.00 25.45 ? 36  THR A OG1 1 
ATOM   156  C CG2 . THR A 1 28  ? 7.177   18.207  5.174   1.00 27.43 ? 36  THR A CG2 1 
ATOM   157  N N   . PHE A 1 29  ? 6.046   18.796  8.131   1.00 23.06 ? 37  PHE A N   1 
ATOM   158  C CA  . PHE A 1 29  ? 4.709   19.303  8.415   1.00 24.70 ? 37  PHE A CA  1 
ATOM   159  C C   . PHE A 1 29  ? 3.949   19.431  7.103   1.00 22.17 ? 37  PHE A C   1 
ATOM   160  O O   . PHE A 1 29  ? 4.360   20.166  6.202   1.00 23.63 ? 37  PHE A O   1 
ATOM   161  C CB  . PHE A 1 29  ? 4.749   20.651  9.141   1.00 24.67 ? 37  PHE A CB  1 
ATOM   162  C CG  . PHE A 1 29  ? 3.383   21.204  9.450   1.00 23.12 ? 37  PHE A CG  1 
ATOM   163  C CD1 . PHE A 1 29  ? 2.636   20.700  10.504  1.00 25.67 ? 37  PHE A CD1 1 
ATOM   164  C CD2 . PHE A 1 29  ? 2.841   22.220  8.679   1.00 25.29 ? 37  PHE A CD2 1 
ATOM   165  C CE1 . PHE A 1 29  ? 1.374   21.201  10.787  1.00 28.60 ? 37  PHE A CE1 1 
ATOM   166  C CE2 . PHE A 1 29  ? 1.574   22.725  8.957   1.00 23.17 ? 37  PHE A CE2 1 
ATOM   167  C CZ  . PHE A 1 29  ? 0.844   22.216  10.010  1.00 24.02 ? 37  PHE A CZ  1 
ATOM   168  N N   . TYR A 1 30  ? 2.847   18.693  7.001   1.00 21.16 ? 38  TYR A N   1 
ATOM   169  C CA  . TYR A 1 30  ? 2.068   18.624  5.776   1.00 22.22 ? 38  TYR A CA  1 
ATOM   170  C C   . TYR A 1 30  ? 0.655   18.173  6.130   1.00 21.70 ? 38  TYR A C   1 
ATOM   171  O O   . TYR A 1 30  ? 0.440   17.026  6.492   1.00 22.19 ? 38  TYR A O   1 
ATOM   172  C CB  . TYR A 1 30  ? 2.712   17.633  4.802   1.00 20.63 ? 38  TYR A CB  1 
ATOM   173  C CG  . TYR A 1 30  ? 1.998   17.572  3.479   1.00 22.75 ? 38  TYR A CG  1 
ATOM   174  C CD1 . TYR A 1 30  ? 2.145   18.593  2.554   1.00 25.38 ? 38  TYR A CD1 1 
ATOM   175  C CD2 . TYR A 1 30  ? 1.153   16.509  3.162   1.00 25.29 ? 38  TYR A CD2 1 
ATOM   176  C CE1 . TYR A 1 30  ? 1.495   18.565  1.353   1.00 27.93 ? 38  TYR A CE1 1 
ATOM   177  C CE2 . TYR A 1 30  ? 0.493   16.475  1.943   1.00 24.31 ? 38  TYR A CE2 1 
ATOM   178  C CZ  . TYR A 1 30  ? 0.672   17.514  1.049   1.00 25.24 ? 38  TYR A CZ  1 
ATOM   179  O OH  . TYR A 1 30  ? 0.033   17.520  -0.169  1.00 31.74 ? 38  TYR A OH  1 
ATOM   180  N N   . SER A 1 31  ? -0.313  19.079  6.037   1.00 20.27 ? 39  SER A N   1 
ATOM   181  C CA  . SER A 1 31  ? -1.636  18.789  6.565   1.00 18.62 ? 39  SER A CA  1 
ATOM   182  C C   . SER A 1 31  ? -2.494  17.898  5.657   1.00 19.10 ? 39  SER A C   1 
ATOM   183  O O   . SER A 1 31  ? -3.417  17.249  6.136   1.00 22.07 ? 39  SER A O   1 
ATOM   184  C CB  . SER A 1 31  ? -2.380  20.090  6.868   1.00 21.70 ? 39  SER A CB  1 
ATOM   185  O OG  . SER A 1 31  ? -1.669  20.843  7.830   1.00 22.93 ? 39  SER A OG  1 
ATOM   186  N N   . ASN A 1 32  ? -2.181  17.881  4.364   1.00 17.66 ? 40  ASN A N   1 
ATOM   187  C CA  . ASN A 1 32  ? -3.008  17.196  3.354   1.00 17.88 ? 40  ASN A CA  1 
ATOM   188  C C   . ASN A 1 32  ? -2.744  15.683  3.331   1.00 19.45 ? 40  ASN A C   1 
ATOM   189  O O   . ASN A 1 32  ? -2.416  15.117  2.291   1.00 20.70 ? 40  ASN A O   1 
ATOM   190  C CB  . ASN A 1 32  ? -2.753  17.837  1.980   1.00 21.60 ? 40  ASN A CB  1 
ATOM   191  C CG  . ASN A 1 32  ? -3.621  17.269  0.861   1.00 23.90 ? 40  ASN A CG  1 
ATOM   192  O OD1 . ASN A 1 32  ? -3.170  17.169  -0.285  1.00 28.99 ? 40  ASN A OD1 1 
ATOM   193  N ND2 . ASN A 1 32  ? -4.861  16.930  1.170   1.00 21.06 ? 40  ASN A ND2 1 
ATOM   194  N N   . LYS A 1 33  ? -2.896  15.048  4.492   1.00 17.77 ? 41  LYS A N   1 
ATOM   195  C CA  . LYS A 1 33  ? -2.546  13.632  4.655   1.00 17.01 ? 41  LYS A CA  1 
ATOM   196  C C   . LYS A 1 33  ? -3.464  12.675  3.903   1.00 18.52 ? 41  LYS A C   1 
ATOM   197  O O   . LYS A 1 33  ? -3.076  11.533  3.635   1.00 16.88 ? 41  LYS A O   1 
ATOM   198  C CB  . LYS A 1 33  ? -2.537  13.249  6.136   1.00 17.60 ? 41  LYS A CB  1 
ATOM   199  C CG  . LYS A 1 33  ? -1.398  13.880  6.964   1.00 18.61 ? 41  LYS A CG  1 
ATOM   200  C CD  . LYS A 1 33  ? -1.584  13.531  8.429   1.00 19.79 ? 41  LYS A CD  1 
ATOM   201  C CE  . LYS A 1 33  ? -0.492  14.129  9.321   1.00 23.64 ? 41  LYS A CE  1 
ATOM   202  N NZ  . LYS A 1 33  ? 0.809   13.409  9.213   1.00 21.39 ? 41  LYS A NZ  1 
ATOM   203  N N   . GLU A 1 34  ? -4.666  13.126  3.559   1.00 17.10 ? 42  GLU A N   1 
ATOM   204  C CA  . GLU A 1 34  ? -5.679  12.228  2.988   1.00 17.60 ? 42  GLU A CA  1 
ATOM   205  C C   . GLU A 1 34  ? -5.259  11.572  1.669   1.00 16.63 ? 42  GLU A C   1 
ATOM   206  O O   . GLU A 1 34  ? -5.860  10.576  1.246   1.00 18.18 ? 42  GLU A O   1 
ATOM   207  C CB  . GLU A 1 34  ? -7.006  12.972  2.790   1.00 18.20 ? 42  GLU A CB  1 
ATOM   208  C CG  . GLU A 1 34  ? -6.953  13.977  1.648   1.00 19.39 ? 42  GLU A CG  1 
ATOM   209  C CD  . GLU A 1 34  ? -8.199  14.844  1.547   1.00 26.41 ? 42  GLU A CD  1 
ATOM   210  O OE1 . GLU A 1 34  ? -8.795  15.169  2.589   1.00 27.52 ? 42  GLU A OE1 1 
ATOM   211  O OE2 . GLU A 1 34  ? -8.573  15.208  0.411   1.00 31.34 ? 42  GLU A OE2 1 
ATOM   212  N N   . ILE A 1 35  ? -4.241  12.119  1.008   1.00 15.54 ? 43  ILE A N   1 
ATOM   213  C CA  . ILE A 1 35  ? -3.818  11.577  -0.278  1.00 17.93 ? 43  ILE A CA  1 
ATOM   214  C C   . ILE A 1 35  ? -3.239  10.164  -0.166  1.00 16.13 ? 43  ILE A C   1 
ATOM   215  O O   . ILE A 1 35  ? -3.082  9.483   -1.178  1.00 16.44 ? 43  ILE A O   1 
ATOM   216  C CB  . ILE A 1 35  ? -2.833  12.513  -1.014  1.00 20.69 ? 43  ILE A CB  1 
ATOM   217  C CG1 . ILE A 1 35  ? -1.563  12.701  -0.196  1.00 21.49 ? 43  ILE A CG1 1 
ATOM   218  C CG2 . ILE A 1 35  ? -3.489  13.856  -1.302  1.00 23.33 ? 43  ILE A CG2 1 
ATOM   219  C CD1 . ILE A 1 35  ? -0.429  11.834  -0.656  1.00 21.73 ? 43  ILE A CD1 1 
ATOM   220  N N   . PHE A 1 36  ? -2.928  9.716   1.048   1.00 14.66 ? 44  PHE A N   1 
ATOM   221  C CA  . PHE A 1 36  ? -2.408  8.351   1.204   1.00 14.03 ? 44  PHE A CA  1 
ATOM   222  C C   . PHE A 1 36  ? -3.378  7.350   0.589   1.00 16.09 ? 44  PHE A C   1 
ATOM   223  O O   . PHE A 1 36  ? -2.949  6.374   -0.027  1.00 15.39 ? 44  PHE A O   1 
ATOM   224  C CB  . PHE A 1 36  ? -2.157  7.976   2.674   1.00 13.78 ? 44  PHE A CB  1 
ATOM   225  C CG  . PHE A 1 36  ? -3.411  7.597   3.409   1.00 14.65 ? 44  PHE A CG  1 
ATOM   226  C CD1 . PHE A 1 36  ? -4.198  8.573   4.000   1.00 15.63 ? 44  PHE A CD1 1 
ATOM   227  C CD2 . PHE A 1 36  ? -3.838  6.272   3.460   1.00 15.34 ? 44  PHE A CD2 1 
ATOM   228  C CE1 . PHE A 1 36  ? -5.371  8.240   4.654   1.00 15.97 ? 44  PHE A CE1 1 
ATOM   229  C CE2 . PHE A 1 36  ? -5.027  5.931   4.115   1.00 16.31 ? 44  PHE A CE2 1 
ATOM   230  C CZ  . PHE A 1 36  ? -5.794  6.912   4.711   1.00 16.95 ? 44  PHE A CZ  1 
ATOM   231  N N   . LEU A 1 37  ? -4.678  7.582   0.762   1.00 15.66 ? 45  LEU A N   1 
ATOM   232  C CA  . LEU A 1 37  ? -5.672  6.601   0.311   1.00 15.22 ? 45  LEU A CA  1 
ATOM   233  C C   . LEU A 1 37  ? -5.716  6.510   -1.215  1.00 14.47 ? 45  LEU A C   1 
ATOM   234  O O   . LEU A 1 37  ? -5.795  5.408   -1.767  1.00 15.75 ? 45  LEU A O   1 
ATOM   235  C CB  . LEU A 1 37  ? -7.064  6.925   0.872   1.00 15.72 ? 45  LEU A CB  1 
ATOM   236  C CG  . LEU A 1 37  ? -8.129  5.855   0.616   1.00 17.43 ? 45  LEU A CG  1 
ATOM   237  C CD1 . LEU A 1 37  ? -7.663  4.522   1.135   1.00 17.79 ? 45  LEU A CD1 1 
ATOM   238  C CD2 . LEU A 1 37  ? -9.436  6.258   1.283   1.00 19.38 ? 45  LEU A CD2 1 
ATOM   239  N N   . ARG A 1 38  ? -5.680  7.662   -1.890  1.00 16.41 ? 46  ARG A N   1 
ATOM   240  C CA  . ARG A 1 38  ? -5.578  7.699   -3.344  1.00 17.02 ? 46  ARG A CA  1 
ATOM   241  C C   . ARG A 1 38  ? -4.365  6.912   -3.843  1.00 17.61 ? 46  ARG A C   1 
ATOM   242  O O   . ARG A 1 38  ? -4.447  6.150   -4.813  1.00 18.06 ? 46  ARG A O   1 
ATOM   243  C CB  . ARG A 1 38  ? -5.475  9.154   -3.819  1.00 20.80 ? 46  ARG A CB  1 
ATOM   244  C CG  . ARG A 1 38  ? -5.119  9.327   -5.285  1.00 27.08 ? 46  ARG A CG  1 
ATOM   245  C CD  . ARG A 1 38  ? -4.882  10.810  -5.606  1.00 26.86 ? 46  ARG A CD  1 
ATOM   246  N NE  . ARG A 1 38  ? -3.573  11.304  -5.175  1.00 26.84 ? 46  ARG A NE  1 
ATOM   247  C CZ  . ARG A 1 38  ? -3.258  12.597  -5.108  1.00 27.21 ? 46  ARG A CZ  1 
ATOM   248  N NH1 . ARG A 1 38  ? -4.162  13.507  -5.436  1.00 27.60 ? 46  ARG A NH1 1 
ATOM   249  N NH2 . ARG A 1 38  ? -2.047  12.985  -4.721  1.00 27.10 ? 46  ARG A NH2 1 
ATOM   250  N N   . GLU A 1 39  ? -3.237  7.077   -3.161  1.00 15.38 ? 47  GLU A N   1 
ATOM   251  C CA  . GLU A 1 39  ? -2.004  6.419   -3.570  1.00 15.49 ? 47  GLU A CA  1 
ATOM   252  C C   . GLU A 1 39  ? -2.097  4.903   -3.432  1.00 14.96 ? 47  GLU A C   1 
ATOM   253  O O   . GLU A 1 39  ? -1.629  4.170   -4.298  1.00 17.37 ? 47  GLU A O   1 
ATOM   254  C CB  . GLU A 1 39  ? -0.811  6.952   -2.780  1.00 16.02 ? 47  GLU A CB  1 
ATOM   255  C CG  . GLU A 1 39  ? -0.571  8.453   -2.977  1.00 17.49 ? 47  GLU A CG  1 
ATOM   256  C CD  . GLU A 1 39  ? -0.428  8.870   -4.450  1.00 21.34 ? 47  GLU A CD  1 
ATOM   257  O OE1 . GLU A 1 39  ? 0.065   8.073   -5.267  1.00 22.14 ? 47  GLU A OE1 1 
ATOM   258  O OE2 . GLU A 1 39  ? -0.821  10.015  -4.792  1.00 23.48 ? 47  GLU A OE2 1 
ATOM   259  N N   . LEU A 1 40  ? -2.678  4.433   -2.328  1.00 15.16 ? 48  LEU A N   1 
ATOM   260  C CA  . LEU A 1 40  ? -2.761  2.994   -2.109  1.00 14.26 ? 48  LEU A CA  1 
ATOM   261  C C   . LEU A 1 40  ? -3.799  2.367   -3.041  1.00 14.33 ? 48  LEU A C   1 
ATOM   262  O O   . LEU A 1 40  ? -3.604  1.262   -3.526  1.00 16.05 ? 48  LEU A O   1 
ATOM   263  C CB  . LEU A 1 40  ? -3.075  2.655   -0.644  1.00 15.62 ? 48  LEU A CB  1 
ATOM   264  C CG  . LEU A 1 40  ? -1.999  3.106   0.348   1.00 13.74 ? 48  LEU A CG  1 
ATOM   265  C CD1 . LEU A 1 40  ? -2.447  2.849   1.767   1.00 15.86 ? 48  LEU A CD1 1 
ATOM   266  C CD2 . LEU A 1 40  ? -0.691  2.366   0.060   1.00 17.35 ? 48  LEU A CD2 1 
ATOM   267  N N   . ILE A 1 41  ? -4.896  3.076   -3.291  1.00 14.47 ? 49  ILE A N   1 
ATOM   268  C CA  . ILE A 1 41  ? -5.899  2.579   -4.239  1.00 16.02 ? 49  ILE A CA  1 
ATOM   269  C C   . ILE A 1 41  ? -5.313  2.511   -5.646  1.00 17.71 ? 49  ILE A C   1 
ATOM   270  O O   . ILE A 1 41  ? -5.570  1.568   -6.388  1.00 17.64 ? 49  ILE A O   1 
ATOM   271  C CB  . ILE A 1 41  ? -7.165  3.451   -4.209  1.00 14.74 ? 49  ILE A CB  1 
ATOM   272  C CG1 . ILE A 1 41  ? -7.920  3.202   -2.901  1.00 14.91 ? 49  ILE A CG1 1 
ATOM   273  C CG2 . ILE A 1 41  ? -8.047  3.170   -5.447  1.00 16.09 ? 49  ILE A CG2 1 
ATOM   274  C CD1 . ILE A 1 41  ? -9.130  4.076   -2.695  1.00 16.05 ? 49  ILE A CD1 1 
ATOM   275  N N   . SER A 1 42  ? -4.513  3.511   -5.998  1.00 17.48 ? 50  SER A N   1 
ATOM   276  C CA  . SER A 1 42  ? -3.799  3.499   -7.270  1.00 17.54 ? 50  SER A CA  1 
ATOM   277  C C   . SER A 1 42  ? -2.863  2.292   -7.384  1.00 18.82 ? 50  SER A C   1 
ATOM   278  O O   . SER A 1 42  ? -2.833  1.621   -8.419  1.00 18.75 ? 50  SER A O   1 
ATOM   279  C CB  . SER A 1 42  ? -3.046  4.818   -7.461  1.00 21.53 ? 50  SER A CB  1 
ATOM   280  O OG  . SER A 1 42  ? -2.297  4.816   -8.662  1.00 28.73 ? 50  SER A OG  1 
ATOM   281  N N   . ASN A 1 43  ? -2.105  2.008   -6.326  1.00 17.53 ? 51  ASN A N   1 
ATOM   282  C CA  . ASN A 1 43  ? -1.264  0.820   -6.303  1.00 20.01 ? 51  ASN A CA  1 
ATOM   283  C C   . ASN A 1 43  ? -2.083  -0.438  -6.543  1.00 16.73 ? 51  ASN A C   1 
ATOM   284  O O   . ASN A 1 43  ? -1.672  -1.323  -7.294  1.00 16.69 ? 51  ASN A O   1 
ATOM   285  C CB  . ASN A 1 43  ? -0.567  0.678   -4.955  1.00 19.87 ? 51  ASN A CB  1 
ATOM   286  C CG  . ASN A 1 43  ? 0.613   1.602   -4.798  1.00 22.29 ? 51  ASN A CG  1 
ATOM   287  O OD1 . ASN A 1 43  ? 0.979   2.358   -5.714  1.00 24.33 ? 51  ASN A OD1 1 
ATOM   288  N ND2 . ASN A 1 43  ? 1.216   1.557   -3.616  1.00 22.29 ? 51  ASN A ND2 1 
ATOM   289  N N   . SER A 1 44  ? -3.235  -0.514  -5.882  1.00 16.90 ? 52  SER A N   1 
ATOM   290  C CA  . SER A 1 44  ? -4.110  -1.669  -6.021  1.00 15.44 ? 52  SER A CA  1 
ATOM   291  C C   . SER A 1 44  ? -4.609  -1.809  -7.451  1.00 16.80 ? 52  SER A C   1 
ATOM   292  O O   . SER A 1 44  ? -4.591  -2.905  -8.023  1.00 15.64 ? 52  SER A O   1 
ATOM   293  C CB  . SER A 1 44  ? -5.296  -1.571  -5.060  1.00 16.45 ? 52  SER A CB  1 
ATOM   294  O OG  . SER A 1 44  ? -4.853  -1.784  -3.728  1.00 15.84 ? 52  SER A OG  1 
ATOM   295  N N   . SER A 1 45  ? -5.050  -0.696  -8.020  1.00 17.01 ? 53  SER A N   1 
ATOM   296  C CA  . SER A 1 45  ? -5.523  -0.688  -9.400  1.00 17.29 ? 53  SER A CA  1 
ATOM   297  C C   . SER A 1 45  ? -4.438  -1.200  -10.349 1.00 18.85 ? 53  SER A C   1 
ATOM   298  O O   . SER A 1 45  ? -4.717  -1.992  -11.256 1.00 19.60 ? 53  SER A O   1 
ATOM   299  C CB  . SER A 1 45  ? -5.955  0.722   -9.792  1.00 19.74 ? 53  SER A CB  1 
ATOM   300  O OG  . SER A 1 45  ? -6.467  0.752   -11.116 1.00 21.31 ? 53  SER A OG  1 
ATOM   301  N N   . ASP A 1 46  ? -3.202  -0.746  -10.144 1.00 18.21 ? 54  ASP A N   1 
ATOM   302  C CA  . ASP A 1 46  ? -2.088  -1.189  -10.980 1.00 18.55 ? 54  ASP A CA  1 
ATOM   303  C C   . ASP A 1 46  ? -1.877  -2.701  -10.862 1.00 19.18 ? 54  ASP A C   1 
ATOM   304  O O   . ASP A 1 46  ? -1.626  -3.378  -11.860 1.00 17.95 ? 54  ASP A O   1 
ATOM   305  C CB  . ASP A 1 46  ? -0.793  -0.454  -10.607 1.00 19.15 ? 54  ASP A CB  1 
ATOM   306  C CG  . ASP A 1 46  ? -0.804  1.003   -11.030 1.00 21.66 ? 54  ASP A CG  1 
ATOM   307  O OD1 . ASP A 1 46  ? -1.703  1.421   -11.795 1.00 23.24 ? 54  ASP A OD1 1 
ATOM   308  O OD2 . ASP A 1 46  ? 0.117   1.736   -10.606 1.00 24.29 ? 54  ASP A OD2 1 
ATOM   309  N N   . ALA A 1 47  ? -1.977  -3.223  -9.639  1.00 16.24 ? 55  ALA A N   1 
ATOM   310  C CA  . ALA A 1 47  ? -1.765  -4.651  -9.393  1.00 17.05 ? 55  ALA A CA  1 
ATOM   311  C C   . ALA A 1 47  ? -2.866  -5.480  -10.044 1.00 18.24 ? 55  ALA A C   1 
ATOM   312  O O   . ALA A 1 47  ? -2.620  -6.583  -10.532 1.00 17.03 ? 55  ALA A O   1 
ATOM   313  C CB  . ALA A 1 47  ? -1.704  -4.932  -7.884  1.00 16.26 ? 55  ALA A CB  1 
ATOM   314  N N   . LEU A 1 48  ? -4.081  -4.940  -10.027 1.00 15.69 ? 56  LEU A N   1 
ATOM   315  C CA  . LEU A 1 48  ? -5.231  -5.588  -10.654 1.00 16.63 ? 56  LEU A CA  1 
ATOM   316  C C   . LEU A 1 48  ? -5.066  -5.554  -12.181 1.00 17.95 ? 56  LEU A C   1 
ATOM   317  O O   . LEU A 1 48  ? -5.321  -6.558  -12.855 1.00 18.04 ? 56  LEU A O   1 
ATOM   318  C CB  . LEU A 1 48  ? -6.518  -4.885  -10.218 1.00 15.69 ? 56  LEU A CB  1 
ATOM   319  C CG  . LEU A 1 48  ? -6.882  -5.186  -8.761  1.00 15.34 ? 56  LEU A CG  1 
ATOM   320  C CD1 . LEU A 1 48  ? -7.812  -4.130  -8.192  1.00 17.88 ? 56  LEU A CD1 1 
ATOM   321  C CD2 . LEU A 1 48  ? -7.520  -6.579  -8.675  1.00 15.17 ? 56  LEU A CD2 1 
ATOM   322  N N   . ASP A 1 49  ? -4.607  -4.417  -12.714 1.00 18.22 ? 57  ASP A N   1 
ATOM   323  C CA  . ASP A 1 49  ? -4.305  -4.320  -14.151 1.00 17.32 ? 57  ASP A CA  1 
ATOM   324  C C   . ASP A 1 49  ? -3.337  -5.432  -14.560 1.00 17.65 ? 57  ASP A C   1 
ATOM   325  O O   . ASP A 1 49  ? -3.501  -6.070  -15.609 1.00 18.84 ? 57  ASP A O   1 
ATOM   326  C CB  . ASP A 1 49  ? -3.671  -2.972  -14.515 1.00 18.64 ? 57  ASP A CB  1 
ATOM   327  C CG  . ASP A 1 49  ? -4.672  -1.822  -14.549 1.00 18.46 ? 57  ASP A CG  1 
ATOM   328  O OD1 . ASP A 1 49  ? -5.891  -2.038  -14.473 1.00 20.71 ? 57  ASP A OD1 1 
ATOM   329  O OD2 . ASP A 1 49  ? -4.209  -0.670  -14.669 1.00 21.14 ? 57  ASP A OD2 1 
ATOM   330  N N   . LYS A 1 50  ? -2.328  -5.659  -13.726 1.00 16.72 ? 58  LYS A N   1 
ATOM   331  C CA  . LYS A 1 50  ? -1.280  -6.617  -14.062 1.00 17.98 ? 58  LYS A CA  1 
ATOM   332  C C   . LYS A 1 50  ? -1.788  -8.057  -14.132 1.00 20.13 ? 58  LYS A C   1 
ATOM   333  O O   . LYS A 1 50  ? -1.507  -8.761  -15.092 1.00 19.96 ? 58  LYS A O   1 
ATOM   334  C CB  . LYS A 1 50  ? -0.109  -6.507  -13.094 1.00 21.03 ? 58  LYS A CB  1 
ATOM   335  C CG  . LYS A 1 50  ? 1.098   -7.310  -13.537 1.00 26.18 ? 58  LYS A CG  1 
ATOM   336  C CD  . LYS A 1 50  ? 2.373   -6.795  -12.887 1.00 26.85 ? 58  LYS A CD  1 
ATOM   337  C CE  . LYS A 1 50  ? 3.591   -7.497  -13.469 1.00 30.27 ? 58  LYS A CE  1 
ATOM   338  N NZ  . LYS A 1 50  ? 4.841   -7.068  -12.788 1.00 31.08 ? 58  LYS A NZ  1 
ATOM   339  N N   . ILE A 1 51  ? -2.522  -8.505  -13.119 1.00 18.07 ? 59  ILE A N   1 
ATOM   340  C CA  . ILE A 1 51  ? -3.049  -9.867  -13.167 1.00 18.93 ? 59  ILE A CA  1 
ATOM   341  C C   . ILE A 1 51  ? -4.080  -10.013 -14.295 1.00 18.88 ? 59  ILE A C   1 
ATOM   342  O O   . ILE A 1 51  ? -4.139  -11.048 -14.960 1.00 20.55 ? 59  ILE A O   1 
ATOM   343  C CB  . ILE A 1 51  ? -3.604  -10.352 -11.789 1.00 17.39 ? 59  ILE A CB  1 
ATOM   344  C CG1 . ILE A 1 51  ? -3.930  -11.854 -11.830 1.00 19.87 ? 59  ILE A CG1 1 
ATOM   345  C CG2 . ILE A 1 51  ? -4.831  -9.552  -11.369 1.00 17.94 ? 59  ILE A CG2 1 
ATOM   346  C CD1 . ILE A 1 51  ? -2.713  -12.741 -12.046 1.00 22.55 ? 59  ILE A CD1 1 
ATOM   347  N N   . ARG A 1 52  ? -4.883  -8.976  -14.531 1.00 17.33 ? 60  ARG A N   1 
ATOM   348  C CA  . ARG A 1 52  ? -5.849  -9.034  -15.622 1.00 20.32 ? 60  ARG A CA  1 
ATOM   349  C C   . ARG A 1 52  ? -5.138  -9.228  -16.962 1.00 20.40 ? 60  ARG A C   1 
ATOM   350  O O   . ARG A 1 52  ? -5.541  -10.072 -17.770 1.00 21.25 ? 60  ARG A O   1 
ATOM   351  C CB  . ARG A 1 52  ? -6.713  -7.775  -15.665 1.00 20.97 ? 60  ARG A CB  1 
ATOM   352  C CG  . ARG A 1 52  ? -7.816  -7.859  -16.722 1.00 23.53 ? 60  ARG A CG  1 
ATOM   353  C CD  . ARG A 1 52  ? -8.682  -6.615  -16.719 1.00 26.87 ? 60  ARG A CD  1 
ATOM   354  N NE  . ARG A 1 52  ? -7.875  -5.425  -16.941 1.00 29.46 ? 60  ARG A NE  1 
ATOM   355  C CZ  . ARG A 1 52  ? -8.347  -4.184  -16.921 1.00 30.20 ? 60  ARG A CZ  1 
ATOM   356  N NH1 . ARG A 1 52  ? -9.637  -3.977  -16.694 1.00 32.00 ? 60  ARG A NH1 1 
ATOM   357  N NH2 . ARG A 1 52  ? -7.528  -3.158  -17.127 1.00 31.23 ? 60  ARG A NH2 1 
ATOM   358  N N   . TYR A 1 53  ? -4.073  -8.468  -17.200 1.00 19.09 ? 61  TYR A N   1 
ATOM   359  C CA  . TYR A 1 53  ? -3.342  -8.596  -18.461 1.00 20.21 ? 61  TYR A CA  1 
ATOM   360  C C   . TYR A 1 53  ? -2.712  -9.982  -18.589 1.00 21.73 ? 61  TYR A C   1 
ATOM   361  O O   . TYR A 1 53  ? -2.812  -10.625 -19.639 1.00 21.57 ? 61  TYR A O   1 
ATOM   362  C CB  . TYR A 1 53  ? -2.279  -7.499  -18.607 1.00 21.17 ? 61  TYR A CB  1 
ATOM   363  C CG  . TYR A 1 53  ? -1.356  -7.686  -19.795 1.00 20.08 ? 61  TYR A CG  1 
ATOM   364  C CD1 . TYR A 1 53  ? -1.733  -7.265  -21.062 1.00 23.14 ? 61  TYR A CD1 1 
ATOM   365  C CD2 . TYR A 1 53  ? -0.114  -8.295  -19.651 1.00 22.04 ? 61  TYR A CD2 1 
ATOM   366  C CE1 . TYR A 1 53  ? -0.897  -7.432  -22.154 1.00 19.73 ? 61  TYR A CE1 1 
ATOM   367  C CE2 . TYR A 1 53  ? 0.731   -8.472  -20.742 1.00 23.48 ? 61  TYR A CE2 1 
ATOM   368  C CZ  . TYR A 1 53  ? 0.332   -8.032  -21.988 1.00 23.20 ? 61  TYR A CZ  1 
ATOM   369  O OH  . TYR A 1 53  ? 1.161   -8.204  -23.076 1.00 25.52 ? 61  TYR A OH  1 
ATOM   370  N N   . GLU A 1 54  ? -2.079  -10.453 -17.522 1.00 19.56 ? 62  GLU A N   1 
ATOM   371  C CA  . GLU A 1 54  ? -1.403  -11.746 -17.582 1.00 22.04 ? 62  GLU A CA  1 
ATOM   372  C C   . GLU A 1 54  ? -2.403  -12.866 -17.828 1.00 22.90 ? 62  GLU A C   1 
ATOM   373  O O   . GLU A 1 54  ? -2.088  -13.857 -18.494 1.00 24.28 ? 62  GLU A O   1 
ATOM   374  C CB  . GLU A 1 54  ? -0.578  -12.015 -16.318 1.00 22.77 ? 62  GLU A CB  1 
ATOM   375  C CG  . GLU A 1 54  ? 0.686   -11.157 -16.236 1.00 25.12 ? 62  GLU A CG  1 
ATOM   376  C CD  . GLU A 1 54  ? 1.647   -11.573 -15.135 1.00 31.01 ? 62  GLU A CD  1 
ATOM   377  O OE1 . GLU A 1 54  ? 1.453   -12.646 -14.520 1.00 30.98 ? 62  GLU A OE1 1 
ATOM   378  O OE2 . GLU A 1 54  ? 2.608   -10.811 -14.886 1.00 35.66 ? 62  GLU A OE2 1 
ATOM   379  N N   . SER A 1 55  ? -3.610  -12.704 -17.305 1.00 20.63 ? 63  SER A N   1 
ATOM   380  C CA  . SER A 1 55  ? -4.634  -13.744 -17.436 1.00 24.56 ? 63  SER A CA  1 
ATOM   381  C C   . SER A 1 55  ? -5.125  -13.897 -18.875 1.00 27.00 ? 63  SER A C   1 
ATOM   382  O O   . SER A 1 55  ? -5.711  -14.921 -19.221 1.00 27.98 ? 63  SER A O   1 
ATOM   383  C CB  . SER A 1 55  ? -5.817  -13.482 -16.498 1.00 21.75 ? 63  SER A CB  1 
ATOM   384  O OG  . SER A 1 55  ? -6.683  -12.496 -17.025 1.00 26.44 ? 63  SER A OG  1 
ATOM   385  N N   . LEU A 1 56  ? -4.894  -12.891 -19.711 1.00 26.23 ? 64  LEU A N   1 
ATOM   386  C CA  . LEU A 1 56  ? -5.336  -12.962 -21.104 1.00 26.45 ? 64  LEU A CA  1 
ATOM   387  C C   . LEU A 1 56  ? -4.585  -14.025 -21.900 1.00 30.88 ? 64  LEU A C   1 
ATOM   388  O O   . LEU A 1 56  ? -5.157  -14.653 -22.796 1.00 35.58 ? 64  LEU A O   1 
ATOM   389  C CB  . LEU A 1 56  ? -5.203  -11.604 -21.790 1.00 26.02 ? 64  LEU A CB  1 
ATOM   390  C CG  . LEU A 1 56  ? -6.110  -10.526 -21.209 1.00 28.24 ? 64  LEU A CG  1 
ATOM   391  C CD1 . LEU A 1 56  ? -6.000  -9.236  -22.015 1.00 31.07 ? 64  LEU A CD1 1 
ATOM   392  C CD2 . LEU A 1 56  ? -7.543  -11.016 -21.169 1.00 31.60 ? 64  LEU A CD2 1 
ATOM   393  N N   . THR A 1 57  ? -3.311  -14.229 -21.582 1.00 27.33 ? 65  THR A N   1 
ATOM   394  C CA  . THR A 1 57  ? -2.532  -15.267 -22.255 1.00 31.14 ? 65  THR A CA  1 
ATOM   395  C C   . THR A 1 57  ? -2.432  -16.552 -21.436 1.00 32.34 ? 65  THR A C   1 
ATOM   396  O O   . THR A 1 57  ? -2.177  -17.625 -21.985 1.00 35.76 ? 65  THR A O   1 
ATOM   397  C CB  . THR A 1 57  ? -1.124  -14.783 -22.671 1.00 32.68 ? 65  THR A CB  1 
ATOM   398  O OG1 . THR A 1 57  ? -0.437  -14.243 -21.540 1.00 33.25 ? 65  THR A OG1 1 
ATOM   399  C CG2 . THR A 1 57  ? -1.228  -13.715 -23.747 1.00 34.45 ? 65  THR A CG2 1 
ATOM   400  N N   . ASP A 1 58  ? -2.639  -16.442 -20.126 1.00 29.24 ? 66  ASP A N   1 
ATOM   401  C CA  . ASP A 1 58  ? -2.644  -17.614 -19.250 1.00 29.24 ? 66  ASP A CA  1 
ATOM   402  C C   . ASP A 1 58  ? -3.820  -17.543 -18.272 1.00 30.66 ? 66  ASP A C   1 
ATOM   403  O O   . ASP A 1 58  ? -3.685  -17.032 -17.158 1.00 29.78 ? 66  ASP A O   1 
ATOM   404  C CB  . ASP A 1 58  ? -1.312  -17.731 -18.504 1.00 28.32 ? 66  ASP A CB  1 
ATOM   405  C CG  . ASP A 1 58  ? -1.185  -19.030 -17.728 1.00 31.22 ? 66  ASP A CG  1 
ATOM   406  O OD1 . ASP A 1 58  ? -2.190  -19.765 -17.632 1.00 32.62 ? 66  ASP A OD1 1 
ATOM   407  O OD2 . ASP A 1 58  ? -0.084  -19.306 -17.201 1.00 34.59 ? 66  ASP A OD2 1 
ATOM   408  N N   . PRO A 1 59  ? -4.990  -18.047 -18.697 1.00 29.94 ? 67  PRO A N   1 
ATOM   409  C CA  . PRO A 1 59  ? -6.217  -18.001 -17.893 1.00 29.30 ? 67  PRO A CA  1 
ATOM   410  C C   . PRO A 1 59  ? -6.088  -18.700 -16.539 1.00 27.67 ? 67  PRO A C   1 
ATOM   411  O O   . PRO A 1 59  ? -6.846  -18.382 -15.626 1.00 28.71 ? 67  PRO A O   1 
ATOM   412  C CB  . PRO A 1 59  ? -7.231  -18.741 -18.769 1.00 31.91 ? 67  PRO A CB  1 
ATOM   413  C CG  . PRO A 1 59  ? -6.732  -18.541 -20.153 1.00 32.29 ? 67  PRO A CG  1 
ATOM   414  C CD  . PRO A 1 59  ? -5.239  -18.574 -20.050 1.00 32.04 ? 67  PRO A CD  1 
ATOM   415  N N   . SER A 1 60  ? -5.153  -19.633 -16.414 1.00 27.53 ? 68  SER A N   1 
ATOM   416  C CA  . SER A 1 60  ? -5.001  -20.374 -15.164 1.00 28.58 ? 68  SER A CA  1 
ATOM   417  C C   . SER A 1 60  ? -4.449  -19.492 -14.048 1.00 28.28 ? 68  SER A C   1 
ATOM   418  O O   . SER A 1 60  ? -4.462  -19.881 -12.884 1.00 27.09 ? 68  SER A O   1 
ATOM   419  C CB  . SER A 1 60  ? -4.126  -21.615 -15.355 1.00 29.07 ? 68  SER A CB  1 
ATOM   420  O OG  . SER A 1 60  ? -2.762  -21.276 -15.489 1.00 31.86 ? 68  SER A OG  1 
ATOM   421  N N   . LYS A 1 61  ? -3.980  -18.298 -14.401 1.00 28.37 ? 69  LYS A N   1 
ATOM   422  C CA  . LYS A 1 61  ? -3.494  -17.374 -13.379 1.00 24.28 ? 69  LYS A CA  1 
ATOM   423  C C   . LYS A 1 61  ? -4.642  -16.868 -12.519 1.00 25.55 ? 69  LYS A C   1 
ATOM   424  O O   . LYS A 1 61  ? -4.420  -16.297 -11.456 1.00 25.24 ? 69  LYS A O   1 
ATOM   425  C CB  . LYS A 1 61  ? -2.704  -16.216 -14.000 1.00 25.81 ? 69  LYS A CB  1 
ATOM   426  C CG  . LYS A 1 61  ? -1.327  -16.654 -14.473 1.00 26.66 ? 69  LYS A CG  1 
ATOM   427  C CD  . LYS A 1 61  ? -0.519  -15.537 -15.103 1.00 26.62 ? 69  LYS A CD  1 
ATOM   428  C CE  . LYS A 1 61  ? 0.886   -16.034 -15.437 1.00 29.22 ? 69  LYS A CE  1 
ATOM   429  N NZ  . LYS A 1 61  ? 1.742   -14.963 -16.013 1.00 32.58 ? 69  LYS A NZ  1 
ATOM   430  N N   . LEU A 1 62  ? -5.872  -17.104 -12.962 1.00 24.69 ? 70  LEU A N   1 
ATOM   431  C CA  . LEU A 1 62  ? -7.041  -16.705 -12.183 1.00 25.00 ? 70  LEU A CA  1 
ATOM   432  C C   . LEU A 1 62  ? -7.637  -17.861 -11.360 1.00 24.96 ? 70  LEU A C   1 
ATOM   433  O O   . LEU A 1 62  ? -8.664  -17.700 -10.706 1.00 24.52 ? 70  LEU A O   1 
ATOM   434  C CB  . LEU A 1 62  ? -8.098  -16.058 -13.076 1.00 24.75 ? 70  LEU A CB  1 
ATOM   435  C CG  . LEU A 1 62  ? -7.706  -14.693 -13.654 1.00 27.63 ? 70  LEU A CG  1 
ATOM   436  C CD1 . LEU A 1 62  ? -8.815  -14.113 -14.516 1.00 29.05 ? 70  LEU A CD1 1 
ATOM   437  C CD2 . LEU A 1 62  ? -7.331  -13.711 -12.541 1.00 27.40 ? 70  LEU A CD2 1 
ATOM   438  N N   . ASP A 1 63  ? -6.973  -19.013 -11.382 1.00 26.95 ? 71  ASP A N   1 
ATOM   439  C CA  . ASP A 1 63  ? -7.402  -20.148 -10.569 1.00 27.14 ? 71  ASP A CA  1 
ATOM   440  C C   . ASP A 1 63  ? -7.420  -19.773 -9.084  1.00 29.66 ? 71  ASP A C   1 
ATOM   441  O O   . ASP A 1 63  ? -8.174  -20.340 -8.291  1.00 28.17 ? 71  ASP A O   1 
ATOM   442  C CB  . ASP A 1 63  ? -6.495  -21.362 -10.800 1.00 27.80 ? 71  ASP A CB  1 
ATOM   443  C CG  . ASP A 1 63  ? -6.693  -21.993 -12.176 1.00 31.11 ? 71  ASP A CG  1 
ATOM   444  O OD1 . ASP A 1 63  ? -7.684  -21.654 -12.859 1.00 29.87 ? 71  ASP A OD1 1 
ATOM   445  O OD2 . ASP A 1 63  ? -5.852  -22.833 -12.569 1.00 35.02 ? 71  ASP A OD2 1 
ATOM   446  N N   . SER A 1 64  ? -6.599  -18.792 -8.723  1.00 27.10 ? 72  SER A N   1 
ATOM   447  C CA  . SER A 1 64  ? -6.508  -18.312 -7.346  1.00 26.38 ? 72  SER A CA  1 
ATOM   448  C C   . SER A 1 64  ? -7.527  -17.218 -7.040  1.00 27.97 ? 72  SER A C   1 
ATOM   449  O O   . SER A 1 64  ? -7.465  -16.585 -5.986  1.00 28.29 ? 72  SER A O   1 
ATOM   450  C CB  . SER A 1 64  ? -5.100  -17.783 -7.088  1.00 26.81 ? 72  SER A CB  1 
ATOM   451  O OG  . SER A 1 64  ? -4.712  -16.916 -8.144  1.00 25.28 ? 72  SER A OG  1 
ATOM   452  N N   . GLY A 1 65  ? -8.452  -16.987 -7.966  1.00 24.91 ? 73  GLY A N   1 
ATOM   453  C CA  . GLY A 1 65  ? -9.548  -16.063 -7.744  1.00 24.81 ? 73  GLY A CA  1 
ATOM   454  C C   . GLY A 1 65  ? -9.837  -15.212 -8.966  1.00 24.58 ? 73  GLY A C   1 
ATOM   455  O O   . GLY A 1 65  ? -8.961  -14.500 -9.448  1.00 24.39 ? 73  GLY A O   1 
ATOM   456  N N   . LYS A 1 66  ? -11.065 -15.290 -9.475  1.00 25.98 ? 74  LYS A N   1 
ATOM   457  C CA  . LYS A 1 66  ? -11.427 -14.563 -10.690 1.00 24.76 ? 74  LYS A CA  1 
ATOM   458  C C   . LYS A 1 66  ? -11.823 -13.117 -10.426 1.00 23.32 ? 74  LYS A C   1 
ATOM   459  O O   . LYS A 1 66  ? -11.696 -12.270 -11.310 1.00 26.08 ? 74  LYS A O   1 
ATOM   460  C CB  . LYS A 1 66  ? -12.563 -15.268 -11.440 1.00 29.82 ? 74  LYS A CB  1 
ATOM   461  C CG  . LYS A 1 66  ? -12.166 -16.598 -12.056 1.00 35.27 ? 74  LYS A CG  1 
ATOM   462  C CD  . LYS A 1 66  ? -13.359 -17.282 -12.718 1.00 43.05 ? 74  LYS A CD  1 
ATOM   463  C CE  . LYS A 1 66  ? -13.000 -18.690 -13.182 1.00 48.63 ? 74  LYS A CE  1 
ATOM   464  N NZ  . LYS A 1 66  ? -14.203 -19.467 -13.602 1.00 54.00 ? 74  LYS A NZ  1 
ATOM   465  N N   . GLU A 1 67  ? -12.316 -12.828 -9.225  1.00 23.90 ? 75  GLU A N   1 
ATOM   466  C CA  . GLU A 1 67  ? -12.846 -11.499 -8.949  1.00 22.55 ? 75  GLU A CA  1 
ATOM   467  C C   . GLU A 1 67  ? -11.724 -10.479 -8.763  1.00 21.91 ? 75  GLU A C   1 
ATOM   468  O O   . GLU A 1 67  ? -10.771 -10.735 -8.042  1.00 23.29 ? 75  GLU A O   1 
ATOM   469  C CB  . GLU A 1 67  ? -13.740 -11.507 -7.713  1.00 28.08 ? 75  GLU A CB  1 
ATOM   470  C CG  . GLU A 1 67  ? -14.398 -10.163 -7.484  1.00 30.65 ? 75  GLU A CG  1 
ATOM   471  C CD  . GLU A 1 67  ? -15.318 -10.134 -6.281  1.00 36.99 ? 75  GLU A CD  1 
ATOM   472  O OE1 . GLU A 1 67  ? -15.966 -9.084  -6.071  1.00 35.70 ? 75  GLU A OE1 1 
ATOM   473  O OE2 . GLU A 1 67  ? -15.390 -11.153 -5.551  1.00 41.22 ? 75  GLU A OE2 1 
ATOM   474  N N   . LEU A 1 68  ? -11.842 -9.344  -9.442  1.00 20.98 ? 76  LEU A N   1 
ATOM   475  C CA  . LEU A 1 68  ? -10.831 -8.300  -9.373  1.00 18.89 ? 76  LEU A CA  1 
ATOM   476  C C   . LEU A 1 68  ? -11.455 -7.073  -8.737  1.00 19.63 ? 76  LEU A C   1 
ATOM   477  O O   . LEU A 1 68  ? -12.297 -6.400  -9.343  1.00 20.08 ? 76  LEU A O   1 
ATOM   478  C CB  . LEU A 1 68  ? -10.313 -7.963  -10.771 1.00 19.00 ? 76  LEU A CB  1 
ATOM   479  C CG  . LEU A 1 68  ? -9.737  -9.130  -11.572 1.00 19.83 ? 76  LEU A CG  1 
ATOM   480  C CD1 . LEU A 1 68  ? -9.222  -8.626  -12.913 1.00 23.94 ? 76  LEU A CD1 1 
ATOM   481  C CD2 . LEU A 1 68  ? -8.633  -9.826  -10.810 1.00 21.52 ? 76  LEU A CD2 1 
ATOM   482  N N   . HIS A 1 69  ? -11.053 -6.779  -7.505  1.00 17.63 ? 77  HIS A N   1 
ATOM   483  C CA  . HIS A 1 69  ? -11.692 -5.697  -6.779  1.00 17.23 ? 77  HIS A CA  1 
ATOM   484  C C   . HIS A 1 69  ? -10.846 -5.214  -5.622  1.00 16.24 ? 77  HIS A C   1 
ATOM   485  O O   . HIS A 1 69  ? -9.771  -5.770  -5.347  1.00 16.32 ? 77  HIS A O   1 
ATOM   486  C CB  . HIS A 1 69  ? -13.078 -6.114  -6.279  1.00 19.49 ? 77  HIS A CB  1 
ATOM   487  C CG  . HIS A 1 69  ? -13.049 -7.192  -5.248  1.00 22.05 ? 77  HIS A CG  1 
ATOM   488  N ND1 . HIS A 1 69  ? -14.033 -7.333  -4.293  1.00 31.27 ? 77  HIS A ND1 1 
ATOM   489  C CD2 . HIS A 1 69  ? -12.163 -8.192  -5.024  1.00 28.32 ? 77  HIS A CD2 1 
ATOM   490  C CE1 . HIS A 1 69  ? -13.751 -8.368  -3.522  1.00 32.19 ? 77  HIS A CE1 1 
ATOM   491  N NE2 . HIS A 1 69  ? -12.624 -8.909  -3.944  1.00 27.61 ? 77  HIS A NE2 1 
ATOM   492  N N   . ILE A 1 70  ? -11.346 -4.168  -4.971  1.00 15.91 ? 78  ILE A N   1 
ATOM   493  C CA  . ILE A 1 70  ? -10.669 -3.517  -3.861  1.00 16.19 ? 78  ILE A CA  1 
ATOM   494  C C   . ILE A 1 70  ? -11.663 -3.373  -2.707  1.00 17.49 ? 78  ILE A C   1 
ATOM   495  O O   . ILE A 1 70  ? -12.783 -2.898  -2.910  1.00 17.45 ? 78  ILE A O   1 
ATOM   496  C CB  . ILE A 1 70  ? -10.195 -2.110  -4.269  1.00 14.53 ? 78  ILE A CB  1 
ATOM   497  C CG1 . ILE A 1 70  ? -9.204  -2.204  -5.435  1.00 16.34 ? 78  ILE A CG1 1 
ATOM   498  C CG2 . ILE A 1 70  ? -9.563  -1.407  -3.081  1.00 16.56 ? 78  ILE A CG2 1 
ATOM   499  C CD1 . ILE A 1 70  ? -8.867  -0.858  -6.078  1.00 17.37 ? 78  ILE A CD1 1 
ATOM   500  N N   . ASN A 1 71  ? -11.261 -3.792  -1.508  1.00 15.62 ? 79  ASN A N   1 
ATOM   501  C CA  . ASN A 1 71  ? -12.072 -3.594  -0.309  1.00 15.73 ? 79  ASN A CA  1 
ATOM   502  C C   . ASN A 1 71  ? -11.356 -2.646  0.635   1.00 15.69 ? 79  ASN A C   1 
ATOM   503  O O   . ASN A 1 71  ? -10.138 -2.737  0.796   1.00 16.16 ? 79  ASN A O   1 
ATOM   504  C CB  . ASN A 1 71  ? -12.304 -4.911  0.444   1.00 15.64 ? 79  ASN A CB  1 
ATOM   505  C CG  . ASN A 1 71  ? -13.131 -5.910  -0.342  1.00 17.60 ? 79  ASN A CG  1 
ATOM   506  O OD1 . ASN A 1 71  ? -12.997 -7.129  -0.145  1.00 23.28 ? 79  ASN A OD1 1 
ATOM   507  N ND2 . ASN A 1 71  ? -13.984 -5.421  -1.216  1.00 15.64 ? 79  ASN A ND2 1 
ATOM   508  N N   . LEU A 1 72  ? -12.115 -1.744  1.249   1.00 15.12 ? 80  LEU A N   1 
ATOM   509  C CA  . LEU A 1 72  ? -11.580 -0.858  2.277   1.00 14.35 ? 80  LEU A CA  1 
ATOM   510  C C   . LEU A 1 72  ? -12.259 -1.222  3.590   1.00 15.73 ? 80  LEU A C   1 
ATOM   511  O O   . LEU A 1 72  ? -13.480 -1.118  3.705   1.00 16.55 ? 80  LEU A O   1 
ATOM   512  C CB  . LEU A 1 72  ? -11.867 0.610   1.937   1.00 16.12 ? 80  LEU A CB  1 
ATOM   513  C CG  . LEU A 1 72  ? -11.422 1.092   0.559   1.00 15.28 ? 80  LEU A CG  1 
ATOM   514  C CD1 . LEU A 1 72  ? -11.862 2.543   0.362   1.00 17.55 ? 80  LEU A CD1 1 
ATOM   515  C CD2 . LEU A 1 72  ? -9.901  0.989   0.406   1.00 17.60 ? 80  LEU A CD2 1 
ATOM   516  N N   . ILE A 1 73  ? -11.468 -1.630  4.579   1.00 16.29 ? 81  ILE A N   1 
ATOM   517  C CA  . ILE A 1 73  ? -12.014 -2.165  5.818   1.00 15.32 ? 81  ILE A CA  1 
ATOM   518  C C   . ILE A 1 73  ? -11.488 -1.414  7.035   1.00 18.31 ? 81  ILE A C   1 
ATOM   519  O O   . ILE A 1 73  ? -10.336 -1.582  7.424   1.00 17.96 ? 81  ILE A O   1 
ATOM   520  C CB  . ILE A 1 73  ? -11.670 -3.655  5.945   1.00 17.82 ? 81  ILE A CB  1 
ATOM   521  C CG1 . ILE A 1 73  ? -12.060 -4.394  4.663   1.00 16.49 ? 81  ILE A CG1 1 
ATOM   522  C CG2 . ILE A 1 73  ? -12.342 -4.248  7.190   1.00 18.85 ? 81  ILE A CG2 1 
ATOM   523  C CD1 . ILE A 1 73  ? -11.679 -5.866  4.665   1.00 17.93 ? 81  ILE A CD1 1 
ATOM   524  N N   . PRO A 1 74  ? -12.337 -0.568  7.636   1.00 18.46 ? 82  PRO A N   1 
ATOM   525  C CA  . PRO A 1 74  ? -11.951 0.121   8.865   1.00 20.08 ? 82  PRO A CA  1 
ATOM   526  C C   . PRO A 1 74  ? -12.269 -0.750  10.072  1.00 22.88 ? 82  PRO A C   1 
ATOM   527  O O   . PRO A 1 74  ? -13.257 -1.483  10.065  1.00 23.66 ? 82  PRO A O   1 
ATOM   528  C CB  . PRO A 1 74  ? -12.845 1.356   8.856   1.00 21.91 ? 82  PRO A CB  1 
ATOM   529  C CG  . PRO A 1 74  ? -14.106 0.875   8.198   1.00 22.26 ? 82  PRO A CG  1 
ATOM   530  C CD  . PRO A 1 74  ? -13.675 -0.161  7.169   1.00 20.32 ? 82  PRO A CD  1 
ATOM   531  N N   . ASN A 1 75  ? -11.423 -0.675  11.090  1.00 22.69 ? 83  ASN A N   1 
ATOM   532  C CA  . ASN A 1 75  ? -11.659 -1.400  12.328  1.00 24.05 ? 83  ASN A CA  1 
ATOM   533  C C   . ASN A 1 75  ? -11.272 -0.510  13.506  1.00 25.69 ? 83  ASN A C   1 
ATOM   534  O O   . ASN A 1 75  ? -10.094 -0.334  13.791  1.00 24.75 ? 83  ASN A O   1 
ATOM   535  C CB  . ASN A 1 75  ? -10.865 -2.711  12.351  1.00 23.14 ? 83  ASN A CB  1 
ATOM   536  C CG  . ASN A 1 75  ? -11.211 -3.574  13.549  1.00 30.91 ? 83  ASN A CG  1 
ATOM   537  O OD1 . ASN A 1 75  ? -11.248 -3.095  14.678  1.00 27.97 ? 83  ASN A OD1 1 
ATOM   538  N ND2 . ASN A 1 75  ? -11.504 -4.843  13.300  1.00 33.85 ? 83  ASN A ND2 1 
ATOM   539  N N   . LYS A 1 76  ? -12.269 0.051   14.181  1.00 26.74 ? 84  LYS A N   1 
ATOM   540  C CA  . LYS A 1 76  ? -12.017 1.009   15.255  1.00 30.25 ? 84  LYS A CA  1 
ATOM   541  C C   . LYS A 1 76  ? -11.428 0.337   16.492  1.00 29.52 ? 84  LYS A C   1 
ATOM   542  O O   . LYS A 1 76  ? -10.652 0.947   17.220  1.00 31.01 ? 84  LYS A O   1 
ATOM   543  C CB  . LYS A 1 76  ? -13.288 1.791   15.609  1.00 31.61 ? 84  LYS A CB  1 
ATOM   544  C CG  . LYS A 1 76  ? -13.556 2.967   14.671  1.00 33.96 ? 84  LYS A CG  1 
ATOM   545  C CD  . LYS A 1 76  ? -14.947 3.560   14.871  1.00 34.43 ? 84  LYS A CD  1 
ATOM   546  C CE  . LYS A 1 76  ? -15.235 4.646   13.843  1.00 37.96 ? 84  LYS A CE  1 
ATOM   547  N NZ  . LYS A 1 76  ? -16.648 5.126   13.926  1.00 42.34 ? 84  LYS A NZ  1 
ATOM   548  N N   . GLN A 1 77  ? -11.792 -0.921  16.715  1.00 29.49 ? 85  GLN A N   1 
ATOM   549  C CA  . GLN A 1 77  ? -11.245 -1.693  17.829  1.00 33.79 ? 85  GLN A CA  1 
ATOM   550  C C   . GLN A 1 77  ? -9.724  -1.876  17.723  1.00 33.31 ? 85  GLN A C   1 
ATOM   551  O O   . GLN A 1 77  ? -9.008  -1.745  18.720  1.00 34.19 ? 85  GLN A O   1 
ATOM   552  C CB  . GLN A 1 77  ? -11.947 -3.051  17.937  1.00 36.19 ? 85  GLN A CB  1 
ATOM   553  C CG  . GLN A 1 77  ? -13.410 -2.980  18.395  1.00 42.17 ? 85  GLN A CG  1 
ATOM   554  C CD  . GLN A 1 77  ? -14.350 -2.362  17.357  1.00 47.58 ? 85  GLN A CD  1 
ATOM   555  O OE1 . GLN A 1 77  ? -14.142 -2.492  16.143  1.00 44.74 ? 85  GLN A OE1 1 
ATOM   556  N NE2 . GLN A 1 77  ? -15.395 -1.689  17.836  1.00 46.42 ? 85  GLN A NE2 1 
ATOM   557  N N   . ASP A 1 78  ? -9.232  -2.164  16.519  1.00 28.69 ? 86  ASP A N   1 
ATOM   558  C CA  . ASP A 1 78  ? -7.802  -2.353  16.294  1.00 27.18 ? 86  ASP A CA  1 
ATOM   559  C C   . ASP A 1 78  ? -7.121  -1.055  15.852  1.00 23.08 ? 86  ASP A C   1 
ATOM   560  O O   . ASP A 1 78  ? -5.892  -0.985  15.764  1.00 26.12 ? 86  ASP A O   1 
ATOM   561  C CB  . ASP A 1 78  ? -7.559  -3.436  15.237  1.00 28.87 ? 86  ASP A CB  1 
ATOM   562  C CG  . ASP A 1 78  ? -8.246  -4.740  15.565  1.00 35.76 ? 86  ASP A CG  1 
ATOM   563  O OD1 . ASP A 1 78  ? -8.405  -5.051  16.767  1.00 39.55 ? 86  ASP A OD1 1 
ATOM   564  O OD2 . ASP A 1 78  ? -8.627  -5.457  14.617  1.00 38.98 ? 86  ASP A OD2 1 
ATOM   565  N N   . ARG A 1 79  ? -7.923  -0.033  15.580  1.00 24.46 ? 87  ARG A N   1 
ATOM   566  C CA  . ARG A 1 79  ? -7.422  1.216   15.007  1.00 21.89 ? 87  ARG A CA  1 
ATOM   567  C C   . ARG A 1 79  ? -6.645  0.955   13.716  1.00 19.29 ? 87  ARG A C   1 
ATOM   568  O O   . ARG A 1 79  ? -5.543  1.473   13.519  1.00 21.44 ? 87  ARG A O   1 
ATOM   569  C CB  . ARG A 1 79  ? -6.559  2.000   16.001  1.00 21.65 ? 87  ARG A CB  1 
ATOM   570  C CG  . ARG A 1 79  ? -6.468  3.484   15.668  1.00 25.60 ? 87  ARG A CG  1 
ATOM   571  C CD  . ARG A 1 79  ? -5.213  4.120   16.231  1.00 31.20 ? 87  ARG A CD  1 
ATOM   572  N NE  . ARG A 1 79  ? -5.218  4.192   17.685  1.00 35.12 ? 87  ARG A NE  1 
ATOM   573  C CZ  . ARG A 1 79  ? -4.131  4.408   18.424  1.00 37.61 ? 87  ARG A CZ  1 
ATOM   574  N NH1 . ARG A 1 79  ? -2.943  4.563   17.847  1.00 32.08 ? 87  ARG A NH1 1 
ATOM   575  N NH2 . ARG A 1 79  ? -4.228  4.464   19.744  1.00 38.81 ? 87  ARG A NH2 1 
ATOM   576  N N   . THR A 1 80  ? -7.238  0.159   12.836  1.00 19.34 ? 88  THR A N   1 
ATOM   577  C CA  . THR A 1 80  ? -6.621  -0.136  11.543  1.00 18.68 ? 88  THR A CA  1 
ATOM   578  C C   . THR A 1 80  ? -7.536  0.218   10.382  1.00 18.50 ? 88  THR A C   1 
ATOM   579  O O   . THR A 1 80  ? -8.762  0.088   10.475  1.00 19.15 ? 88  THR A O   1 
ATOM   580  C CB  . THR A 1 80  ? -6.247  -1.619  11.407  1.00 19.12 ? 88  THR A CB  1 
ATOM   581  O OG1 . THR A 1 80  ? -7.411  -2.437  11.614  1.00 20.90 ? 88  THR A OG1 1 
ATOM   582  C CG2 . THR A 1 80  ? -5.167  -1.994  12.413  1.00 21.64 ? 88  THR A CG2 1 
ATOM   583  N N   . LEU A 1 81  ? -6.935  0.679   9.289   1.00 16.40 ? 89  LEU A N   1 
ATOM   584  C CA  . LEU A 1 81  ? -7.641  0.754   8.015   1.00 17.54 ? 89  LEU A CA  1 
ATOM   585  C C   . LEU A 1 81  ? -6.902  -0.175  7.064   1.00 14.65 ? 89  LEU A C   1 
ATOM   586  O O   . LEU A 1 81  ? -5.688  -0.026  6.858   1.00 15.94 ? 89  LEU A O   1 
ATOM   587  C CB  . LEU A 1 81  ? -7.652  2.183   7.460   1.00 16.17 ? 89  LEU A CB  1 
ATOM   588  C CG  . LEU A 1 81  ? -8.275  2.351   6.077   1.00 15.94 ? 89  LEU A CG  1 
ATOM   589  C CD1 . LEU A 1 81  ? -9.757  2.005   6.085   1.00 16.93 ? 89  LEU A CD1 1 
ATOM   590  C CD2 . LEU A 1 81  ? -8.070  3.773   5.591   1.00 17.19 ? 89  LEU A CD2 1 
ATOM   591  N N   . THR A 1 82  ? -7.630  -1.136  6.497   1.00 14.52 ? 90  THR A N   1 
ATOM   592  C CA  . THR A 1 82  ? -7.035  -2.127  5.608   1.00 15.04 ? 90  THR A CA  1 
ATOM   593  C C   . THR A 1 82  ? -7.493  -1.924  4.171   1.00 16.40 ? 90  THR A C   1 
ATOM   594  O O   . THR A 1 82  ? -8.684  -1.767  3.900   1.00 16.39 ? 90  THR A O   1 
ATOM   595  C CB  . THR A 1 82  ? -7.388  -3.555  6.056   1.00 15.89 ? 90  THR A CB  1 
ATOM   596  O OG1 . THR A 1 82  ? -6.909  -3.758  7.393   1.00 17.64 ? 90  THR A OG1 1 
ATOM   597  C CG2 . THR A 1 82  ? -6.754  -4.589  5.114   1.00 15.81 ? 90  THR A CG2 1 
ATOM   598  N N   . ILE A 1 83  ? -6.533  -1.887  3.256   1.00 14.47 ? 91  ILE A N   1 
ATOM   599  C CA  . ILE A 1 83  ? -6.843  -1.817  1.833   1.00 16.51 ? 91  ILE A CA  1 
ATOM   600  C C   . ILE A 1 83  ? -6.503  -3.173  1.221   1.00 16.11 ? 91  ILE A C   1 
ATOM   601  O O   . ILE A 1 83  ? -5.335  -3.578  1.217   1.00 15.64 ? 91  ILE A O   1 
ATOM   602  C CB  . ILE A 1 83  ? -6.032  -0.713  1.107   1.00 14.57 ? 91  ILE A CB  1 
ATOM   603  C CG1 . ILE A 1 83  ? -6.337  0.683   1.663   1.00 17.86 ? 91  ILE A CG1 1 
ATOM   604  C CG2 . ILE A 1 83  ? -6.314  -0.738  -0.393  1.00 16.79 ? 91  ILE A CG2 1 
ATOM   605  C CD1 . ILE A 1 83  ? -5.614  1.020   2.956   1.00 20.92 ? 91  ILE A CD1 1 
ATOM   606  N N   . VAL A 1 84  ? -7.525  -3.881  0.740   1.00 14.86 ? 92  VAL A N   1 
ATOM   607  C CA  . VAL A 1 84  ? -7.360  -5.220  0.195   1.00 15.34 ? 92  VAL A CA  1 
ATOM   608  C C   . VAL A 1 84  ? -7.593  -5.204  -1.307  1.00 15.69 ? 92  VAL A C   1 
ATOM   609  O O   . VAL A 1 84  ? -8.578  -4.637  -1.772  1.00 18.13 ? 92  VAL A O   1 
ATOM   610  C CB  . VAL A 1 84  ? -8.399  -6.191  0.789   1.00 18.40 ? 92  VAL A CB  1 
ATOM   611  C CG1 . VAL A 1 84  ? -8.180  -7.617  0.244   1.00 19.16 ? 92  VAL A CG1 1 
ATOM   612  C CG2 . VAL A 1 84  ? -8.345  -6.168  2.298   1.00 19.52 ? 92  VAL A CG2 1 
ATOM   613  N N   . ASP A 1 85  ? -6.693  -5.815  -2.073  1.00 15.04 ? 93  ASP A N   1 
ATOM   614  C CA  . ASP A 1 85  ? -6.979  -6.021  -3.493  1.00 14.81 ? 93  ASP A CA  1 
ATOM   615  C C   . ASP A 1 85  ? -6.705  -7.466  -3.877  1.00 16.23 ? 93  ASP A C   1 
ATOM   616  O O   . ASP A 1 85  ? -5.964  -8.187  -3.195  1.00 16.45 ? 93  ASP A O   1 
ATOM   617  C CB  . ASP A 1 85  ? -6.181  -5.052  -4.385  1.00 14.82 ? 93  ASP A CB  1 
ATOM   618  C CG  . ASP A 1 85  ? -4.678  -5.302  -4.329  1.00 16.72 ? 93  ASP A CG  1 
ATOM   619  O OD1 . ASP A 1 85  ? -4.235  -6.337  -4.867  1.00 17.97 ? 93  ASP A OD1 1 
ATOM   620  O OD2 . ASP A 1 85  ? -3.939  -4.460  -3.768  1.00 16.59 ? 93  ASP A OD2 1 
ATOM   621  N N   . THR A 1 86  ? -7.322  -7.896  -4.970  1.00 16.47 ? 94  THR A N   1 
ATOM   622  C CA  . THR A 1 86  ? -7.049  -9.222  -5.506  1.00 17.33 ? 94  THR A CA  1 
ATOM   623  C C   . THR A 1 86  ? -6.172  -9.118  -6.757  1.00 16.96 ? 94  THR A C   1 
ATOM   624  O O   . THR A 1 86  ? -6.379  -9.826  -7.753  1.00 18.10 ? 94  THR A O   1 
ATOM   625  C CB  . THR A 1 86  ? -8.354  -9.947  -5.811  1.00 18.15 ? 94  THR A CB  1 
ATOM   626  O OG1 . THR A 1 86  ? -9.218  -9.071  -6.538  1.00 16.92 ? 94  THR A OG1 1 
ATOM   627  C CG2 . THR A 1 86  ? -9.056  -10.312 -4.502  1.00 18.78 ? 94  THR A CG2 1 
ATOM   628  N N   . GLY A 1 87  ? -5.189  -8.223  -6.695  1.00 16.51 ? 95  GLY A N   1 
ATOM   629  C CA  . GLY A 1 87  ? -4.237  -8.040  -7.774  1.00 16.05 ? 95  GLY A CA  1 
ATOM   630  C C   . GLY A 1 87  ? -3.209  -9.153  -7.884  1.00 17.17 ? 95  GLY A C   1 
ATOM   631  O O   . GLY A 1 87  ? -3.370  -10.236 -7.318  1.00 17.55 ? 95  GLY A O   1 
ATOM   632  N N   . ILE A 1 88  ? -2.127  -8.872  -8.603  1.00 15.74 ? 96  ILE A N   1 
ATOM   633  C CA  . ILE A 1 88  ? -1.121  -9.888  -8.901  1.00 17.83 ? 96  ILE A CA  1 
ATOM   634  C C   . ILE A 1 88  ? -0.368  -10.380 -7.658  1.00 18.00 ? 96  ILE A C   1 
ATOM   635  O O   . ILE A 1 88  ? 0.150   -11.505 -7.636  1.00 18.55 ? 96  ILE A O   1 
ATOM   636  C CB  . ILE A 1 88  ? -0.131  -9.364  -9.959  1.00 18.85 ? 96  ILE A CB  1 
ATOM   637  C CG1 . ILE A 1 88  ? 0.779   -10.494 -10.452 1.00 21.70 ? 96  ILE A CG1 1 
ATOM   638  C CG2 . ILE A 1 88  ? 0.651   -8.177  -9.414  1.00 19.79 ? 96  ILE A CG2 1 
ATOM   639  C CD1 . ILE A 1 88  ? 1.281   -10.290 -11.855 1.00 26.63 ? 96  ILE A CD1 1 
ATOM   640  N N   . GLY A 1 89  ? -0.316  -9.545  -6.622  1.00 15.13 ? 97  GLY A N   1 
ATOM   641  C CA  . GLY A 1 89  ? 0.404   -9.901  -5.409  1.00 16.18 ? 97  GLY A CA  1 
ATOM   642  C C   . GLY A 1 89  ? 1.902   -9.723  -5.579  1.00 17.39 ? 97  GLY A C   1 
ATOM   643  O O   . GLY A 1 89  ? 2.381   -9.351  -6.650  1.00 19.56 ? 97  GLY A O   1 
ATOM   644  N N   . MET A 1 90  ? 2.650   -9.976  -4.512  1.00 16.83 ? 98  MET A N   1 
ATOM   645  C CA  . MET A 1 90  ? 4.096   -9.775  -4.530  1.00 16.50 ? 98  MET A CA  1 
ATOM   646  C C   . MET A 1 90  ? 4.831   -11.023 -4.081  1.00 17.21 ? 98  MET A C   1 
ATOM   647  O O   . MET A 1 90  ? 4.418   -11.688 -3.140  1.00 17.64 ? 98  MET A O   1 
ATOM   648  C CB  . MET A 1 90  ? 4.474   -8.607  -3.622  1.00 15.68 ? 98  MET A CB  1 
ATOM   649  C CG  . MET A 1 90  ? 4.096   -7.245  -4.218  1.00 16.52 ? 98  MET A CG  1 
ATOM   650  S SD  . MET A 1 90  ? 4.318   -5.815  -3.115  1.00 18.52 ? 98  MET A SD  1 
ATOM   651  C CE  . MET A 1 90  ? 2.984   -6.089  -1.939  1.00 19.92 ? 98  MET A CE  1 
ATOM   652  N N   . THR A 1 91  ? 5.929   -11.319 -4.761  1.00 18.79 ? 99  THR A N   1 
ATOM   653  C CA  . THR A 1 91  ? 6.801   -12.417 -4.366  1.00 21.03 ? 99  THR A CA  1 
ATOM   654  C C   . THR A 1 91  ? 7.693   -11.985 -3.212  1.00 18.35 ? 99  THR A C   1 
ATOM   655  O O   . THR A 1 91  ? 7.772   -10.801 -2.887  1.00 18.86 ? 99  THR A O   1 
ATOM   656  C CB  . THR A 1 91  ? 7.715   -12.821 -5.515  1.00 19.95 ? 99  THR A CB  1 
ATOM   657  O OG1 . THR A 1 91  ? 8.533   -11.704 -5.882  1.00 20.80 ? 99  THR A OG1 1 
ATOM   658  C CG2 . THR A 1 91  ? 6.892   -13.251 -6.721  1.00 21.85 ? 99  THR A CG2 1 
ATOM   659  N N   . LYS A 1 92  ? 8.376   -12.945 -2.596  1.00 18.13 ? 100 LYS A N   1 
ATOM   660  C CA  . LYS A 1 92  ? 9.342   -12.597 -1.562  1.00 20.69 ? 100 LYS A CA  1 
ATOM   661  C C   . LYS A 1 92  ? 10.415  -11.663 -2.113  1.00 20.07 ? 100 LYS A C   1 
ATOM   662  O O   . LYS A 1 92  ? 10.823  -10.718 -1.438  1.00 19.59 ? 100 LYS A O   1 
ATOM   663  C CB  . LYS A 1 92  ? 9.983   -13.856 -0.966  1.00 21.94 ? 100 LYS A CB  1 
ATOM   664  C CG  . LYS A 1 92  ? 10.655  -13.603 0.364   1.00 25.90 ? 100 LYS A CG  1 
ATOM   665  C CD  . LYS A 1 92  ? 11.302  -14.865 0.922   1.00 26.03 ? 100 LYS A CD  1 
ATOM   666  C CE  . LYS A 1 92  ? 12.007  -14.563 2.230   1.00 31.20 ? 100 LYS A CE  1 
ATOM   667  N NZ  . LYS A 1 92  ? 12.905  -15.677 2.640   1.00 35.18 ? 100 LYS A NZ  1 
ATOM   668  N N   . ALA A 1 93  ? 10.867  -11.926 -3.340  1.00 19.06 ? 101 ALA A N   1 
ATOM   669  C CA  . ALA A 1 93  ? 11.877  -11.090 -3.981  1.00 21.69 ? 101 ALA A CA  1 
ATOM   670  C C   . ALA A 1 93  ? 11.364  -9.668  -4.190  1.00 21.27 ? 101 ALA A C   1 
ATOM   671  O O   . ALA A 1 93  ? 12.117  -8.704  -4.072  1.00 19.65 ? 101 ALA A O   1 
ATOM   672  C CB  . ALA A 1 93  ? 12.314  -11.696 -5.310  1.00 23.69 ? 101 ALA A CB  1 
ATOM   673  N N   . ASP A 1 94  ? 10.083  -9.542  -4.508  1.00 20.77 ? 102 ASP A N   1 
ATOM   674  C CA  . ASP A 1 94  ? 9.478   -8.217  -4.641  1.00 19.78 ? 102 ASP A CA  1 
ATOM   675  C C   . ASP A 1 94  ? 9.586   -7.458  -3.327  1.00 20.18 ? 102 ASP A C   1 
ATOM   676  O O   . ASP A 1 94  ? 9.964   -6.283  -3.305  1.00 20.24 ? 102 ASP A O   1 
ATOM   677  C CB  . ASP A 1 94  ? 7.994   -8.325  -4.993  1.00 19.58 ? 102 ASP A CB  1 
ATOM   678  C CG  . ASP A 1 94  ? 7.746   -8.603  -6.459  1.00 20.57 ? 102 ASP A CG  1 
ATOM   679  O OD1 . ASP A 1 94  ? 8.601   -8.248  -7.301  1.00 21.45 ? 102 ASP A OD1 1 
ATOM   680  O OD2 . ASP A 1 94  ? 6.671   -9.165  -6.770  1.00 22.38 ? 102 ASP A OD2 1 
ATOM   681  N N   . LEU A 1 95  ? 9.219   -8.131  -2.234  1.00 17.68 ? 103 LEU A N   1 
ATOM   682  C CA  . LEU A 1 95  ? 9.166   -7.511  -0.912  1.00 18.55 ? 103 LEU A CA  1 
ATOM   683  C C   . LEU A 1 95  ? 10.524  -7.067  -0.420  1.00 21.48 ? 103 LEU A C   1 
ATOM   684  O O   . LEU A 1 95  ? 10.648  -6.021  0.210   1.00 21.97 ? 103 LEU A O   1 
ATOM   685  C CB  . LEU A 1 95  ? 8.562   -8.472  0.115   1.00 18.38 ? 103 LEU A CB  1 
ATOM   686  C CG  . LEU A 1 95  ? 7.088   -8.805  -0.049  1.00 17.76 ? 103 LEU A CG  1 
ATOM   687  C CD1 . LEU A 1 95  ? 6.687   -9.829  0.986   1.00 19.20 ? 103 LEU A CD1 1 
ATOM   688  C CD2 . LEU A 1 95  ? 6.268   -7.541  0.123   1.00 18.96 ? 103 LEU A CD2 1 
ATOM   689  N N   . ILE A 1 96  ? 11.544  -7.870  -0.699  1.00 19.73 ? 104 ILE A N   1 
ATOM   690  C CA  . ILE A 1 96  ? 12.855  -7.647  -0.118  1.00 20.78 ? 104 ILE A CA  1 
ATOM   691  C C   . ILE A 1 96  ? 13.766  -6.802  -1.002  1.00 26.38 ? 104 ILE A C   1 
ATOM   692  O O   . ILE A 1 96  ? 14.462  -5.909  -0.507  1.00 29.15 ? 104 ILE A O   1 
ATOM   693  C CB  . ILE A 1 96  ? 13.546  -8.974  0.181   1.00 20.77 ? 104 ILE A CB  1 
ATOM   694  C CG1 . ILE A 1 96  ? 12.750  -9.729  1.245   1.00 22.46 ? 104 ILE A CG1 1 
ATOM   695  C CG2 . ILE A 1 96  ? 14.976  -8.718  0.647   1.00 26.94 ? 104 ILE A CG2 1 
ATOM   696  C CD1 . ILE A 1 96  ? 13.165  -11.185 1.394   1.00 24.45 ? 104 ILE A CD1 1 
ATOM   697  N N   . ASN A 1 97  ? 13.749  -7.086  -2.302  1.00 23.53 ? 105 ASN A N   1 
ATOM   698  C CA  . ASN A 1 97  ? 14.693  -6.492  -3.245  1.00 27.13 ? 105 ASN A CA  1 
ATOM   699  C C   . ASN A 1 97  ? 14.095  -5.697  -4.411  1.00 26.64 ? 105 ASN A C   1 
ATOM   700  O O   . ASN A 1 97  ? 14.459  -4.535  -4.621  1.00 26.17 ? 105 ASN A O   1 
ATOM   701  C CB  . ASN A 1 97  ? 15.587  -7.588  -3.830  1.00 29.80 ? 105 ASN A CB  1 
ATOM   702  C CG  . ASN A 1 97  ? 16.704  -7.994  -2.895  1.00 35.59 ? 105 ASN A CG  1 
ATOM   703  O OD1 . ASN A 1 97  ? 17.234  -7.168  -2.149  1.00 39.84 ? 105 ASN A OD1 1 
ATOM   704  N ND2 . ASN A 1 97  ? 17.072  -9.269  -2.933  1.00 35.69 ? 105 ASN A ND2 1 
ATOM   705  N N   . ASN A 1 98  ? 13.205  -6.329  -5.178  1.00 22.41 ? 106 ASN A N   1 
ATOM   706  C CA  . ASN A 1 98  ? 12.824  -5.799  -6.483  1.00 20.79 ? 106 ASN A CA  1 
ATOM   707  C C   . ASN A 1 98  ? 12.220  -4.410  -6.388  1.00 21.49 ? 106 ASN A C   1 
ATOM   708  O O   . ASN A 1 98  ? 12.632  -3.503  -7.093  1.00 21.20 ? 106 ASN A O   1 
ATOM   709  C CB  . ASN A 1 98  ? 11.816  -6.703  -7.202  1.00 25.01 ? 106 ASN A CB  1 
ATOM   710  C CG  . ASN A 1 98  ? 12.365  -8.066  -7.537  1.00 29.41 ? 106 ASN A CG  1 
ATOM   711  O OD1 . ASN A 1 98  ? 13.577  -8.257  -7.660  1.00 28.62 ? 106 ASN A OD1 1 
ATOM   712  N ND2 . ASN A 1 98  ? 11.458  -9.032  -7.719  1.00 28.93 ? 106 ASN A ND2 1 
ATOM   713  N N   . LEU A 1 99  ? 11.222  -4.253  -5.527  1.00 19.28 ? 107 LEU A N   1 
ATOM   714  C CA  . LEU A 1 99  ? 10.482  -3.002  -5.512  1.00 21.87 ? 107 LEU A CA  1 
ATOM   715  C C   . LEU A 1 99  ? 11.315  -1.874  -4.906  1.00 21.40 ? 107 LEU A C   1 
ATOM   716  O O   . LEU A 1 99  ? 11.243  -0.733  -5.361  1.00 25.03 ? 107 LEU A O   1 
ATOM   717  C CB  . LEU A 1 99  ? 9.127   -3.178  -4.814  1.00 22.35 ? 107 LEU A CB  1 
ATOM   718  C CG  . LEU A 1 99  ? 8.193   -4.144  -5.562  1.00 24.59 ? 107 LEU A CG  1 
ATOM   719  C CD1 . LEU A 1 99  ? 6.927   -4.412  -4.762  1.00 25.13 ? 107 LEU A CD1 1 
ATOM   720  C CD2 . LEU A 1 99  ? 7.854   -3.619  -6.952  1.00 28.40 ? 107 LEU A CD2 1 
ATOM   721  N N   . GLY A 1 100 ? 12.120  -2.197  -3.900  1.00 21.87 ? 108 GLY A N   1 
ATOM   722  C CA  . GLY A 1 100 ? 13.005  -1.217  -3.295  1.00 24.41 ? 108 GLY A CA  1 
ATOM   723  C C   . GLY A 1 100 ? 14.055  -0.732  -4.273  1.00 25.40 ? 108 GLY A C   1 
ATOM   724  O O   . GLY A 1 100 ? 14.454  0.432   -4.252  1.00 25.35 ? 108 GLY A O   1 
ATOM   725  N N   . THR A 1 101 ? 14.518  -1.630  -5.133  1.00 23.81 ? 109 THR A N   1 
ATOM   726  C CA  . THR A 1 101 ? 15.495  -1.265  -6.146  1.00 24.89 ? 109 THR A CA  1 
ATOM   727  C C   . THR A 1 101 ? 14.901  -0.263  -7.124  1.00 26.04 ? 109 THR A C   1 
ATOM   728  O O   . THR A 1 101 ? 15.514  0.760   -7.435  1.00 32.19 ? 109 THR A O   1 
ATOM   729  C CB  . THR A 1 101 ? 15.986  -2.505  -6.907  1.00 26.40 ? 109 THR A CB  1 
ATOM   730  O OG1 . THR A 1 101 ? 16.746  -3.328  -6.015  1.00 32.03 ? 109 THR A OG1 1 
ATOM   731  C CG2 . THR A 1 101 ? 16.853  -2.101  -8.080  1.00 31.04 ? 109 THR A CG2 1 
ATOM   732  N N   . ILE A 1 102 ? 13.695  -0.550  -7.602  1.00 28.15 ? 110 ILE A N   1 
ATOM   733  C CA  . ILE A 1 102 ? 13.032  0.346   -8.532  1.00 30.56 ? 110 ILE A CA  1 
ATOM   734  C C   . ILE A 1 102 ? 12.701  1.663   -7.837  1.00 29.92 ? 110 ILE A C   1 
ATOM   735  O O   . ILE A 1 102 ? 12.740  2.728   -8.455  1.00 39.28 ? 110 ILE A O   1 
ATOM   736  C CB  . ILE A 1 102 ? 11.755  -0.287  -9.131  1.00 33.27 ? 110 ILE A CB  1 
ATOM   737  C CG1 . ILE A 1 102 ? 12.099  -1.593  -9.853  1.00 33.88 ? 110 ILE A CG1 1 
ATOM   738  C CG2 . ILE A 1 102 ? 11.075  0.675   -10.087 1.00 31.43 ? 110 ILE A CG2 1 
ATOM   739  C CD1 . ILE A 1 102 ? 10.904  -2.289  -10.455 1.00 36.39 ? 110 ILE A CD1 1 
ATOM   740  N N   . ALA A 1 103 ? 12.412  1.590   -6.540  1.00 28.91 ? 111 ALA A N   1 
ATOM   741  C CA  . ALA A 1 103 ? 12.023  2.765   -5.763  1.00 29.99 ? 111 ALA A CA  1 
ATOM   742  C C   . ALA A 1 103 ? 13.175  3.736   -5.495  1.00 30.44 ? 111 ALA A C   1 
ATOM   743  O O   . ALA A 1 103 ? 12.950  4.908   -5.184  1.00 30.65 ? 111 ALA A O   1 
ATOM   744  C CB  . ALA A 1 103 ? 11.397  2.334   -4.449  1.00 29.89 ? 111 ALA A CB  1 
ATOM   745  N N   . LYS A 1 104 ? 14.406  3.247   -5.594  1.00 28.30 ? 112 LYS A N   1 
ATOM   746  C CA  . LYS A 1 104 ? 15.572  4.076   -5.301  1.00 27.19 ? 112 LYS A CA  1 
ATOM   747  C C   . LYS A 1 104 ? 15.631  5.302   -6.215  1.00 27.56 ? 112 LYS A C   1 
ATOM   748  O O   . LYS A 1 104 ? 15.824  6.432   -5.749  1.00 27.76 ? 112 LYS A O   1 
ATOM   749  C CB  . LYS A 1 104 ? 16.854  3.235   -5.406  1.00 31.22 ? 112 LYS A CB  1 
ATOM   750  C CG  . LYS A 1 104 ? 18.147  3.941   -4.999  1.00 36.85 ? 112 LYS A CG  1 
ATOM   751  C CD  . LYS A 1 104 ? 19.316  2.958   -5.053  1.00 38.97 ? 112 LYS A CD  1 
ATOM   752  C CE  . LYS A 1 104 ? 20.665  3.659   -5.112  1.00 47.85 ? 112 LYS A CE  1 
ATOM   753  N NZ  . LYS A 1 104 ? 21.068  4.223   -3.803  1.00 47.60 ? 112 LYS A NZ  1 
ATOM   754  N N   . SER A 1 105 ? 15.445  5.089   -7.513  1.00 26.78 ? 113 SER A N   1 
ATOM   755  C CA  . SER A 1 105 ? 15.505  6.187   -8.464  1.00 26.62 ? 113 SER A CA  1 
ATOM   756  C C   . SER A 1 105 ? 14.323  7.144   -8.310  1.00 27.26 ? 113 SER A C   1 
ATOM   757  O O   . SER A 1 105 ? 14.473  8.356   -8.441  1.00 27.20 ? 113 SER A O   1 
ATOM   758  C CB  . SER A 1 105 ? 15.569  5.661   -9.896  1.00 35.20 ? 113 SER A CB  1 
ATOM   759  O OG  . SER A 1 105 ? 14.416  4.903   -10.192 1.00 39.06 ? 113 SER A OG  1 
ATOM   760  N N   . GLY A 1 106 ? 13.144  6.593   -8.037  1.00 30.18 ? 114 GLY A N   1 
ATOM   761  C CA  . GLY A 1 106 ? 11.958  7.415   -7.890  1.00 24.36 ? 114 GLY A CA  1 
ATOM   762  C C   . GLY A 1 106 ? 12.061  8.279   -6.652  1.00 21.05 ? 114 GLY A C   1 
ATOM   763  O O   . GLY A 1 106 ? 11.580  9.409   -6.632  1.00 22.24 ? 114 GLY A O   1 
ATOM   764  N N   . THR A 1 107 ? 12.676  7.732   -5.611  1.00 20.89 ? 115 THR A N   1 
ATOM   765  C CA  . THR A 1 107 ? 12.849  8.460   -4.363  1.00 21.41 ? 115 THR A CA  1 
ATOM   766  C C   . THR A 1 107 ? 13.774  9.642   -4.573  1.00 22.73 ? 115 THR A C   1 
ATOM   767  O O   . THR A 1 107 ? 13.489  10.748  -4.121  1.00 22.93 ? 115 THR A O   1 
ATOM   768  C CB  . THR A 1 107 ? 13.433  7.568   -3.251  1.00 25.43 ? 115 THR A CB  1 
ATOM   769  O OG1 . THR A 1 107 ? 12.499  6.527   -2.946  1.00 27.79 ? 115 THR A OG1 1 
ATOM   770  C CG2 . THR A 1 107 ? 13.704  8.387   -2.001  1.00 26.84 ? 115 THR A CG2 1 
ATOM   771  N N   . LYS A 1 108 ? 14.883  9.397   -5.262  1.00 23.63 ? 116 LYS A N   1 
ATOM   772  C CA  . LYS A 1 108 ? 15.853  10.453  -5.531  1.00 24.01 ? 116 LYS A CA  1 
ATOM   773  C C   . LYS A 1 108 ? 15.175  11.591  -6.284  1.00 25.89 ? 116 LYS A C   1 
ATOM   774  O O   . LYS A 1 108 ? 15.310  12.762  -5.920  1.00 27.50 ? 116 LYS A O   1 
ATOM   775  C CB  . LYS A 1 108 ? 17.037  9.905   -6.333  1.00 25.97 ? 116 LYS A CB  1 
ATOM   776  C CG  . LYS A 1 108 ? 18.050  10.968  -6.770  1.00 34.70 ? 116 LYS A CG  1 
ATOM   777  C CD  . LYS A 1 108 ? 19.253  10.337  -7.470  1.00 38.21 ? 116 LYS A CD  1 
ATOM   778  C CE  . LYS A 1 108 ? 20.348  11.366  -7.762  1.00 46.29 ? 116 LYS A CE  1 
ATOM   779  N NZ  . LYS A 1 108 ? 19.909  12.421  -8.724  1.00 43.83 ? 116 LYS A NZ  1 
ATOM   780  N N   . ALA A 1 109 ? 14.420  11.238  -7.319  1.00 23.21 ? 117 ALA A N   1 
ATOM   781  C CA  . ALA A 1 109 ? 13.729  12.239  -8.131  1.00 23.25 ? 117 ALA A CA  1 
ATOM   782  C C   . ALA A 1 109 ? 12.689  13.019  -7.323  1.00 25.68 ? 117 ALA A C   1 
ATOM   783  O O   . ALA A 1 109 ? 12.552  14.231  -7.481  1.00 25.44 ? 117 ALA A O   1 
ATOM   784  C CB  . ALA A 1 109 ? 13.084  11.584  -9.339  1.00 22.76 ? 117 ALA A CB  1 
ATOM   785  N N   . PHE A 1 110 ? 11.946  12.316  -6.470  1.00 21.89 ? 118 PHE A N   1 
ATOM   786  C CA  . PHE A 1 110 ? 10.940  12.945  -5.619  1.00 21.95 ? 118 PHE A CA  1 
ATOM   787  C C   . PHE A 1 110 ? 11.614  13.940  -4.680  1.00 23.25 ? 118 PHE A C   1 
ATOM   788  O O   . PHE A 1 110 ? 11.143  15.063  -4.513  1.00 26.70 ? 118 PHE A O   1 
ATOM   789  C CB  . PHE A 1 110 ? 10.178  11.866  -4.828  1.00 20.53 ? 118 PHE A CB  1 
ATOM   790  C CG  . PHE A 1 110 ? 9.079   12.395  -3.931  1.00 21.25 ? 118 PHE A CG  1 
ATOM   791  C CD1 . PHE A 1 110 ? 8.181   13.350  -4.376  1.00 20.33 ? 118 PHE A CD1 1 
ATOM   792  C CD2 . PHE A 1 110 ? 8.925   11.891  -2.651  1.00 20.65 ? 118 PHE A CD2 1 
ATOM   793  C CE1 . PHE A 1 110 ? 7.161   13.814  -3.550  1.00 20.43 ? 118 PHE A CE1 1 
ATOM   794  C CE2 . PHE A 1 110 ? 7.911   12.344  -1.824  1.00 23.51 ? 118 PHE A CE2 1 
ATOM   795  C CZ  . PHE A 1 110 ? 7.025   13.312  -2.275  1.00 21.72 ? 118 PHE A CZ  1 
ATOM   796  N N   . MET A 1 111 ? 12.722  13.518  -4.075  1.00 24.20 ? 119 MET A N   1 
ATOM   797  C CA  . MET A 1 111 ? 13.485  14.375  -3.170  1.00 28.42 ? 119 MET A CA  1 
ATOM   798  C C   . MET A 1 111 ? 13.900  15.645  -3.867  1.00 29.02 ? 119 MET A C   1 
ATOM   799  O O   . MET A 1 111 ? 13.765  16.742  -3.325  1.00 32.18 ? 119 MET A O   1 
ATOM   800  C CB  . MET A 1 111 ? 14.759  13.676  -2.728  1.00 30.46 ? 119 MET A CB  1 
ATOM   801  C CG  . MET A 1 111 ? 14.522  12.421  -1.986  1.00 34.34 ? 119 MET A CG  1 
ATOM   802  S SD  . MET A 1 111 ? 13.641  12.746  -0.469  1.00 50.70 ? 119 MET A SD  1 
ATOM   803  C CE  . MET A 1 111 ? 14.341  11.402  0.453   1.00 24.31 ? 119 MET A CE  1 
ATOM   804  N N   . GLU A 1 112 ? 14.435  15.481  -5.067  1.00 29.50 ? 120 GLU A N   1 
ATOM   805  C CA  . GLU A 1 112 ? 14.895  16.615  -5.853  1.00 33.09 ? 120 GLU A CA  1 
ATOM   806  C C   . GLU A 1 112 ? 13.739  17.539  -6.226  1.00 34.44 ? 120 GLU A C   1 
ATOM   807  O O   . GLU A 1 112 ? 13.861  18.760  -6.133  1.00 34.28 ? 120 GLU A O   1 
ATOM   808  C CB  . GLU A 1 112 ? 15.668  16.130  -7.083  1.00 32.85 ? 120 GLU A CB  1 
ATOM   809  C CG  . GLU A 1 112 ? 16.963  15.403  -6.705  1.00 35.93 ? 120 GLU A CG  1 
ATOM   810  C CD  . GLU A 1 112 ? 17.676  14.781  -7.893  1.00 42.32 ? 120 GLU A CD  1 
ATOM   811  O OE1 . GLU A 1 112 ? 17.003  14.163  -8.746  1.00 43.13 ? 120 GLU A OE1 1 
ATOM   812  O OE2 . GLU A 1 112 ? 18.917  14.907  -7.971  1.00 50.88 ? 120 GLU A OE2 1 
ATOM   813  N N   . ALA A 1 113 ? 12.610  16.956  -6.623  1.00 29.55 ? 121 ALA A N   1 
ATOM   814  C CA  . ALA A 1 113 ? 11.430  17.745  -6.959  1.00 29.76 ? 121 ALA A CA  1 
ATOM   815  C C   . ALA A 1 113 ? 10.954  18.565  -5.765  1.00 30.74 ? 121 ALA A C   1 
ATOM   816  O O   . ALA A 1 113 ? 10.595  19.732  -5.914  1.00 35.42 ? 121 ALA A O   1 
ATOM   817  C CB  . ALA A 1 113 ? 10.320  16.849  -7.473  1.00 28.34 ? 121 ALA A CB  1 
ATOM   818  N N   . LEU A 1 114 ? 10.939  17.956  -4.583  1.00 29.52 ? 122 LEU A N   1 
ATOM   819  C CA  . LEU A 1 114 ? 10.490  18.656  -3.382  1.00 31.52 ? 122 LEU A CA  1 
ATOM   820  C C   . LEU A 1 114 ? 11.352  19.884  -3.132  1.00 37.30 ? 122 LEU A C   1 
ATOM   821  O O   . LEU A 1 114 ? 10.844  20.960  -2.810  1.00 36.15 ? 122 LEU A O   1 
ATOM   822  C CB  . LEU A 1 114 ? 10.540  17.735  -2.166  1.00 28.99 ? 122 LEU A CB  1 
ATOM   823  C CG  . LEU A 1 114 ? 9.476   16.637  -2.134  1.00 26.55 ? 122 LEU A CG  1 
ATOM   824  C CD1 . LEU A 1 114 ? 9.723   15.693  -0.972  1.00 26.83 ? 122 LEU A CD1 1 
ATOM   825  C CD2 . LEU A 1 114 ? 8.086   17.253  -2.044  1.00 27.08 ? 122 LEU A CD2 1 
ATOM   826  N N   . GLN A 1 115 ? 12.660  19.707  -3.284  1.00 37.72 ? 123 GLN A N   1 
ATOM   827  C CA  . GLN A 1 115 ? 13.616  20.796  -3.107  1.00 39.99 ? 123 GLN A CA  1 
ATOM   828  C C   . GLN A 1 115 ? 13.346  21.898  -4.128  1.00 41.08 ? 123 GLN A C   1 
ATOM   829  O O   . GLN A 1 115 ? 13.643  23.072  -3.888  1.00 45.51 ? 123 GLN A O   1 
ATOM   830  C CB  . GLN A 1 115 ? 15.042  20.262  -3.266  1.00 42.66 ? 123 GLN A CB  1 
ATOM   831  C CG  . GLN A 1 115 ? 16.139  21.292  -3.042  1.00 53.79 ? 123 GLN A CG  1 
ATOM   832  C CD  . GLN A 1 115 ? 16.323  21.650  -1.577  1.00 58.32 ? 123 GLN A CD  1 
ATOM   833  O OE1 . GLN A 1 115 ? 17.076  22.568  -1.242  1.00 59.65 ? 123 GLN A OE1 1 
ATOM   834  N NE2 . GLN A 1 115 ? 15.642  20.921  -0.695  1.00 56.54 ? 123 GLN A NE2 1 
ATOM   835  N N   . ALA A 1 116 ? 12.769  21.515  -5.262  1.00 39.70 ? 124 ALA A N   1 
ATOM   836  C CA  . ALA A 1 116 ? 12.503  22.451  -6.351  1.00 38.63 ? 124 ALA A CA  1 
ATOM   837  C C   . ALA A 1 116 ? 11.104  23.072  -6.287  1.00 41.57 ? 124 ALA A C   1 
ATOM   838  O O   . ALA A 1 116 ? 10.712  23.823  -7.183  1.00 43.08 ? 124 ALA A O   1 
ATOM   839  C CB  . ALA A 1 116 ? 12.719  21.771  -7.697  1.00 39.85 ? 124 ALA A CB  1 
ATOM   840  N N   . GLY A 1 117 ? 10.350  22.751  -5.238  1.00 39.67 ? 125 GLY A N   1 
ATOM   841  C CA  . GLY A 1 117 ? 9.036   23.340  -5.052  1.00 37.21 ? 125 GLY A CA  1 
ATOM   842  C C   . GLY A 1 117 ? 7.843   22.405  -5.187  1.00 37.77 ? 125 GLY A C   1 
ATOM   843  O O   . GLY A 1 117 ? 6.695   22.838  -5.077  1.00 36.98 ? 125 GLY A O   1 
ATOM   844  N N   . ALA A 1 118 ? 8.093   21.126  -5.438  1.00 34.06 ? 126 ALA A N   1 
ATOM   845  C CA  . ALA A 1 118 ? 6.995   20.168  -5.493  1.00 29.90 ? 126 ALA A CA  1 
ATOM   846  C C   . ALA A 1 118 ? 6.468   19.957  -4.082  1.00 29.97 ? 126 ALA A C   1 
ATOM   847  O O   . ALA A 1 118 ? 7.113   20.352  -3.112  1.00 30.31 ? 126 ALA A O   1 
ATOM   848  C CB  . ALA A 1 118 ? 7.455   18.854  -6.104  1.00 31.50 ? 126 ALA A CB  1 
ATOM   849  N N   . ASP A 1 119 ? 5.293   19.351  -3.952  1.00 29.70 ? 127 ASP A N   1 
ATOM   850  C CA  . ASP A 1 119 ? 4.806   19.010  -2.623  1.00 28.70 ? 127 ASP A CA  1 
ATOM   851  C C   . ASP A 1 119 ? 4.557   17.512  -2.482  1.00 25.85 ? 127 ASP A C   1 
ATOM   852  O O   . ASP A 1 119 ? 4.548   16.761  -3.461  1.00 24.64 ? 127 ASP A O   1 
ATOM   853  C CB  . ASP A 1 119 ? 3.554   19.803  -2.254  1.00 29.92 ? 127 ASP A CB  1 
ATOM   854  C CG  . ASP A 1 119 ? 2.329   19.304  -2.961  1.00 31.35 ? 127 ASP A CG  1 
ATOM   855  O OD1 . ASP A 1 119 ? 2.194   19.591  -4.168  1.00 37.35 ? 127 ASP A OD1 1 
ATOM   856  O OD2 . ASP A 1 119 ? 1.507   18.624  -2.310  1.00 30.18 ? 127 ASP A OD2 1 
ATOM   857  N N   . ILE A 1 120 ? 4.367   17.091  -1.242  1.00 25.66 ? 128 ILE A N   1 
ATOM   858  C CA  . ILE A 1 120 ? 4.268   15.677  -0.928  1.00 23.31 ? 128 ILE A CA  1 
ATOM   859  C C   . ILE A 1 120 ? 3.153   14.982  -1.709  1.00 25.02 ? 128 ILE A C   1 
ATOM   860  O O   . ILE A 1 120 ? 3.262   13.801  -2.030  1.00 22.82 ? 128 ILE A O   1 
ATOM   861  C CB  . ILE A 1 120 ? 4.141   15.461  0.588   1.00 22.26 ? 128 ILE A CB  1 
ATOM   862  C CG1 . ILE A 1 120 ? 5.495   15.753  1.253   1.00 24.70 ? 128 ILE A CG1 1 
ATOM   863  C CG2 . ILE A 1 120 ? 3.674   14.045  0.896   1.00 21.76 ? 128 ILE A CG2 1 
ATOM   864  C CD1 . ILE A 1 120 ? 5.465   15.797  2.769   1.00 26.69 ? 128 ILE A CD1 1 
ATOM   865  N N   . SER A 1 121 ? 2.099   15.711  -2.059  1.00 22.61 ? 129 SER A N   1 
ATOM   866  C CA  . SER A 1 121 ? 0.978   15.065  -2.738  1.00 23.54 ? 129 SER A CA  1 
ATOM   867  C C   . SER A 1 121 ? 1.352   14.555  -4.127  1.00 24.24 ? 129 SER A C   1 
ATOM   868  O O   . SER A 1 121 ? 0.590   13.812  -4.742  1.00 25.75 ? 129 SER A O   1 
ATOM   869  C CB  . SER A 1 121 ? -0.228  16.001  -2.832  1.00 24.56 ? 129 SER A CB  1 
ATOM   870  O OG  . SER A 1 121 ? -0.023  16.977  -3.836  1.00 25.18 ? 129 SER A OG  1 
ATOM   871  N N   . MET A 1 122 ? 2.522   14.948  -4.626  1.00 23.03 ? 130 MET A N   1 
ATOM   872  C CA  . MET A 1 122 ? 2.959   14.530  -5.957  1.00 21.54 ? 130 MET A CA  1 
ATOM   873  C C   . MET A 1 122 ? 3.760   13.218  -5.941  1.00 21.47 ? 130 MET A C   1 
ATOM   874  O O   . MET A 1 122 ? 4.278   12.770  -6.966  1.00 22.29 ? 130 MET A O   1 
ATOM   875  C CB  . MET A 1 122 ? 3.750   15.666  -6.620  1.00 23.87 ? 130 MET A CB  1 
ATOM   876  C CG  . MET A 1 122 ? 2.885   16.888  -6.848  1.00 27.08 ? 130 MET A CG  1 
ATOM   877  S SD  . MET A 1 122 ? 3.834   18.398  -7.091  1.00 35.61 ? 130 MET A SD  1 
ATOM   878  C CE  . MET A 1 122 ? 4.804   17.938  -8.517  1.00 33.60 ? 130 MET A CE  1 
ATOM   879  N N   . ILE A 1 123 ? 3.811   12.591  -4.773  1.00 21.43 ? 131 ILE A N   1 
ATOM   880  C CA  . ILE A 1 123 ? 4.617   11.388  -4.557  1.00 19.08 ? 131 ILE A CA  1 
ATOM   881  C C   . ILE A 1 123 ? 4.344   10.245  -5.554  1.00 20.55 ? 131 ILE A C   1 
ATOM   882  O O   . ILE A 1 123 ? 5.265   9.523   -5.961  1.00 19.71 ? 131 ILE A O   1 
ATOM   883  C CB  . ILE A 1 123 ? 4.462   10.905  -3.093  1.00 18.32 ? 131 ILE A CB  1 
ATOM   884  C CG1 . ILE A 1 123 ? 5.437   9.766   -2.779  1.00 19.86 ? 131 ILE A CG1 1 
ATOM   885  C CG2 . ILE A 1 123 ? 3.014   10.499  -2.813  1.00 19.33 ? 131 ILE A CG2 1 
ATOM   886  C CD1 . ILE A 1 123 ? 5.405   9.344   -1.314  1.00 19.88 ? 131 ILE A CD1 1 
ATOM   887  N N   . GLY A 1 124 ? 3.083   10.087  -5.953  1.00 22.09 ? 132 GLY A N   1 
ATOM   888  C CA  . GLY A 1 124 ? 2.694   9.041   -6.887  1.00 21.78 ? 132 GLY A CA  1 
ATOM   889  C C   . GLY A 1 124 ? 3.354   9.142   -8.252  1.00 23.29 ? 132 GLY A C   1 
ATOM   890  O O   . GLY A 1 124 ? 3.611   8.129   -8.907  1.00 23.02 ? 132 GLY A O   1 
ATOM   891  N N   . GLN A 1 125 ? 3.647   10.366  -8.679  1.00 22.94 ? 133 GLN A N   1 
ATOM   892  C CA  . GLN A 1 125 ? 4.294   10.562  -9.973  1.00 25.12 ? 133 GLN A CA  1 
ATOM   893  C C   . GLN A 1 125 ? 5.700   9.964   -10.006 1.00 24.34 ? 133 GLN A C   1 
ATOM   894  O O   . GLN A 1 125 ? 6.285   9.775   -11.079 1.00 26.57 ? 133 GLN A O   1 
ATOM   895  C CB  . GLN A 1 125 ? 4.334   12.046  -10.338 1.00 26.11 ? 133 GLN A CB  1 
ATOM   896  C CG  . GLN A 1 125 ? 2.979   12.716  -10.284 1.00 30.00 ? 133 GLN A CG  1 
ATOM   897  C CD  . GLN A 1 125 ? 3.011   14.126  -10.827 1.00 35.40 ? 133 GLN A CD  1 
ATOM   898  O OE1 . GLN A 1 125 ? 3.626   14.387  -11.862 1.00 39.08 ? 133 GLN A OE1 1 
ATOM   899  N NE2 . GLN A 1 125 ? 2.353   15.047  -10.127 1.00 37.80 ? 133 GLN A NE2 1 
ATOM   900  N N   . PHE A 1 126 ? 6.239   9.651   -8.827  1.00 19.36 ? 134 PHE A N   1 
ATOM   901  C CA  . PHE A 1 126 ? 7.595   9.118   -8.718  1.00 19.79 ? 134 PHE A CA  1 
ATOM   902  C C   . PHE A 1 126 ? 7.604   7.636   -8.367  1.00 22.33 ? 134 PHE A C   1 
ATOM   903  O O   . PHE A 1 126 ? 8.662   7.037   -8.171  1.00 22.25 ? 134 PHE A O   1 
ATOM   904  C CB  . PHE A 1 126 ? 8.412   9.958   -7.731  1.00 21.13 ? 134 PHE A CB  1 
ATOM   905  C CG  . PHE A 1 126 ? 8.433   11.410  -8.091  1.00 21.44 ? 134 PHE A CG  1 
ATOM   906  C CD1 . PHE A 1 126 ? 9.404   11.902  -8.950  1.00 22.02 ? 134 PHE A CD1 1 
ATOM   907  C CD2 . PHE A 1 126 ? 7.453   12.268  -7.628  1.00 20.72 ? 134 PHE A CD2 1 
ATOM   908  C CE1 . PHE A 1 126 ? 9.419   13.233  -9.312  1.00 22.15 ? 134 PHE A CE1 1 
ATOM   909  C CE2 . PHE A 1 126 ? 7.463   13.612  -7.992  1.00 22.59 ? 134 PHE A CE2 1 
ATOM   910  C CZ  . PHE A 1 126 ? 8.447   14.086  -8.836  1.00 22.29 ? 134 PHE A CZ  1 
ATOM   911  N N   . GLY A 1 127 ? 6.410   7.048   -8.308  1.00 22.02 ? 135 GLY A N   1 
ATOM   912  C CA  . GLY A 1 127 ? 6.277   5.609   -8.189  1.00 19.84 ? 135 GLY A CA  1 
ATOM   913  C C   . GLY A 1 127 ? 6.453   5.076   -6.781  1.00 19.25 ? 135 GLY A C   1 
ATOM   914  O O   . GLY A 1 127 ? 6.501   3.859   -6.579  1.00 21.30 ? 135 GLY A O   1 
ATOM   915  N N   . VAL A 1 128 ? 6.538   5.982   -5.809  1.00 19.20 ? 136 VAL A N   1 
ATOM   916  C CA  . VAL A 1 128 ? 6.775   5.586   -4.423  1.00 17.84 ? 136 VAL A CA  1 
ATOM   917  C C   . VAL A 1 128 ? 5.620   5.973   -3.500  1.00 16.52 ? 136 VAL A C   1 
ATOM   918  O O   . VAL A 1 128 ? 5.790   6.130   -2.280  1.00 16.75 ? 136 VAL A O   1 
ATOM   919  C CB  . VAL A 1 128 ? 8.120   6.135   -3.894  1.00 17.66 ? 136 VAL A CB  1 
ATOM   920  C CG1 . VAL A 1 128 ? 9.277   5.482   -4.645  1.00 21.11 ? 136 VAL A CG1 1 
ATOM   921  C CG2 . VAL A 1 128 ? 8.172   7.656   -4.018  1.00 19.95 ? 136 VAL A CG2 1 
ATOM   922  N N   . GLY A 1 129 ? 4.437   6.092   -4.086  1.00 16.43 ? 137 GLY A N   1 
ATOM   923  C CA  . GLY A 1 129 ? 3.242   6.444   -3.339  1.00 15.60 ? 137 GLY A CA  1 
ATOM   924  C C   . GLY A 1 129 ? 2.895   5.524   -2.171  1.00 15.12 ? 137 GLY A C   1 
ATOM   925  O O   . GLY A 1 129 ? 2.253   5.960   -1.228  1.00 15.88 ? 137 GLY A O   1 
ATOM   926  N N   . PHE A 1 130 ? 3.310   4.259   -2.215  1.00 15.03 ? 138 PHE A N   1 
ATOM   927  C CA  . PHE A 1 130 ? 3.097   3.364   -1.070  1.00 12.39 ? 138 PHE A CA  1 
ATOM   928  C C   . PHE A 1 130 ? 3.521   4.003   0.249   1.00 14.99 ? 138 PHE A C   1 
ATOM   929  O O   . PHE A 1 130 ? 2.825   3.874   1.259   1.00 14.92 ? 138 PHE A O   1 
ATOM   930  C CB  . PHE A 1 130 ? 3.854   2.035   -1.252  1.00 15.16 ? 138 PHE A CB  1 
ATOM   931  C CG  . PHE A 1 130 ? 3.883   1.191   -0.013  1.00 14.55 ? 138 PHE A CG  1 
ATOM   932  C CD1 . PHE A 1 130 ? 2.786   0.424   0.338   1.00 16.21 ? 138 PHE A CD1 1 
ATOM   933  C CD2 . PHE A 1 130 ? 4.991   1.197   0.823   1.00 16.05 ? 138 PHE A CD2 1 
ATOM   934  C CE1 . PHE A 1 130 ? 2.797   -0.345  1.496   1.00 15.44 ? 138 PHE A CE1 1 
ATOM   935  C CE2 . PHE A 1 130 ? 5.000   0.428   1.986   1.00 15.51 ? 138 PHE A CE2 1 
ATOM   936  C CZ  . PHE A 1 130 ? 3.904   -0.338  2.316   1.00 18.25 ? 138 PHE A CZ  1 
ATOM   937  N N   . TYR A 1 131 ? 4.664   4.694   0.236   1.00 15.51 ? 139 TYR A N   1 
ATOM   938  C CA  . TYR A 1 131 ? 5.217   5.267   1.470   1.00 15.19 ? 139 TYR A CA  1 
ATOM   939  C C   . TYR A 1 131 ? 4.404   6.430   2.053   1.00 13.78 ? 139 TYR A C   1 
ATOM   940  O O   . TYR A 1 131 ? 4.600   6.812   3.214   1.00 16.10 ? 139 TYR A O   1 
ATOM   941  C CB  . TYR A 1 131 ? 6.716   5.592   1.309   1.00 14.63 ? 139 TYR A CB  1 
ATOM   942  C CG  . TYR A 1 131 ? 7.531   4.313   1.244   1.00 16.11 ? 139 TYR A CG  1 
ATOM   943  C CD1 . TYR A 1 131 ? 7.798   3.592   2.403   1.00 17.33 ? 139 TYR A CD1 1 
ATOM   944  C CD2 . TYR A 1 131 ? 7.966   3.796   0.030   1.00 16.93 ? 139 TYR A CD2 1 
ATOM   945  C CE1 . TYR A 1 131 ? 8.507   2.404   2.365   1.00 17.71 ? 139 TYR A CE1 1 
ATOM   946  C CE2 . TYR A 1 131 ? 8.691   2.598   -0.020  1.00 20.16 ? 139 TYR A CE2 1 
ATOM   947  C CZ  . TYR A 1 131 ? 8.950   1.916   1.154   1.00 19.49 ? 139 TYR A CZ  1 
ATOM   948  O OH  . TYR A 1 131 ? 9.663   0.736   1.133   1.00 21.65 ? 139 TYR A OH  1 
ATOM   949  N N   . SER A 1 132 ? 3.466   6.964   1.275   1.00 14.67 ? 140 SER A N   1 
ATOM   950  C CA  . SER A 1 132 ? 2.533   7.944   1.819   1.00 14.36 ? 140 SER A CA  1 
ATOM   951  C C   . SER A 1 132 ? 1.687   7.334   2.943   1.00 14.80 ? 140 SER A C   1 
ATOM   952  O O   . SER A 1 132 ? 1.051   8.056   3.704   1.00 15.51 ? 140 SER A O   1 
ATOM   953  C CB  . SER A 1 132 ? 1.632   8.533   0.718   1.00 15.62 ? 140 SER A CB  1 
ATOM   954  O OG  . SER A 1 132 ? 0.697   7.569   0.259   1.00 15.84 ? 140 SER A OG  1 
ATOM   955  N N   . ALA A 1 133 ? 1.674   6.000   3.038   1.00 15.10 ? 141 ALA A N   1 
ATOM   956  C CA  . ALA A 1 133 ? 1.003   5.339   4.150   1.00 14.01 ? 141 ALA A CA  1 
ATOM   957  C C   . ALA A 1 133 ? 1.477   5.898   5.488   1.00 14.59 ? 141 ALA A C   1 
ATOM   958  O O   . ALA A 1 133 ? 0.693   5.963   6.446   1.00 15.08 ? 141 ALA A O   1 
ATOM   959  C CB  . ALA A 1 133 ? 1.245   3.826   4.102   1.00 16.48 ? 141 ALA A CB  1 
ATOM   960  N N   . TYR A 1 134 ? 2.756   6.276   5.556   1.00 14.57 ? 142 TYR A N   1 
ATOM   961  C CA  . TYR A 1 134 ? 3.340   6.768   6.812   1.00 15.44 ? 142 TYR A CA  1 
ATOM   962  C C   . TYR A 1 134 ? 2.931   8.194   7.194   1.00 17.82 ? 142 TYR A C   1 
ATOM   963  O O   . TYR A 1 134 ? 3.309   8.685   8.257   1.00 18.98 ? 142 TYR A O   1 
ATOM   964  C CB  . TYR A 1 134 ? 4.867   6.556   6.836   1.00 15.43 ? 142 TYR A CB  1 
ATOM   965  C CG  . TYR A 1 134 ? 5.187   5.079   6.907   1.00 14.19 ? 142 TYR A CG  1 
ATOM   966  C CD1 . TYR A 1 134 ? 5.301   4.436   8.137   1.00 15.58 ? 142 TYR A CD1 1 
ATOM   967  C CD2 . TYR A 1 134 ? 5.312   4.322   5.754   1.00 14.57 ? 142 TYR A CD2 1 
ATOM   968  C CE1 . TYR A 1 134 ? 5.559   3.073   8.213   1.00 16.78 ? 142 TYR A CE1 1 
ATOM   969  C CE2 . TYR A 1 134 ? 5.558   2.959   5.820   1.00 15.20 ? 142 TYR A CE2 1 
ATOM   970  C CZ  . TYR A 1 134 ? 5.677   2.345   7.051   1.00 15.22 ? 142 TYR A CZ  1 
ATOM   971  O OH  . TYR A 1 134 ? 5.925   0.988   7.102   1.00 15.14 ? 142 TYR A OH  1 
ATOM   972  N N   . LEU A 1 135 ? 2.127   8.831   6.351   1.00 15.54 ? 143 LEU A N   1 
ATOM   973  C CA  . LEU A 1 135 ? 1.485   10.090  6.725   1.00 15.38 ? 143 LEU A CA  1 
ATOM   974  C C   . LEU A 1 135 ? 0.473   9.856   7.838   1.00 17.34 ? 143 LEU A C   1 
ATOM   975  O O   . LEU A 1 135 ? 0.247   10.730  8.681   1.00 20.14 ? 143 LEU A O   1 
ATOM   976  C CB  . LEU A 1 135 ? 0.771   10.704  5.521   1.00 16.33 ? 143 LEU A CB  1 
ATOM   977  C CG  . LEU A 1 135 ? 1.643   11.238  4.389   1.00 17.46 ? 143 LEU A CG  1 
ATOM   978  C CD1 . LEU A 1 135 ? 0.778   11.524  3.175   1.00 17.23 ? 143 LEU A CD1 1 
ATOM   979  C CD2 . LEU A 1 135 ? 2.423   12.485  4.830   1.00 17.35 ? 143 LEU A CD2 1 
ATOM   980  N N   . VAL A 1 136 ? -0.144  8.678   7.838   1.00 16.27 ? 144 VAL A N   1 
ATOM   981  C CA  . VAL A 1 136 ? -1.217  8.402   8.785   1.00 18.26 ? 144 VAL A CA  1 
ATOM   982  C C   . VAL A 1 136 ? -0.981  7.184   9.680   1.00 18.56 ? 144 VAL A C   1 
ATOM   983  O O   . VAL A 1 136 ? -1.673  7.021   10.679  1.00 18.26 ? 144 VAL A O   1 
ATOM   984  C CB  . VAL A 1 136 ? -2.601  8.273   8.087   1.00 18.15 ? 144 VAL A CB  1 
ATOM   985  C CG1 . VAL A 1 136 ? -2.962  9.573   7.360   1.00 17.62 ? 144 VAL A CG1 1 
ATOM   986  C CG2 . VAL A 1 136 ? -2.622  7.092   7.118   1.00 17.58 ? 144 VAL A CG2 1 
ATOM   987  N N   . ALA A 1 137 ? -0.026  6.325   9.320   1.00 18.30 ? 145 ALA A N   1 
ATOM   988  C CA  . ALA A 1 137 ? 0.186   5.072   10.046  1.00 16.93 ? 145 ALA A CA  1 
ATOM   989  C C   . ALA A 1 137 ? 1.500   5.084   10.810  1.00 16.55 ? 145 ALA A C   1 
ATOM   990  O O   . ALA A 1 137 ? 2.515   5.508   10.276  1.00 18.25 ? 145 ALA A O   1 
ATOM   991  C CB  . ALA A 1 137 ? 0.173   3.885   9.074   1.00 15.91 ? 145 ALA A CB  1 
ATOM   992  N N   . GLU A 1 138 ? 1.470   4.599   12.050  1.00 17.74 ? 146 GLU A N   1 
ATOM   993  C CA  . GLU A 1 138 ? 2.681   4.401   12.842  1.00 21.03 ? 146 GLU A CA  1 
ATOM   994  C C   . GLU A 1 138 ? 3.377   3.090   12.462  1.00 19.88 ? 146 GLU A C   1 
ATOM   995  O O   . GLU A 1 138 ? 4.575   2.948   12.649  1.00 21.37 ? 146 GLU A O   1 
ATOM   996  C CB  . GLU A 1 138 ? 2.348   4.409   14.338  1.00 23.00 ? 146 GLU A CB  1 
ATOM   997  C CG  . GLU A 1 138 ? 1.415   3.296   14.778  1.00 26.27 ? 146 GLU A CG  1 
ATOM   998  C CD  . GLU A 1 138 ? 1.022   3.401   16.246  1.00 34.64 ? 146 GLU A CD  1 
ATOM   999  O OE1 . GLU A 1 138 ? 1.408   4.397   16.902  1.00 36.08 ? 146 GLU A OE1 1 
ATOM   1000 O OE2 . GLU A 1 138 ? 0.321   2.488   16.740  1.00 34.17 ? 146 GLU A OE2 1 
ATOM   1001 N N   . LYS A 1 139 ? 2.601   2.139   11.944  1.00 18.91 ? 147 LYS A N   1 
ATOM   1002 C CA  . LYS A 1 139 ? 3.119   0.847   11.498  1.00 17.80 ? 147 LYS A CA  1 
ATOM   1003 C C   . LYS A 1 139 ? 2.286   0.409   10.311  1.00 18.88 ? 147 LYS A C   1 
ATOM   1004 O O   . LYS A 1 139 ? 1.081   0.648   10.278  1.00 17.11 ? 147 LYS A O   1 
ATOM   1005 C CB  . LYS A 1 139 ? 2.999   -0.198  12.612  1.00 18.87 ? 147 LYS A CB  1 
ATOM   1006 C CG  . LYS A 1 139 ? 3.556   -1.569  12.230  1.00 18.53 ? 147 LYS A CG  1 
ATOM   1007 C CD  . LYS A 1 139 ? 3.644   -2.517  13.424  1.00 21.19 ? 147 LYS A CD  1 
ATOM   1008 C CE  . LYS A 1 139 ? 2.276   -2.944  13.920  1.00 25.72 ? 147 LYS A CE  1 
ATOM   1009 N NZ  . LYS A 1 139 ? 2.416   -3.777  15.162  1.00 31.49 ? 147 LYS A NZ  1 
ATOM   1010 N N   . VAL A 1 140 ? 2.929   -0.204  9.325   1.00 15.90 ? 148 VAL A N   1 
ATOM   1011 C CA  . VAL A 1 140 ? 2.204   -0.746  8.188   1.00 14.91 ? 148 VAL A CA  1 
ATOM   1012 C C   . VAL A 1 140 ? 2.555   -2.216  8.063   1.00 14.91 ? 148 VAL A C   1 
ATOM   1013 O O   . VAL A 1 140 ? 3.729   -2.596  8.139   1.00 15.99 ? 148 VAL A O   1 
ATOM   1014 C CB  . VAL A 1 140 ? 2.561   -0.003  6.895   1.00 14.83 ? 148 VAL A CB  1 
ATOM   1015 C CG1 . VAL A 1 140 ? 1.806   -0.604  5.709   1.00 15.36 ? 148 VAL A CG1 1 
ATOM   1016 C CG2 . VAL A 1 140 ? 2.260   1.496   7.046   1.00 17.27 ? 148 VAL A CG2 1 
ATOM   1017 N N   . THR A 1 141 ? 1.531   -3.051  7.909   1.00 15.88 ? 149 THR A N   1 
ATOM   1018 C CA  . THR A 1 141 ? 1.738   -4.478  7.724   1.00 15.63 ? 149 THR A CA  1 
ATOM   1019 C C   . THR A 1 141 ? 1.179   -4.805  6.360   1.00 16.12 ? 149 THR A C   1 
ATOM   1020 O O   . THR A 1 141 ? 0.075   -4.377  6.026   1.00 16.75 ? 149 THR A O   1 
ATOM   1021 C CB  . THR A 1 141 ? 0.978   -5.296  8.772   1.00 16.54 ? 149 THR A CB  1 
ATOM   1022 O OG1 . THR A 1 141 ? 1.332   -4.831  10.075  1.00 18.35 ? 149 THR A OG1 1 
ATOM   1023 C CG2 . THR A 1 141 ? 1.323   -6.782  8.653   1.00 19.20 ? 149 THR A CG2 1 
ATOM   1024 N N   . VAL A 1 142 ? 1.943   -5.530  5.559   1.00 14.92 ? 150 VAL A N   1 
ATOM   1025 C CA  . VAL A 1 142 ? 1.500   -5.876  4.213   1.00 14.38 ? 150 VAL A CA  1 
ATOM   1026 C C   . VAL A 1 142 ? 1.450   -7.388  4.089   1.00 15.16 ? 150 VAL A C   1 
ATOM   1027 O O   . VAL A 1 142 ? 2.469   -8.062  4.240   1.00 16.93 ? 150 VAL A O   1 
ATOM   1028 C CB  . VAL A 1 142 ? 2.443   -5.293  3.131   1.00 15.54 ? 150 VAL A CB  1 
ATOM   1029 C CG1 . VAL A 1 142 ? 1.999   -5.747  1.739   1.00 17.65 ? 150 VAL A CG1 1 
ATOM   1030 C CG2 . VAL A 1 142 ? 2.461   -3.771  3.210   1.00 16.49 ? 150 VAL A CG2 1 
ATOM   1031 N N   . ILE A 1 143 ? 0.260   -7.926  3.835   1.00 15.52 ? 151 ILE A N   1 
ATOM   1032 C CA  . ILE A 1 143 ? 0.104   -9.361  3.633   1.00 16.11 ? 151 ILE A CA  1 
ATOM   1033 C C   . ILE A 1 143 ? -0.094  -9.558  2.143   1.00 15.45 ? 151 ILE A C   1 
ATOM   1034 O O   . ILE A 1 143 ? -0.906  -8.878  1.529   1.00 16.40 ? 151 ILE A O   1 
ATOM   1035 C CB  . ILE A 1 143 ? -1.134  -9.926  4.362   1.00 18.03 ? 151 ILE A CB  1 
ATOM   1036 C CG1 . ILE A 1 143 ? -1.204  -9.446  5.808   1.00 21.40 ? 151 ILE A CG1 1 
ATOM   1037 C CG2 . ILE A 1 143 ? -1.127  -11.446 4.321   1.00 18.22 ? 151 ILE A CG2 1 
ATOM   1038 C CD1 . ILE A 1 143 ? -0.035  -9.846  6.637   1.00 22.26 ? 151 ILE A CD1 1 
ATOM   1039 N N   . THR A 1 144 ? 0.647   -10.480 1.548   1.00 15.26 ? 152 THR A N   1 
ATOM   1040 C CA  . THR A 1 144 ? 0.601   -10.594 0.098   1.00 15.61 ? 152 THR A CA  1 
ATOM   1041 C C   . THR A 1 144 ? 0.799   -12.036 -0.358  1.00 18.23 ? 152 THR A C   1 
ATOM   1042 O O   . THR A 1 144 ? 1.493   -12.810 0.285   1.00 19.22 ? 152 THR A O   1 
ATOM   1043 C CB  . THR A 1 144 ? 1.629   -9.645  -0.571  1.00 16.34 ? 152 THR A CB  1 
ATOM   1044 O OG1 . THR A 1 144 ? 1.363   -9.540  -1.979  1.00 15.70 ? 152 THR A OG1 1 
ATOM   1045 C CG2 . THR A 1 144 ? 3.067   -10.126 -0.331  1.00 17.06 ? 152 THR A CG2 1 
ATOM   1046 N N   . LYS A 1 145 ? 0.169   -12.374 -1.470  1.00 16.05 ? 153 LYS A N   1 
ATOM   1047 C CA  . LYS A 1 145 ? 0.238   -13.717 -2.031  1.00 18.16 ? 153 LYS A CA  1 
ATOM   1048 C C   . LYS A 1 145 ? 0.260   -13.613 -3.548  1.00 18.25 ? 153 LYS A C   1 
ATOM   1049 O O   . LYS A 1 145 ? -0.681  -13.098 -4.151  1.00 17.44 ? 153 LYS A O   1 
ATOM   1050 C CB  . LYS A 1 145 ? -0.961  -14.540 -1.566  1.00 17.14 ? 153 LYS A CB  1 
ATOM   1051 C CG  . LYS A 1 145 ? -1.070  -15.913 -2.237  1.00 20.82 ? 153 LYS A CG  1 
ATOM   1052 C CD  . LYS A 1 145 ? 0.042   -16.844 -1.787  1.00 19.29 ? 153 LYS A CD  1 
ATOM   1053 C CE  . LYS A 1 145 ? -0.189  -18.259 -2.333  1.00 22.36 ? 153 LYS A CE  1 
ATOM   1054 N NZ  . LYS A 1 145 ? 0.009   -18.356 -3.806  1.00 22.89 ? 153 LYS A NZ  1 
ATOM   1055 N N   . HIS A 1 146 ? 1.357   -14.073 -4.140  1.00 19.19 ? 154 HIS A N   1 
ATOM   1056 C CA  . HIS A 1 146 ? 1.535   -14.112 -5.582  1.00 18.51 ? 154 HIS A CA  1 
ATOM   1057 C C   . HIS A 1 146 ? 1.371   -15.570 -5.994  1.00 21.07 ? 154 HIS A C   1 
ATOM   1058 O O   . HIS A 1 146 ? 1.708   -16.472 -5.228  1.00 22.26 ? 154 HIS A O   1 
ATOM   1059 C CB  . HIS A 1 146 ? 2.947   -13.623 -5.916  1.00 19.99 ? 154 HIS A CB  1 
ATOM   1060 C CG  . HIS A 1 146 ? 3.215   -13.457 -7.377  1.00 21.45 ? 154 HIS A CG  1 
ATOM   1061 N ND1 . HIS A 1 146 ? 3.491   -14.522 -8.209  1.00 21.21 ? 154 HIS A ND1 1 
ATOM   1062 C CD2 . HIS A 1 146 ? 3.286   -12.348 -8.150  1.00 21.87 ? 154 HIS A CD2 1 
ATOM   1063 C CE1 . HIS A 1 146 ? 3.704   -14.076 -9.434  1.00 22.50 ? 154 HIS A CE1 1 
ATOM   1064 N NE2 . HIS A 1 146 ? 3.586   -12.760 -9.424  1.00 22.39 ? 154 HIS A NE2 1 
ATOM   1065 N N   . ASN A 1 147 ? 0.819   -15.811 -7.177  1.00 20.71 ? 155 ASN A N   1 
ATOM   1066 C CA  . ASN A 1 147 ? 0.777   -17.176 -7.694  1.00 23.52 ? 155 ASN A CA  1 
ATOM   1067 C C   . ASN A 1 147 ? 2.178   -17.792 -7.655  1.00 25.84 ? 155 ASN A C   1 
ATOM   1068 O O   . ASN A 1 147 ? 3.165   -17.124 -7.945  1.00 25.09 ? 155 ASN A O   1 
ATOM   1069 C CB  . ASN A 1 147 ? 0.248   -17.197 -9.132  1.00 22.97 ? 155 ASN A CB  1 
ATOM   1070 C CG  . ASN A 1 147 ? -1.236  -16.870 -9.227  1.00 22.84 ? 155 ASN A CG  1 
ATOM   1071 O OD1 . ASN A 1 147 ? -2.005  -17.096 -8.290  1.00 23.13 ? 155 ASN A OD1 1 
ATOM   1072 N ND2 . ASN A 1 147 ? -1.647  -16.346 -10.376 1.00 23.58 ? 155 ASN A ND2 1 
ATOM   1073 N N   . ASP A 1 148 ? 2.275   -19.063 -7.297  1.00 29.00 ? 156 ASP A N   1 
ATOM   1074 C CA  . ASP A 1 148 ? 3.584   -19.725 -7.302  1.00 35.47 ? 156 ASP A CA  1 
ATOM   1075 C C   . ASP A 1 148 ? 4.600   -19.195 -6.269  1.00 36.25 ? 156 ASP A C   1 
ATOM   1076 O O   . ASP A 1 148 ? 5.795   -19.473 -6.379  1.00 37.97 ? 156 ASP A O   1 
ATOM   1077 C CB  . ASP A 1 148 ? 4.214   -19.644 -8.698  1.00 37.39 ? 156 ASP A CB  1 
ATOM   1078 C CG  . ASP A 1 148 ? 3.250   -20.031 -9.800  1.00 39.26 ? 156 ASP A CG  1 
ATOM   1079 O OD1 . ASP A 1 148 ? 2.647   -21.124 -9.710  1.00 39.31 ? 156 ASP A OD1 1 
ATOM   1080 O OD2 . ASP A 1 148 ? 3.092   -19.232 -10.752 1.00 44.40 ? 156 ASP A OD2 1 
ATOM   1081 N N   . ASP A 1 149 ? 4.147   -18.415 -5.293  1.00 30.92 ? 157 ASP A N   1 
ATOM   1082 C CA  . ASP A 1 149 ? 4.969   -18.144 -4.113  1.00 28.47 ? 157 ASP A CA  1 
ATOM   1083 C C   . ASP A 1 149 ? 4.079   -18.258 -2.881  1.00 25.87 ? 157 ASP A C   1 
ATOM   1084 O O   . ASP A 1 149 ? 2.862   -18.411 -3.001  1.00 26.19 ? 157 ASP A O   1 
ATOM   1085 C CB  . ASP A 1 149 ? 5.660   -16.775 -4.183  1.00 27.08 ? 157 ASP A CB  1 
ATOM   1086 C CG  . ASP A 1 149 ? 6.949   -16.715 -3.357  1.00 28.93 ? 157 ASP A CG  1 
ATOM   1087 O OD1 . ASP A 1 149 ? 7.177   -17.604 -2.508  1.00 27.25 ? 157 ASP A OD1 1 
ATOM   1088 O OD2 . ASP A 1 149 ? 7.749   -15.769 -3.549  1.00 28.04 ? 157 ASP A OD2 1 
ATOM   1089 N N   . GLU A 1 150 ? 4.689   -18.197 -1.704  1.00 25.71 ? 158 GLU A N   1 
ATOM   1090 C CA  . GLU A 1 150 ? 3.973   -18.358 -0.451  1.00 25.47 ? 158 GLU A CA  1 
ATOM   1091 C C   . GLU A 1 150 ? 3.289   -17.058 -0.048  1.00 21.75 ? 158 GLU A C   1 
ATOM   1092 O O   . GLU A 1 150 ? 3.543   -16.011 -0.645  1.00 25.28 ? 158 GLU A O   1 
ATOM   1093 C CB  . GLU A 1 150 ? 4.952   -18.789 0.641   1.00 27.34 ? 158 GLU A CB  1 
ATOM   1094 C CG  . GLU A 1 150 ? 5.694   -20.069 0.314   1.00 36.85 ? 158 GLU A CG  1 
ATOM   1095 C CD  . GLU A 1 150 ? 4.743   -21.215 0.049   1.00 40.10 ? 158 GLU A CD  1 
ATOM   1096 O OE1 . GLU A 1 150 ? 4.951   -21.947 -0.944  1.00 46.59 ? 158 GLU A OE1 1 
ATOM   1097 O OE2 . GLU A 1 150 ? 3.783   -21.382 0.832   1.00 41.76 ? 158 GLU A OE2 1 
ATOM   1098 N N   . GLN A 1 151 ? 2.417   -17.125 0.953   1.00 20.25 ? 159 GLN A N   1 
ATOM   1099 C CA  . GLN A 1 151 ? 1.836   -15.910 1.519   1.00 19.00 ? 159 GLN A CA  1 
ATOM   1100 C C   . GLN A 1 151 ? 2.821   -15.319 2.520   1.00 22.13 ? 159 GLN A C   1 
ATOM   1101 O O   . GLN A 1 151 ? 3.274   -16.012 3.439   1.00 21.93 ? 159 GLN A O   1 
ATOM   1102 C CB  . GLN A 1 151 ? 0.508   -16.221 2.210   1.00 20.08 ? 159 GLN A CB  1 
ATOM   1103 C CG  . GLN A 1 151 ? -0.284  -15.005 2.669   1.00 20.15 ? 159 GLN A CG  1 
ATOM   1104 C CD  . GLN A 1 151 ? -1.732  -15.360 2.940   1.00 22.94 ? 159 GLN A CD  1 
ATOM   1105 O OE1 . GLN A 1 151 ? -2.414  -15.918 2.074   1.00 24.45 ? 159 GLN A OE1 1 
ATOM   1106 N NE2 . GLN A 1 151 ? -2.204  -15.057 4.139   1.00 25.24 ? 159 GLN A NE2 1 
ATOM   1107 N N   . TYR A 1 152 ? 3.163   -14.042 2.342   1.00 16.72 ? 160 TYR A N   1 
ATOM   1108 C CA  . TYR A 1 152 ? 4.115   -13.370 3.228   1.00 18.11 ? 160 TYR A CA  1 
ATOM   1109 C C   . TYR A 1 152 ? 3.517   -12.197 3.972   1.00 18.47 ? 160 TYR A C   1 
ATOM   1110 O O   . TYR A 1 152 ? 2.550   -11.573 3.516   1.00 17.26 ? 160 TYR A O   1 
ATOM   1111 C CB  . TYR A 1 152 ? 5.302   -12.824 2.432   1.00 18.06 ? 160 TYR A CB  1 
ATOM   1112 C CG  . TYR A 1 152 ? 6.098   -13.898 1.766   1.00 19.91 ? 160 TYR A CG  1 
ATOM   1113 C CD1 . TYR A 1 152 ? 6.992   -14.673 2.498   1.00 22.39 ? 160 TYR A CD1 1 
ATOM   1114 C CD2 . TYR A 1 152 ? 5.953   -14.152 0.409   1.00 22.70 ? 160 TYR A CD2 1 
ATOM   1115 C CE1 . TYR A 1 152 ? 7.725   -15.673 1.887   1.00 24.96 ? 160 TYR A CE1 1 
ATOM   1116 C CE2 . TYR A 1 152 ? 6.671   -15.151 -0.205  1.00 23.08 ? 160 TYR A CE2 1 
ATOM   1117 C CZ  . TYR A 1 152 ? 7.553   -15.909 0.537   1.00 24.45 ? 160 TYR A CZ  1 
ATOM   1118 O OH  . TYR A 1 152 ? 8.271   -16.897 -0.095  1.00 28.45 ? 160 TYR A OH  1 
ATOM   1119 N N   . ALA A 1 153 ? 4.124   -11.880 5.111   1.00 18.44 ? 161 ALA A N   1 
ATOM   1120 C CA  . ALA A 1 153 ? 3.808   -10.644 5.818   1.00 17.18 ? 161 ALA A CA  1 
ATOM   1121 C C   . ALA A 1 153 ? 5.062   -9.785  5.931   1.00 18.38 ? 161 ALA A C   1 
ATOM   1122 O O   . ALA A 1 153 ? 6.081   -10.219 6.481   1.00 19.40 ? 161 ALA A O   1 
ATOM   1123 C CB  . ALA A 1 153 ? 3.243   -10.936 7.202   1.00 19.93 ? 161 ALA A CB  1 
ATOM   1124 N N   . TRP A 1 154 ? 4.971   -8.573  5.388   1.00 16.45 ? 162 TRP A N   1 
ATOM   1125 C CA  . TRP A 1 154 ? 6.006   -7.548  5.484   1.00 15.97 ? 162 TRP A CA  1 
ATOM   1126 C C   . TRP A 1 154 ? 5.517   -6.558  6.515   1.00 14.65 ? 162 TRP A C   1 
ATOM   1127 O O   . TRP A 1 154 ? 4.319   -6.292  6.601   1.00 16.30 ? 162 TRP A O   1 
ATOM   1128 C CB  . TRP A 1 154 ? 6.117   -6.858  4.120   1.00 14.53 ? 162 TRP A CB  1 
ATOM   1129 C CG  . TRP A 1 154 ? 7.047   -5.649  3.987   1.00 15.02 ? 162 TRP A CG  1 
ATOM   1130 C CD1 . TRP A 1 154 ? 8.268   -5.634  3.379   1.00 14.99 ? 162 TRP A CD1 1 
ATOM   1131 C CD2 . TRP A 1 154 ? 6.781   -4.284  4.376   1.00 15.14 ? 162 TRP A CD2 1 
ATOM   1132 N NE1 . TRP A 1 154 ? 8.792   -4.361  3.385   1.00 15.79 ? 162 TRP A NE1 1 
ATOM   1133 C CE2 . TRP A 1 154 ? 7.899   -3.515  3.987   1.00 14.92 ? 162 TRP A CE2 1 
ATOM   1134 C CE3 . TRP A 1 154 ? 5.716   -3.645  5.018   1.00 15.86 ? 162 TRP A CE3 1 
ATOM   1135 C CZ2 . TRP A 1 154 ? 7.988   -2.141  4.227   1.00 16.59 ? 162 TRP A CZ2 1 
ATOM   1136 C CZ3 . TRP A 1 154 ? 5.802   -2.271  5.245   1.00 15.68 ? 162 TRP A CZ3 1 
ATOM   1137 C CH2 . TRP A 1 154 ? 6.930   -1.540  4.855   1.00 15.71 ? 162 TRP A CH2 1 
ATOM   1138 N N   . GLU A 1 155 ? 6.420   -5.999  7.308   1.00 15.65 ? 163 GLU A N   1 
ATOM   1139 C CA  . GLU A 1 155 ? 5.988   -5.036  8.306   1.00 16.78 ? 163 GLU A CA  1 
ATOM   1140 C C   . GLU A 1 155 ? 7.088   -4.044  8.605   1.00 17.06 ? 163 GLU A C   1 
ATOM   1141 O O   . GLU A 1 155 ? 8.263   -4.406  8.637   1.00 17.16 ? 163 GLU A O   1 
ATOM   1142 C CB  . GLU A 1 155 ? 5.577   -5.770  9.583   1.00 19.37 ? 163 GLU A CB  1 
ATOM   1143 C CG  . GLU A 1 155 ? 4.929   -4.904  10.632  1.00 19.02 ? 163 GLU A CG  1 
ATOM   1144 C CD  . GLU A 1 155 ? 4.298   -5.745  11.727  1.00 24.62 ? 163 GLU A CD  1 
ATOM   1145 O OE1 . GLU A 1 155 ? 5.052   -6.324  12.541  1.00 26.18 ? 163 GLU A OE1 1 
ATOM   1146 O OE2 . GLU A 1 155 ? 3.053   -5.857  11.754  1.00 26.18 ? 163 GLU A OE2 1 
ATOM   1147 N N   . SER A 1 156 ? 6.716   -2.780  8.798   1.00 14.54 ? 164 SER A N   1 
ATOM   1148 C CA  . SER A 1 156 ? 7.692   -1.797  9.263   1.00 15.68 ? 164 SER A CA  1 
ATOM   1149 C C   . SER A 1 156 ? 7.047   -0.656  10.033  1.00 16.20 ? 164 SER A C   1 
ATOM   1150 O O   . SER A 1 156 ? 5.983   -0.152  9.648   1.00 16.17 ? 164 SER A O   1 
ATOM   1151 C CB  . SER A 1 156 ? 8.518   -1.236  8.096   1.00 15.71 ? 164 SER A CB  1 
ATOM   1152 O OG  . SER A 1 156 ? 9.445   -0.276  8.581   1.00 16.58 ? 164 SER A OG  1 
ATOM   1153 N N   . SER A 1 157 ? 7.708   -0.242  11.114  1.00 17.20 ? 165 SER A N   1 
ATOM   1154 C CA  . SER A 1 157 ? 7.339   0.973   11.831  1.00 18.37 ? 165 SER A CA  1 
ATOM   1155 C C   . SER A 1 157 ? 8.379   2.057   11.544  1.00 19.44 ? 165 SER A C   1 
ATOM   1156 O O   . SER A 1 157 ? 8.606   2.952   12.368  1.00 20.45 ? 165 SER A O   1 
ATOM   1157 C CB  . SER A 1 157 ? 7.253   0.707   13.337  1.00 20.15 ? 165 SER A CB  1 
ATOM   1158 O OG  . SER A 1 157 ? 6.241   -0.237  13.647  1.00 21.63 ? 165 SER A OG  1 
ATOM   1159 N N   . ALA A 1 158 ? 9.005   1.968   10.372  1.00 17.60 ? 166 ALA A N   1 
ATOM   1160 C CA  . ALA A 1 158 ? 10.114  2.838   9.994   1.00 18.37 ? 166 ALA A CA  1 
ATOM   1161 C C   . ALA A 1 158 ? 11.324  2.579   10.898  1.00 21.69 ? 166 ALA A C   1 
ATOM   1162 O O   . ALA A 1 158 ? 11.600  1.436   11.263  1.00 21.88 ? 166 ALA A O   1 
ATOM   1163 C CB  . ALA A 1 158 ? 9.700   4.310   10.015  1.00 20.21 ? 166 ALA A CB  1 
ATOM   1164 N N   . GLY A 1 159 ? 12.060  3.623   11.247  1.00 21.18 ? 167 GLY A N   1 
ATOM   1165 C CA  . GLY A 1 159 ? 13.248  3.415   12.056  1.00 22.60 ? 167 GLY A CA  1 
ATOM   1166 C C   . GLY A 1 159 ? 14.357  2.645   11.357  1.00 21.01 ? 167 GLY A C   1 
ATOM   1167 O O   . GLY A 1 159 ? 15.309  2.192   12.007  1.00 24.95 ? 167 GLY A O   1 
ATOM   1168 N N   . GLY A 1 160 ? 14.246  2.492   10.040  1.00 19.31 ? 168 GLY A N   1 
ATOM   1169 C CA  . GLY A 1 160 ? 15.346  1.991   9.239   1.00 18.75 ? 168 GLY A CA  1 
ATOM   1170 C C   . GLY A 1 160 ? 15.286  0.512   8.902   1.00 17.81 ? 168 GLY A C   1 
ATOM   1171 O O   . GLY A 1 160 ? 16.138  0.011   8.169   1.00 18.37 ? 168 GLY A O   1 
ATOM   1172 N N   . SER A 1 161 ? 14.285  -0.187  9.426   1.00 16.56 ? 169 SER A N   1 
ATOM   1173 C CA  . SER A 1 161 ? 14.207  -1.634  9.199   1.00 14.96 ? 169 SER A CA  1 
ATOM   1174 C C   . SER A 1 161 ? 12.793  -2.099  8.875   1.00 15.89 ? 169 SER A C   1 
ATOM   1175 O O   . SER A 1 161 ? 11.811  -1.428  9.201   1.00 16.88 ? 169 SER A O   1 
ATOM   1176 C CB  . SER A 1 161 ? 14.737  -2.411  10.410  1.00 16.25 ? 169 SER A CB  1 
ATOM   1177 O OG  . SER A 1 161 ? 13.894  -2.283  11.537  1.00 19.00 ? 169 SER A OG  1 
ATOM   1178 N N   . PHE A 1 162 ? 12.709  -3.264  8.240   1.00 14.72 ? 170 PHE A N   1 
ATOM   1179 C CA  . PHE A 1 162 ? 11.425  -3.916  8.004   1.00 15.73 ? 170 PHE A CA  1 
ATOM   1180 C C   . PHE A 1 162 ? 11.597  -5.405  8.242   1.00 17.04 ? 170 PHE A C   1 
ATOM   1181 O O   . PHE A 1 162 ? 12.724  -5.899  8.235   1.00 17.84 ? 170 PHE A O   1 
ATOM   1182 C CB  . PHE A 1 162 ? 10.886  -3.645  6.592   1.00 14.64 ? 170 PHE A CB  1 
ATOM   1183 C CG  . PHE A 1 162 ? 11.760  -4.162  5.470   1.00 17.28 ? 170 PHE A CG  1 
ATOM   1184 C CD1 . PHE A 1 162 ? 11.518  -5.409  4.897   1.00 17.30 ? 170 PHE A CD1 1 
ATOM   1185 C CD2 . PHE A 1 162 ? 12.794  -3.389  4.961   1.00 17.03 ? 170 PHE A CD2 1 
ATOM   1186 C CE1 . PHE A 1 162 ? 12.300  -5.877  3.842   1.00 17.44 ? 170 PHE A CE1 1 
ATOM   1187 C CE2 . PHE A 1 162 ? 13.589  -3.845  3.908   1.00 16.71 ? 170 PHE A CE2 1 
ATOM   1188 C CZ  . PHE A 1 162 ? 13.334  -5.101  3.342   1.00 16.17 ? 170 PHE A CZ  1 
ATOM   1189 N N   . THR A 1 163 ? 10.497  -6.112  8.476   1.00 16.36 ? 171 THR A N   1 
ATOM   1190 C CA  . THR A 1 163 ? 10.584  -7.560  8.635   1.00 16.10 ? 171 THR A CA  1 
ATOM   1191 C C   . THR A 1 163 ? 9.791   -8.270  7.565   1.00 16.48 ? 171 THR A C   1 
ATOM   1192 O O   . THR A 1 163 ? 8.833   -7.720  7.038   1.00 16.80 ? 171 THR A O   1 
ATOM   1193 C CB  . THR A 1 163 ? 10.066  -8.033  9.994   1.00 18.30 ? 171 THR A CB  1 
ATOM   1194 O OG1 . THR A 1 163 ? 8.679   -7.693  10.132  1.00 19.70 ? 171 THR A OG1 1 
ATOM   1195 C CG2 . THR A 1 163 ? 10.864  -7.412  11.121  1.00 18.59 ? 171 THR A CG2 1 
ATOM   1196 N N   . VAL A 1 164 ? 10.187  -9.500  7.253   1.00 17.20 ? 172 VAL A N   1 
ATOM   1197 C CA  . VAL A 1 164 ? 9.373   -10.355 6.393   1.00 17.27 ? 172 VAL A CA  1 
ATOM   1198 C C   . VAL A 1 164 ? 9.282   -11.726 7.044   1.00 20.03 ? 172 VAL A C   1 
ATOM   1199 O O   . VAL A 1 164 ? 10.281  -12.263 7.523   1.00 19.57 ? 172 VAL A O   1 
ATOM   1200 C CB  . VAL A 1 164 ? 9.974   -10.496 4.988   1.00 17.66 ? 172 VAL A CB  1 
ATOM   1201 C CG1 . VAL A 1 164 ? 9.149   -11.478 4.151   1.00 18.73 ? 172 VAL A CG1 1 
ATOM   1202 C CG2 . VAL A 1 164 ? 10.065  -9.140  4.291   1.00 20.34 ? 172 VAL A CG2 1 
ATOM   1203 N N   . ARG A 1 165 ? 8.079   -12.282 7.068   1.00 18.08 ? 173 ARG A N   1 
ATOM   1204 C CA  . ARG A 1 165 ? 7.884   -13.646 7.554   1.00 21.67 ? 173 ARG A CA  1 
ATOM   1205 C C   . ARG A 1 165 ? 6.873   -14.360 6.673   1.00 24.87 ? 173 ARG A C   1 
ATOM   1206 O O   . ARG A 1 165 ? 6.097   -13.720 5.970   1.00 21.43 ? 173 ARG A O   1 
ATOM   1207 C CB  . ARG A 1 165 ? 7.406   -13.635 9.009   1.00 22.16 ? 173 ARG A CB  1 
ATOM   1208 C CG  . ARG A 1 165 ? 6.007   -13.058 9.237   1.00 24.37 ? 173 ARG A CG  1 
ATOM   1209 C CD  . ARG A 1 165 ? 5.802   -12.650 10.696  1.00 30.08 ? 173 ARG A CD  1 
ATOM   1210 N NE  . ARG A 1 165 ? 6.521   -11.413 11.012  1.00 34.04 ? 173 ARG A NE  1 
ATOM   1211 C CZ  . ARG A 1 165 ? 6.656   -10.895 12.234  1.00 37.74 ? 173 ARG A CZ  1 
ATOM   1212 N NH1 . ARG A 1 165 ? 6.119   -11.501 13.288  1.00 37.83 ? 173 ARG A NH1 1 
ATOM   1213 N NH2 . ARG A 1 165 ? 7.332   -9.763  12.406  1.00 36.65 ? 173 ARG A NH2 1 
ATOM   1214 N N   . THR A 1 166 ? 6.880   -15.690 6.698   1.00 21.64 ? 174 THR A N   1 
ATOM   1215 C CA  . THR A 1 166 ? 5.791   -16.426 6.066   1.00 23.29 ? 174 THR A CA  1 
ATOM   1216 C C   . THR A 1 166 ? 4.525   -16.221 6.902   1.00 27.14 ? 174 THR A C   1 
ATOM   1217 O O   . THR A 1 166 ? 4.565   -16.277 8.135   1.00 28.56 ? 174 THR A O   1 
ATOM   1218 C CB  . THR A 1 166 ? 6.121   -17.923 5.936   1.00 24.27 ? 174 THR A CB  1 
ATOM   1219 O OG1 . THR A 1 166 ? 7.276   -18.086 5.102   1.00 27.63 ? 174 THR A OG1 1 
ATOM   1220 C CG2 . THR A 1 166 ? 4.943   -18.675 5.323   1.00 28.65 ? 174 THR A CG2 1 
ATOM   1221 N N   . ASP A 1 167 ? 3.400   -15.959 6.246   1.00 23.42 ? 175 ASP A N   1 
ATOM   1222 C CA  . ASP A 1 167 ? 2.175   -15.656 6.975   1.00 27.24 ? 175 ASP A CA  1 
ATOM   1223 C C   . ASP A 1 167 ? 1.345   -16.906 7.244   1.00 31.65 ? 175 ASP A C   1 
ATOM   1224 O O   . ASP A 1 167 ? 1.084   -17.690 6.333   1.00 34.19 ? 175 ASP A O   1 
ATOM   1225 C CB  . ASP A 1 167 ? 1.326   -14.640 6.218   1.00 26.81 ? 175 ASP A CB  1 
ATOM   1226 C CG  . ASP A 1 167 ? 0.102   -14.203 7.004   1.00 29.91 ? 175 ASP A CG  1 
ATOM   1227 O OD1 . ASP A 1 167 ? 0.230   -13.890 8.208   1.00 35.50 ? 175 ASP A OD1 1 
ATOM   1228 O OD2 . ASP A 1 167 ? -0.999  -14.173 6.424   1.00 30.49 ? 175 ASP A OD2 1 
ATOM   1229 N N   . THR A 1 168 ? 0.911   -17.061 8.492   1.00 36.82 ? 176 THR A N   1 
ATOM   1230 C CA  . THR A 1 168 ? 0.132   -18.228 8.902   1.00 39.81 ? 176 THR A CA  1 
ATOM   1231 C C   . THR A 1 168 ? -1.347  -17.924 9.123   1.00 42.30 ? 176 THR A C   1 
ATOM   1232 O O   . THR A 1 168 ? -2.117  -18.815 9.483   1.00 42.72 ? 176 THR A O   1 
ATOM   1233 C CB  . THR A 1 168 ? 0.699   -18.863 10.193  1.00 42.58 ? 176 THR A CB  1 
ATOM   1234 O OG1 . THR A 1 168 ? 0.958   -17.834 11.160  1.00 45.77 ? 176 THR A OG1 1 
ATOM   1235 C CG2 . THR A 1 168 ? 1.988   -19.621 9.896   1.00 41.18 ? 176 THR A CG2 1 
ATOM   1236 N N   . GLY A 1 169 ? -1.743  -16.671 8.913   1.00 39.89 ? 177 GLY A N   1 
ATOM   1237 C CA  . GLY A 1 169 ? -3.133  -16.282 9.066   1.00 39.33 ? 177 GLY A CA  1 
ATOM   1238 C C   . GLY A 1 169 ? -4.025  -16.809 7.954   1.00 38.08 ? 177 GLY A C   1 
ATOM   1239 O O   . GLY A 1 169 ? -3.614  -17.654 7.155   1.00 39.39 ? 177 GLY A O   1 
ATOM   1240 N N   . GLU A 1 170 ? -5.253  -16.303 7.909   1.00 38.26 ? 178 GLU A N   1 
ATOM   1241 C CA  . GLU A 1 170 ? -6.221  -16.683 6.886   1.00 37.34 ? 178 GLU A CA  1 
ATOM   1242 C C   . GLU A 1 170 ? -5.624  -16.537 5.478   1.00 37.08 ? 178 GLU A C   1 
ATOM   1243 O O   . GLU A 1 170 ? -5.164  -15.457 5.098   1.00 33.41 ? 178 GLU A O   1 
ATOM   1244 C CB  . GLU A 1 170 ? -7.482  -15.824 7.027   1.00 38.85 ? 178 GLU A CB  1 
ATOM   1245 C CG  . GLU A 1 170 ? -8.680  -16.299 6.210   1.00 43.34 ? 178 GLU A CG  1 
ATOM   1246 C CD  . GLU A 1 170 ? -9.393  -17.501 6.827   1.00 41.24 ? 178 GLU A CD  1 
ATOM   1247 O OE1 . GLU A 1 170 ? -9.792  -18.406 6.062   1.00 35.80 ? 178 GLU A OE1 1 
ATOM   1248 O OE2 . GLU A 1 170 ? -9.566  -17.536 8.068   1.00 40.58 ? 178 GLU A OE2 1 
ATOM   1249 N N   . PRO A 1 171 ? -5.614  -17.632 4.706   1.00 33.75 ? 179 PRO A N   1 
ATOM   1250 C CA  . PRO A 1 171 ? -5.102  -17.612 3.331   1.00 32.41 ? 179 PRO A CA  1 
ATOM   1251 C C   . PRO A 1 171 ? -5.916  -16.663 2.453   1.00 33.07 ? 179 PRO A C   1 
ATOM   1252 O O   . PRO A 1 171 ? -7.140  -16.614 2.598   1.00 33.07 ? 179 PRO A O   1 
ATOM   1253 C CB  . PRO A 1 171 ? -5.285  -19.061 2.869   1.00 34.89 ? 179 PRO A CB  1 
ATOM   1254 C CG  . PRO A 1 171 ? -5.313  -19.863 4.139   1.00 32.04 ? 179 PRO A CG  1 
ATOM   1255 C CD  . PRO A 1 171 ? -6.010  -18.987 5.131   1.00 37.50 ? 179 PRO A CD  1 
ATOM   1256 N N   . MET A 1 172 ? -5.244  -15.932 1.562   1.00 28.21 ? 180 MET A N   1 
ATOM   1257 C CA  . MET A 1 172 ? -5.865  -14.869 0.772   1.00 27.12 ? 180 MET A CA  1 
ATOM   1258 C C   . MET A 1 172 ? -6.255  -15.223 -0.658  1.00 28.89 ? 180 MET A C   1 
ATOM   1259 O O   . MET A 1 172 ? -6.954  -14.449 -1.315  1.00 33.13 ? 180 MET A O   1 
ATOM   1260 C CB  . MET A 1 172 ? -4.910  -13.687 0.652   1.00 25.97 ? 180 MET A CB  1 
ATOM   1261 C CG  . MET A 1 172 ? -4.559  -13.006 1.931   1.00 32.08 ? 180 MET A CG  1 
ATOM   1262 S SD  . MET A 1 172 ? -3.275  -11.820 1.519   1.00 34.06 ? 180 MET A SD  1 
ATOM   1263 C CE  . MET A 1 172 ? -4.050  -10.939 0.166   1.00 26.41 ? 180 MET A CE  1 
ATOM   1264 N N   . GLY A 1 173 ? -5.772  -16.345 -1.164  1.00 27.60 ? 181 GLY A N   1 
ATOM   1265 C CA  . GLY A 1 173 ? -5.987  -16.670 -2.562  1.00 27.38 ? 181 GLY A CA  1 
ATOM   1266 C C   . GLY A 1 173 ? -4.938  -16.017 -3.449  1.00 22.54 ? 181 GLY A C   1 
ATOM   1267 O O   . GLY A 1 173 ? -4.052  -16.691 -3.974  1.00 24.11 ? 181 GLY A O   1 
ATOM   1268 N N   . ARG A 1 174 ? -5.036  -14.697 -3.607  1.00 18.61 ? 182 ARG A N   1 
ATOM   1269 C CA  . ARG A 1 174 ? -4.059  -13.935 -4.387  1.00 20.32 ? 182 ARG A CA  1 
ATOM   1270 C C   . ARG A 1 174 ? -4.324  -12.459 -4.141  1.00 17.81 ? 182 ARG A C   1 
ATOM   1271 O O   . ARG A 1 174 ? -5.483  -12.048 -4.009  1.00 19.66 ? 182 ARG A O   1 
ATOM   1272 C CB  . ARG A 1 174 ? -4.209  -14.230 -5.890  1.00 19.32 ? 182 ARG A CB  1 
ATOM   1273 C CG  . ARG A 1 174 ? -3.147  -13.562 -6.768  1.00 18.64 ? 182 ARG A CG  1 
ATOM   1274 C CD  . ARG A 1 174 ? -3.586  -13.469 -8.235  1.00 18.26 ? 182 ARG A CD  1 
ATOM   1275 N NE  . ARG A 1 174 ? -4.817  -12.693 -8.374  1.00 18.11 ? 182 ARG A NE  1 
ATOM   1276 C CZ  . ARG A 1 174 ? -6.007  -13.204 -8.679  1.00 20.53 ? 182 ARG A CZ  1 
ATOM   1277 N NH1 . ARG A 1 174 ? -6.143  -14.510 -8.906  1.00 19.59 ? 182 ARG A NH1 1 
ATOM   1278 N NH2 . ARG A 1 174 ? -7.062  -12.406 -8.767  1.00 21.14 ? 182 ARG A NH2 1 
ATOM   1279 N N   . GLY A 1 175 ? -3.265  -11.662 -4.060  1.00 16.93 ? 183 GLY A N   1 
ATOM   1280 C CA  . GLY A 1 175 ? -3.451  -10.231 -3.894  1.00 17.01 ? 183 GLY A CA  1 
ATOM   1281 C C   . GLY A 1 175 ? -2.638  -9.655  -2.758  1.00 17.22 ? 183 GLY A C   1 
ATOM   1282 O O   . GLY A 1 175 ? -1.657  -10.250 -2.310  1.00 15.88 ? 183 GLY A O   1 
ATOM   1283 N N   . THR A 1 176 ? -3.063  -8.490  -2.293  1.00 15.89 ? 184 THR A N   1 
ATOM   1284 C CA  . THR A 1 176 ? -2.328  -7.762  -1.267  1.00 16.10 ? 184 THR A CA  1 
ATOM   1285 C C   . THR A 1 176 ? -3.273  -7.066  -0.294  1.00 16.81 ? 184 THR A C   1 
ATOM   1286 O O   . THR A 1 176 ? -4.285  -6.479  -0.703  1.00 17.46 ? 184 THR A O   1 
ATOM   1287 C CB  . THR A 1 176 ? -1.399  -6.717  -1.910  1.00 15.52 ? 184 THR A CB  1 
ATOM   1288 O OG1 . THR A 1 176 ? -0.433  -7.383  -2.736  1.00 17.42 ? 184 THR A OG1 1 
ATOM   1289 C CG2 . THR A 1 176 ? -0.680  -5.892  -0.843  1.00 16.78 ? 184 THR A CG2 1 
ATOM   1290 N N   . LYS A 1 177 ? -2.941  -7.148  0.992   1.00 14.94 ? 185 LYS A N   1 
ATOM   1291 C CA  . LYS A 1 177 ? -3.645  -6.411  2.031   1.00 16.17 ? 185 LYS A CA  1 
ATOM   1292 C C   . LYS A 1 177 ? -2.662  -5.467  2.693   1.00 14.71 ? 185 LYS A C   1 
ATOM   1293 O O   . LYS A 1 177 ? -1.634  -5.908  3.212   1.00 17.62 ? 185 LYS A O   1 
ATOM   1294 C CB  . LYS A 1 177 ? -4.207  -7.352  3.107   1.00 17.93 ? 185 LYS A CB  1 
ATOM   1295 C CG  . LYS A 1 177 ? -5.179  -8.366  2.584   1.00 24.80 ? 185 LYS A CG  1 
ATOM   1296 C CD  . LYS A 1 177 ? -6.077  -8.881  3.703   1.00 30.72 ? 185 LYS A CD  1 
ATOM   1297 C CE  . LYS A 1 177 ? -5.272  -9.442  4.855   1.00 34.43 ? 185 LYS A CE  1 
ATOM   1298 N NZ  . LYS A 1 177 ? -6.154  -10.259 5.746   1.00 44.67 ? 185 LYS A NZ  1 
ATOM   1299 N N   . VAL A 1 178 ? -2.963  -4.175  2.662   1.00 14.60 ? 186 VAL A N   1 
ATOM   1300 C CA  . VAL A 1 178 ? -2.148  -3.187  3.357   1.00 15.35 ? 186 VAL A CA  1 
ATOM   1301 C C   . VAL A 1 178 ? -2.897  -2.767  4.607   1.00 15.92 ? 186 VAL A C   1 
ATOM   1302 O O   . VAL A 1 178 ? -3.984  -2.179  4.532   1.00 16.75 ? 186 VAL A O   1 
ATOM   1303 C CB  . VAL A 1 178 ? -1.898  -1.958  2.482   1.00 13.71 ? 186 VAL A CB  1 
ATOM   1304 C CG1 . VAL A 1 178 ? -1.103  -0.884  3.249   1.00 15.87 ? 186 VAL A CG1 1 
ATOM   1305 C CG2 . VAL A 1 178 ? -1.184  -2.357  1.180   1.00 15.41 ? 186 VAL A CG2 1 
ATOM   1306 N N   . ILE A 1 179 ? -2.321  -3.083  5.761   1.00 13.71 ? 187 ILE A N   1 
ATOM   1307 C CA  . ILE A 1 179 ? -2.972  -2.811  7.038   1.00 15.92 ? 187 ILE A CA  1 
ATOM   1308 C C   . ILE A 1 179 ? -2.288  -1.608  7.660   1.00 13.78 ? 187 ILE A C   1 
ATOM   1309 O O   . ILE A 1 179 ? -1.112  -1.671  8.021   1.00 16.33 ? 187 ILE A O   1 
ATOM   1310 C CB  . ILE A 1 179 ? -2.851  -4.025  7.972   1.00 15.97 ? 187 ILE A CB  1 
ATOM   1311 C CG1 . ILE A 1 179 ? -3.385  -5.280  7.284   1.00 17.30 ? 187 ILE A CG1 1 
ATOM   1312 C CG2 . ILE A 1 179 ? -3.598  -3.774  9.274   1.00 17.56 ? 187 ILE A CG2 1 
ATOM   1313 C CD1 . ILE A 1 179 ? -3.109  -6.551  8.070   1.00 20.16 ? 187 ILE A CD1 1 
ATOM   1314 N N   . LEU A 1 180 ? -3.017  -0.503  7.754   1.00 13.10 ? 188 LEU A N   1 
ATOM   1315 C CA  . LEU A 1 180 ? -2.485  0.728   8.299   1.00 15.05 ? 188 LEU A CA  1 
ATOM   1316 C C   . LEU A 1 180 ? -2.843  0.786   9.771   1.00 17.61 ? 188 LEU A C   1 
ATOM   1317 O O   . LEU A 1 180 ? -4.026  0.890   10.118  1.00 17.69 ? 188 LEU A O   1 
ATOM   1318 C CB  . LEU A 1 180 ? -3.109  1.928   7.583   1.00 15.81 ? 188 LEU A CB  1 
ATOM   1319 C CG  . LEU A 1 180 ? -2.950  1.924   6.058   1.00 15.72 ? 188 LEU A CG  1 
ATOM   1320 C CD1 . LEU A 1 180 ? -3.699  3.110   5.464   1.00 16.36 ? 188 LEU A CD1 1 
ATOM   1321 C CD2 . LEU A 1 180 ? -1.477  1.951   5.645   1.00 17.21 ? 188 LEU A CD2 1 
ATOM   1322 N N   . HIS A 1 181 ? -1.838  0.679   10.634  1.00 16.07 ? 189 HIS A N   1 
ATOM   1323 C CA  . HIS A 1 181 ? -2.061  0.871   12.064  1.00 18.46 ? 189 HIS A CA  1 
ATOM   1324 C C   . HIS A 1 181 ? -1.977  2.365   12.309  1.00 18.68 ? 189 HIS A C   1 
ATOM   1325 O O   . HIS A 1 181 ? -0.894  2.938   12.313  1.00 18.52 ? 189 HIS A O   1 
ATOM   1326 C CB  . HIS A 1 181 ? -1.013  0.101   12.871  1.00 18.64 ? 189 HIS A CB  1 
ATOM   1327 C CG  . HIS A 1 181 ? -0.950  -1.357  12.531  1.00 20.07 ? 189 HIS A CG  1 
ATOM   1328 N ND1 . HIS A 1 181 ? -1.592  -2.323  13.278  1.00 24.81 ? 189 HIS A ND1 1 
ATOM   1329 C CD2 . HIS A 1 181 ? -0.321  -2.015  11.525  1.00 20.98 ? 189 HIS A CD2 1 
ATOM   1330 C CE1 . HIS A 1 181 ? -1.365  -3.511  12.742  1.00 22.81 ? 189 HIS A CE1 1 
ATOM   1331 N NE2 . HIS A 1 181 ? -0.593  -3.352  11.682  1.00 23.64 ? 189 HIS A NE2 1 
ATOM   1332 N N   . LEU A 1 182 ? -3.132  3.007   12.454  1.00 17.36 ? 190 LEU A N   1 
ATOM   1333 C CA  . LEU A 1 182 ? -3.190  4.460   12.409  1.00 17.27 ? 190 LEU A CA  1 
ATOM   1334 C C   . LEU A 1 182 ? -2.588  5.128   13.637  1.00 21.16 ? 190 LEU A C   1 
ATOM   1335 O O   . LEU A 1 182 ? -2.662  4.597   14.752  1.00 22.42 ? 190 LEU A O   1 
ATOM   1336 C CB  . LEU A 1 182 ? -4.632  4.928   12.223  1.00 19.93 ? 190 LEU A CB  1 
ATOM   1337 C CG  . LEU A 1 182 ? -5.318  4.470   10.935  1.00 19.31 ? 190 LEU A CG  1 
ATOM   1338 C CD1 . LEU A 1 182 ? -6.756  4.955   10.915  1.00 20.25 ? 190 LEU A CD1 1 
ATOM   1339 C CD2 . LEU A 1 182 ? -4.562  4.994   9.730   1.00 20.21 ? 190 LEU A CD2 1 
ATOM   1340 N N   . LYS A 1 183 ? -1.981  6.287   13.408  1.00 19.28 ? 191 LYS A N   1 
ATOM   1341 C CA  . LYS A 1 183 ? -1.513  7.142   14.498  1.00 22.95 ? 191 LYS A CA  1 
ATOM   1342 C C   . LYS A 1 183 ? -2.725  7.576   15.314  1.00 25.03 ? 191 LYS A C   1 
ATOM   1343 O O   . LYS A 1 183 ? -3.836  7.677   14.785  1.00 23.90 ? 191 LYS A O   1 
ATOM   1344 C CB  . LYS A 1 183 ? -0.781  8.370   13.948  1.00 21.97 ? 191 LYS A CB  1 
ATOM   1345 C CG  . LYS A 1 183 ? 0.482   8.069   13.131  1.00 21.73 ? 191 LYS A CG  1 
ATOM   1346 C CD  . LYS A 1 183 ? 1.075   9.340   12.498  1.00 26.12 ? 191 LYS A CD  1 
ATOM   1347 C CE  . LYS A 1 183 ? 2.114   9.008   11.411  1.00 28.50 ? 191 LYS A CE  1 
ATOM   1348 N NZ  . LYS A 1 183 ? 2.830   10.183  10.793  1.00 28.68 ? 191 LYS A NZ  1 
ATOM   1349 N N   . GLU A 1 184 ? -2.504  7.845   16.596  1.00 27.50 ? 192 GLU A N   1 
ATOM   1350 C CA  . GLU A 1 184 ? -3.595  8.147   17.519  1.00 28.60 ? 192 GLU A CA  1 
ATOM   1351 C C   . GLU A 1 184 ? -4.438  9.334   17.078  1.00 27.27 ? 192 GLU A C   1 
ATOM   1352 O O   . GLU A 1 184 ? -5.647  9.377   17.330  1.00 29.30 ? 192 GLU A O   1 
ATOM   1353 C CB  . GLU A 1 184 ? -3.044  8.389   18.926  1.00 29.44 ? 192 GLU A CB  1 
ATOM   1354 C CG  . GLU A 1 184 ? -4.117  8.512   19.986  1.00 39.70 ? 192 GLU A CG  1 
ATOM   1355 C CD  . GLU A 1 184 ? -3.571  8.300   21.387  1.00 49.01 ? 192 GLU A CD  1 
ATOM   1356 O OE1 . GLU A 1 184 ? -2.331  8.350   21.557  1.00 50.37 ? 192 GLU A OE1 1 
ATOM   1357 O OE2 . GLU A 1 184 ? -4.382  8.075   22.313  1.00 54.04 ? 192 GLU A OE2 1 
ATOM   1358 N N   . ASP A 1 185 ? -3.806  10.293  16.412  1.00 26.31 ? 193 ASP A N   1 
ATOM   1359 C CA  . ASP A 1 185 ? -4.495  11.504  15.993  1.00 25.89 ? 193 ASP A CA  1 
ATOM   1360 C C   . ASP A 1 185 ? -5.008  11.456  14.553  1.00 26.18 ? 193 ASP A C   1 
ATOM   1361 O O   . ASP A 1 185 ? -5.380  12.487  13.992  1.00 26.54 ? 193 ASP A O   1 
ATOM   1362 C CB  . ASP A 1 185 ? -3.592  12.725  16.193  1.00 27.55 ? 193 ASP A CB  1 
ATOM   1363 C CG  . ASP A 1 185 ? -2.345  12.684  15.325  1.00 32.19 ? 193 ASP A CG  1 
ATOM   1364 O OD1 . ASP A 1 185 ? -2.008  11.602  14.794  1.00 32.63 ? 193 ASP A OD1 1 
ATOM   1365 O OD2 . ASP A 1 185 ? -1.692  13.739  15.179  1.00 37.94 ? 193 ASP A OD2 1 
ATOM   1366 N N   . GLN A 1 186 ? -5.038  10.262  13.964  1.00 22.83 ? 194 GLN A N   1 
ATOM   1367 C CA  . GLN A 1 186 ? -5.493  10.116  12.581  1.00 21.24 ? 194 GLN A CA  1 
ATOM   1368 C C   . GLN A 1 186 ? -6.690  9.167   12.452  1.00 24.27 ? 194 GLN A C   1 
ATOM   1369 O O   . GLN A 1 186 ? -6.881  8.542   11.407  1.00 23.50 ? 194 GLN A O   1 
ATOM   1370 C CB  . GLN A 1 186 ? -4.335  9.628   11.689  1.00 22.23 ? 194 GLN A CB  1 
ATOM   1371 C CG  . GLN A 1 186 ? -3.108  10.528  11.721  1.00 21.58 ? 194 GLN A CG  1 
ATOM   1372 C CD  . GLN A 1 186 ? -3.390  11.948  11.244  1.00 24.52 ? 194 GLN A CD  1 
ATOM   1373 O OE1 . GLN A 1 186 ? -2.800  12.915  11.743  1.00 29.09 ? 194 GLN A OE1 1 
ATOM   1374 N NE2 . GLN A 1 186 ? -4.280  12.081  10.270  1.00 22.56 ? 194 GLN A NE2 1 
ATOM   1375 N N   . THR A 1 187 ? -7.510  9.068   13.496  1.00 23.01 ? 195 THR A N   1 
ATOM   1376 C CA  . THR A 1 187 ? -8.608  8.103   13.478  1.00 23.00 ? 195 THR A CA  1 
ATOM   1377 C C   . THR A 1 187 ? -9.793  8.547   12.615  1.00 22.42 ? 195 THR A C   1 
ATOM   1378 O O   . THR A 1 187 ? -10.751 7.789   12.430  1.00 24.75 ? 195 THR A O   1 
ATOM   1379 C CB  . THR A 1 187 ? -9.099  7.748   14.892  1.00 25.97 ? 195 THR A CB  1 
ATOM   1380 O OG1 . THR A 1 187 ? -9.587  8.927   15.539  1.00 28.77 ? 195 THR A OG1 1 
ATOM   1381 C CG2 . THR A 1 187 ? -7.968  7.151   15.720  1.00 29.46 ? 195 THR A CG2 1 
ATOM   1382 N N   . GLU A 1 188 ? -9.726  9.756   12.070  1.00 22.83 ? 196 GLU A N   1 
ATOM   1383 C CA  . GLU A 1 188 ? -10.776 10.219  11.174  1.00 23.10 ? 196 GLU A CA  1 
ATOM   1384 C C   . GLU A 1 188 ? -10.866 9.298   9.962   1.00 23.74 ? 196 GLU A C   1 
ATOM   1385 O O   . GLU A 1 188 ? -11.910 9.199   9.321   1.00 22.69 ? 196 GLU A O   1 
ATOM   1386 C CB  . GLU A 1 188 ? -10.526 11.666  10.732  1.00 23.13 ? 196 GLU A CB  1 
ATOM   1387 C CG  . GLU A 1 188 ? -9.340  11.848  9.803   1.00 23.34 ? 196 GLU A CG  1 
ATOM   1388 C CD  . GLU A 1 188 ? -9.011  13.313  9.568   1.00 25.13 ? 196 GLU A CD  1 
ATOM   1389 O OE1 . GLU A 1 188 ? -8.366  13.928  10.443  1.00 28.43 ? 196 GLU A OE1 1 
ATOM   1390 O OE2 . GLU A 1 188 ? -9.393  13.856  8.511   1.00 24.75 ? 196 GLU A OE2 1 
ATOM   1391 N N   . TYR A 1 189 ? -9.770  8.609   9.662   1.00 20.51 ? 197 TYR A N   1 
ATOM   1392 C CA  . TYR A 1 189 ? -9.744  7.735   8.488   1.00 19.94 ? 197 TYR A CA  1 
ATOM   1393 C C   . TYR A 1 189 ? -10.391 6.373   8.737   1.00 22.95 ? 197 TYR A C   1 
ATOM   1394 O O   . TYR A 1 189 ? -10.338 5.490   7.883   1.00 22.42 ? 197 TYR A O   1 
ATOM   1395 C CB  . TYR A 1 189 ? -8.321  7.639   7.907   1.00 18.54 ? 197 TYR A CB  1 
ATOM   1396 C CG  . TYR A 1 189 ? -7.808  9.009   7.532   1.00 19.53 ? 197 TYR A CG  1 
ATOM   1397 C CD1 . TYR A 1 189 ? -8.361  9.704   6.461   1.00 18.25 ? 197 TYR A CD1 1 
ATOM   1398 C CD2 . TYR A 1 189 ? -6.812  9.634   8.277   1.00 20.18 ? 197 TYR A CD2 1 
ATOM   1399 C CE1 . TYR A 1 189 ? -7.919  10.975  6.127   1.00 18.70 ? 197 TYR A CE1 1 
ATOM   1400 C CE2 . TYR A 1 189 ? -6.362  10.895  7.948   1.00 19.07 ? 197 TYR A CE2 1 
ATOM   1401 C CZ  . TYR A 1 189 ? -6.924  11.565  6.881   1.00 19.43 ? 197 TYR A CZ  1 
ATOM   1402 O OH  . TYR A 1 189 ? -6.475  12.828  6.564   1.00 22.71 ? 197 TYR A OH  1 
ATOM   1403 N N   . LEU A 1 190 ? -11.020 6.224   9.903   1.00 22.00 ? 198 LEU A N   1 
ATOM   1404 C CA  . LEU A 1 190 ? -11.864 5.067   10.197  1.00 23.42 ? 198 LEU A CA  1 
ATOM   1405 C C   . LEU A 1 190 ? -13.350 5.407   10.054  1.00 23.96 ? 198 LEU A C   1 
ATOM   1406 O O   . LEU A 1 190 ? -14.203 4.528   10.171  1.00 25.85 ? 198 LEU A O   1 
ATOM   1407 C CB  . LEU A 1 190 ? -11.601 4.553   11.615  1.00 24.24 ? 198 LEU A CB  1 
ATOM   1408 C CG  . LEU A 1 190 ? -10.156 4.156   11.921  1.00 24.99 ? 198 LEU A CG  1 
ATOM   1409 C CD1 . LEU A 1 190 ? -10.003 3.787   13.393  1.00 28.93 ? 198 LEU A CD1 1 
ATOM   1410 C CD2 . LEU A 1 190 ? -9.704  3.008   11.022  1.00 27.03 ? 198 LEU A CD2 1 
ATOM   1411 N N   . GLU A 1 191 ? -13.654 6.679   9.807   1.00 21.88 ? 199 GLU A N   1 
ATOM   1412 C CA  . GLU A 1 191 ? -15.047 7.116   9.697   1.00 24.24 ? 199 GLU A CA  1 
ATOM   1413 C C   . GLU A 1 191 ? -15.582 6.930   8.289   1.00 21.21 ? 199 GLU A C   1 
ATOM   1414 O O   . GLU A 1 191 ? -14.942 7.351   7.322   1.00 21.19 ? 199 GLU A O   1 
ATOM   1415 C CB  . GLU A 1 191 ? -15.187 8.583   10.125  1.00 25.57 ? 199 GLU A CB  1 
ATOM   1416 C CG  . GLU A 1 191 ? -14.766 8.833   11.567  1.00 30.25 ? 199 GLU A CG  1 
ATOM   1417 C CD  . GLU A 1 191 ? -14.761 10.306  11.942  1.00 40.18 ? 199 GLU A CD  1 
ATOM   1418 O OE1 . GLU A 1 191 ? -15.331 11.125  11.181  1.00 44.72 ? 199 GLU A OE1 1 
ATOM   1419 O OE2 . GLU A 1 191 ? -14.182 10.647  13.001  1.00 40.41 ? 199 GLU A OE2 1 
ATOM   1420 N N   . GLU A 1 192 ? -16.750 6.296   8.180   1.00 23.13 ? 200 GLU A N   1 
ATOM   1421 C CA  . GLU A 1 192 ? -17.365 6.034   6.878   1.00 23.05 ? 200 GLU A CA  1 
ATOM   1422 C C   . GLU A 1 192 ? -17.497 7.304   6.033   1.00 20.58 ? 200 GLU A C   1 
ATOM   1423 O O   . GLU A 1 192 ? -17.141 7.311   4.862   1.00 19.27 ? 200 GLU A O   1 
ATOM   1424 C CB  . GLU A 1 192 ? -18.744 5.370   7.035   1.00 23.70 ? 200 GLU A CB  1 
ATOM   1425 C CG  . GLU A 1 192 ? -19.391 4.969   5.713   1.00 27.39 ? 200 GLU A CG  1 
ATOM   1426 C CD  . GLU A 1 192 ? -20.747 4.289   5.885   1.00 35.57 ? 200 GLU A CD  1 
ATOM   1427 O OE1 . GLU A 1 192 ? -21.308 4.329   7.004   1.00 38.57 ? 200 GLU A OE1 1 
ATOM   1428 O OE2 . GLU A 1 192 ? -21.257 3.717   4.895   1.00 37.68 ? 200 GLU A OE2 1 
ATOM   1429 N N   . ARG A 1 193 ? -18.020 8.369   6.631   1.00 21.96 ? 201 ARG A N   1 
ATOM   1430 C CA  . ARG A 1 193 ? -18.222 9.615   5.901   1.00 23.48 ? 201 ARG A CA  1 
ATOM   1431 C C   . ARG A 1 193 ? -16.907 10.153  5.331   1.00 19.80 ? 201 ARG A C   1 
ATOM   1432 O O   . ARG A 1 193 ? -16.868 10.656  4.208   1.00 20.65 ? 201 ARG A O   1 
ATOM   1433 C CB  . ARG A 1 193 ? -18.892 10.665  6.806   1.00 26.50 ? 201 ARG A CB  1 
ATOM   1434 C CG  . ARG A 1 193 ? -18.003 11.141  7.951   1.00 30.74 ? 201 ARG A CG  1 
ATOM   1435 C CD  . ARG A 1 193 ? -18.791 11.429  9.228   1.00 37.92 ? 201 ARG A CD  1 
ATOM   1436 N NE  . ARG A 1 193 ? -19.944 12.290  8.994   1.00 41.42 ? 201 ARG A NE  1 
ATOM   1437 C CZ  . ARG A 1 193 ? -20.238 13.363  9.725   1.00 39.61 ? 201 ARG A CZ  1 
ATOM   1438 N NH1 . ARG A 1 193 ? -19.457 13.717  10.740  1.00 40.26 ? 201 ARG A NH1 1 
ATOM   1439 N NH2 . ARG A 1 193 ? -21.312 14.085  9.437   1.00 41.21 ? 201 ARG A NH2 1 
ATOM   1440 N N   . ARG A 1 194 ? -15.831 10.028  6.107   1.00 20.62 ? 202 ARG A N   1 
ATOM   1441 C CA  . ARG A 1 194 ? -14.545 10.584  5.705   1.00 19.29 ? 202 ARG A CA  1 
ATOM   1442 C C   . ARG A 1 194 ? -13.939 9.770   4.569   1.00 18.52 ? 202 ARG A C   1 
ATOM   1443 O O   . ARG A 1 194 ? -13.451 10.324  3.588   1.00 18.00 ? 202 ARG A O   1 
ATOM   1444 C CB  . ARG A 1 194 ? -13.596 10.649  6.900   1.00 18.21 ? 202 ARG A CB  1 
ATOM   1445 C CG  . ARG A 1 194 ? -12.231 11.246  6.602   1.00 18.70 ? 202 ARG A CG  1 
ATOM   1446 C CD  . ARG A 1 194 ? -12.300 12.748  6.332   1.00 22.11 ? 202 ARG A CD  1 
ATOM   1447 N NE  . ARG A 1 194 ? -10.953 13.309  6.279   1.00 20.16 ? 202 ARG A NE  1 
ATOM   1448 C CZ  . ARG A 1 194 ? -10.426 13.925  5.223   1.00 18.42 ? 202 ARG A CZ  1 
ATOM   1449 N NH1 . ARG A 1 194 ? -11.133 14.102  4.119   1.00 20.91 ? 202 ARG A NH1 1 
ATOM   1450 N NH2 . ARG A 1 194 ? -9.186  14.378  5.283   1.00 21.23 ? 202 ARG A NH2 1 
ATOM   1451 N N   . ILE A 1 195 ? -13.983 8.448   4.696   1.00 18.89 ? 203 ILE A N   1 
ATOM   1452 C CA  . ILE A 1 195 ? -13.473 7.593   3.628   1.00 17.86 ? 203 ILE A CA  1 
ATOM   1453 C C   . ILE A 1 195 ? -14.248 7.792   2.321   1.00 17.56 ? 203 ILE A C   1 
ATOM   1454 O O   . ILE A 1 195 ? -13.646 7.915   1.253   1.00 18.13 ? 203 ILE A O   1 
ATOM   1455 C CB  . ILE A 1 195 ? -13.467 6.120   4.044   1.00 16.50 ? 203 ILE A CB  1 
ATOM   1456 C CG1 . ILE A 1 195 ? -12.586 5.926   5.283   1.00 17.67 ? 203 ILE A CG1 1 
ATOM   1457 C CG2 . ILE A 1 195 ? -12.939 5.255   2.911   1.00 18.55 ? 203 ILE A CG2 1 
ATOM   1458 C CD1 . ILE A 1 195 ? -12.813 4.590   5.991   1.00 22.81 ? 203 ILE A CD1 1 
ATOM   1459 N N   . LYS A 1 196 ? -15.578 7.865   2.403   1.00 18.67 ? 204 LYS A N   1 
ATOM   1460 C CA  . LYS A 1 196 ? -16.391 8.083   1.209   1.00 19.86 ? 204 LYS A CA  1 
ATOM   1461 C C   . LYS A 1 196 ? -16.006 9.389   0.528   1.00 17.96 ? 204 LYS A C   1 
ATOM   1462 O O   . LYS A 1 196 ? -15.898 9.456   -0.690  1.00 20.34 ? 204 LYS A O   1 
ATOM   1463 C CB  . LYS A 1 196 ? -17.886 8.125   1.556   1.00 21.39 ? 204 LYS A CB  1 
ATOM   1464 C CG  . LYS A 1 196 ? -18.468 6.810   1.987   1.00 24.69 ? 204 LYS A CG  1 
ATOM   1465 C CD  . LYS A 1 196 ? -19.963 6.955   2.233   1.00 30.05 ? 204 LYS A CD  1 
ATOM   1466 C CE  . LYS A 1 196 ? -20.589 5.637   2.641   1.00 36.09 ? 204 LYS A CE  1 
ATOM   1467 N NZ  . LYS A 1 196 ? -22.013 5.815   3.044   1.00 39.63 ? 204 LYS A NZ  1 
ATOM   1468 N N   . GLU A 1 197 ? -15.809 10.426  1.333   1.00 18.87 ? 205 GLU A N   1 
ATOM   1469 C CA  . GLU A 1 197 ? -15.438 11.733  0.816   1.00 20.01 ? 205 GLU A CA  1 
ATOM   1470 C C   . GLU A 1 197 ? -14.127 11.653  0.041   1.00 18.20 ? 205 GLU A C   1 
ATOM   1471 O O   . GLU A 1 197 ? -13.996 12.205  -1.059  1.00 19.15 ? 205 GLU A O   1 
ATOM   1472 C CB  . GLU A 1 197 ? -15.303 12.712  1.978   1.00 18.86 ? 205 GLU A CB  1 
ATOM   1473 C CG  . GLU A 1 197 ? -14.814 14.082  1.580   1.00 20.94 ? 205 GLU A CG  1 
ATOM   1474 C CD  . GLU A 1 197 ? -14.611 14.975  2.781   1.00 22.28 ? 205 GLU A CD  1 
ATOM   1475 O OE1 . GLU A 1 197 ? -13.993 14.517  3.767   1.00 20.66 ? 205 GLU A OE1 1 
ATOM   1476 O OE2 . GLU A 1 197 ? -15.072 16.137  2.741   1.00 21.22 ? 205 GLU A OE2 1 
ATOM   1477 N N   . ILE A 1 198 ? -13.154 10.959  0.617   1.00 16.67 ? 206 ILE A N   1 
ATOM   1478 C CA  . ILE A 1 198 ? -11.834 10.865  0.004   1.00 17.90 ? 206 ILE A CA  1 
ATOM   1479 C C   . ILE A 1 198 ? -11.849 10.041  -1.280  1.00 18.83 ? 206 ILE A C   1 
ATOM   1480 O O   . ILE A 1 198 ? -11.236 10.424  -2.268  1.00 20.04 ? 206 ILE A O   1 
ATOM   1481 C CB  . ILE A 1 198 ? -10.811 10.277  0.984   1.00 17.28 ? 206 ILE A CB  1 
ATOM   1482 C CG1 . ILE A 1 198 ? -10.651 11.214  2.185   1.00 20.82 ? 206 ILE A CG1 1 
ATOM   1483 C CG2 . ILE A 1 198 ? -9.479  10.043  0.281   1.00 19.62 ? 206 ILE A CG2 1 
ATOM   1484 C CD1 . ILE A 1 198 ? -10.042 10.524  3.403   1.00 18.44 ? 206 ILE A CD1 1 
ATOM   1485 N N   . VAL A 1 199 ? -12.548 8.910   -1.260  1.00 17.93 ? 207 VAL A N   1 
ATOM   1486 C CA  . VAL A 1 199 ? -12.679 8.089   -2.456  1.00 18.95 ? 207 VAL A CA  1 
ATOM   1487 C C   . VAL A 1 199 ? -13.360 8.854   -3.595  1.00 19.04 ? 207 VAL A C   1 
ATOM   1488 O O   . VAL A 1 199 ? -12.898 8.817   -4.733  1.00 20.36 ? 207 VAL A O   1 
ATOM   1489 C CB  . VAL A 1 199 ? -13.438 6.783   -2.166  1.00 19.10 ? 207 VAL A CB  1 
ATOM   1490 C CG1 . VAL A 1 199 ? -13.750 6.053   -3.464  1.00 22.26 ? 207 VAL A CG1 1 
ATOM   1491 C CG2 . VAL A 1 199 ? -12.600 5.901   -1.259  1.00 18.85 ? 207 VAL A CG2 1 
ATOM   1492 N N   . LYS A 1 200 ? -14.433 9.571   -3.278  1.00 19.93 ? 208 LYS A N   1 
ATOM   1493 C CA  . LYS A 1 200 ? -15.140 10.356  -4.288  1.00 22.64 ? 208 LYS A CA  1 
ATOM   1494 C C   . LYS A 1 200 ? -14.253 11.450  -4.894  1.00 26.11 ? 208 LYS A C   1 
ATOM   1495 O O   . LYS A 1 200 ? -14.266 11.690  -6.111  1.00 27.75 ? 208 LYS A O   1 
ATOM   1496 C CB  . LYS A 1 200 ? -16.413 10.967  -3.694  1.00 24.84 ? 208 LYS A CB  1 
ATOM   1497 C CG  . LYS A 1 200 ? -17.221 11.791  -4.691  1.00 32.14 ? 208 LYS A CG  1 
ATOM   1498 C CD  . LYS A 1 200 ? -18.497 12.327  -4.058  1.00 37.49 ? 208 LYS A CD  1 
ATOM   1499 C CE  . LYS A 1 200 ? -19.346 13.087  -5.071  1.00 44.76 ? 208 LYS A CE  1 
ATOM   1500 N NZ  . LYS A 1 200 ? -20.692 13.421  -4.516  1.00 51.71 ? 208 LYS A NZ  1 
ATOM   1501 N N   . LYS A 1 201 ? -13.462 12.093  -4.042  1.00 23.34 ? 209 LYS A N   1 
ATOM   1502 C CA  . LYS A 1 201 ? -12.616 13.215  -4.456  1.00 24.01 ? 209 LYS A CA  1 
ATOM   1503 C C   . LYS A 1 201 ? -11.456 12.796  -5.358  1.00 25.17 ? 209 LYS A C   1 
ATOM   1504 O O   . LYS A 1 201 ? -11.180 13.449  -6.369  1.00 26.97 ? 209 LYS A O   1 
ATOM   1505 C CB  . LYS A 1 201 ? -12.082 13.927  -3.209  1.00 24.17 ? 209 LYS A CB  1 
ATOM   1506 C CG  . LYS A 1 201 ? -11.280 15.190  -3.464  1.00 26.26 ? 209 LYS A CG  1 
ATOM   1507 C CD  . LYS A 1 201 ? -10.852 15.791  -2.134  1.00 28.97 ? 209 LYS A CD  1 
ATOM   1508 C CE  . LYS A 1 201 ? -10.226 17.166  -2.298  1.00 36.29 ? 209 LYS A CE  1 
ATOM   1509 N NZ  . LYS A 1 201 ? -10.038 17.843  -0.977  1.00 36.77 ? 209 LYS A NZ  1 
ATOM   1510 N N   . HIS A 1 202 ? -10.789 11.698  -4.998  1.00 23.34 ? 210 HIS A N   1 
ATOM   1511 C CA  . HIS A 1 202 ? -9.497  11.337  -5.581  1.00 22.68 ? 210 HIS A CA  1 
ATOM   1512 C C   . HIS A 1 202 ? -9.479  10.040  -6.388  1.00 23.42 ? 210 HIS A C   1 
ATOM   1513 O O   . HIS A 1 202 ? -8.529  9.795   -7.135  1.00 25.22 ? 210 HIS A O   1 
ATOM   1514 C CB  . HIS A 1 202 ? -8.457  11.207  -4.470  1.00 23.21 ? 210 HIS A CB  1 
ATOM   1515 C CG  . HIS A 1 202 ? -8.150  12.493  -3.777  1.00 25.31 ? 210 HIS A CG  1 
ATOM   1516 N ND1 . HIS A 1 202 ? -7.583  13.566  -4.427  1.00 29.48 ? 210 HIS A ND1 1 
ATOM   1517 C CD2 . HIS A 1 202 ? -8.322  12.877  -2.491  1.00 29.20 ? 210 HIS A CD2 1 
ATOM   1518 C CE1 . HIS A 1 202 ? -7.421  14.559  -3.571  1.00 29.41 ? 210 HIS A CE1 1 
ATOM   1519 N NE2 . HIS A 1 202 ? -7.861  14.166  -2.389  1.00 28.04 ? 210 HIS A NE2 1 
ATOM   1520 N N   . SER A 1 203 ? -10.505 9.211   -6.229  1.00 21.78 ? 211 SER A N   1 
ATOM   1521 C CA  . SER A 1 203 ? -10.487 7.869   -6.810  1.00 22.78 ? 211 SER A CA  1 
ATOM   1522 C C   . SER A 1 203 ? -11.769 7.495   -7.556  1.00 25.40 ? 211 SER A C   1 
ATOM   1523 O O   . SER A 1 203 ? -12.075 6.313   -7.709  1.00 28.17 ? 211 SER A O   1 
ATOM   1524 C CB  . SER A 1 203 ? -10.210 6.826   -5.717  1.00 22.90 ? 211 SER A CB  1 
ATOM   1525 O OG  . SER A 1 203 ? -8.973  7.076   -5.065  1.00 23.57 ? 211 SER A OG  1 
ATOM   1526 N N   . GLN A 1 204 ? -12.506 8.491   -8.036  1.00 27.19 ? 212 GLN A N   1 
ATOM   1527 C CA  . GLN A 1 204 ? -13.821 8.232   -8.630  1.00 29.90 ? 212 GLN A CA  1 
ATOM   1528 C C   . GLN A 1 204 ? -13.818 7.403   -9.921  1.00 28.55 ? 212 GLN A C   1 
ATOM   1529 O O   . GLN A 1 204 ? -14.834 6.803   -10.262 1.00 30.13 ? 212 GLN A O   1 
ATOM   1530 C CB  . GLN A 1 204 ? -14.589 9.543   -8.853  1.00 34.08 ? 212 GLN A CB  1 
ATOM   1531 C CG  . GLN A 1 204 ? -13.773 10.639  -9.517  1.00 35.73 ? 212 GLN A CG  1 
ATOM   1532 C CD  . GLN A 1 204 ? -14.631 11.808  -9.977  1.00 41.54 ? 212 GLN A CD  1 
ATOM   1533 O OE1 . GLN A 1 204 ? -15.859 11.707  -10.043 1.00 44.56 ? 212 GLN A OE1 1 
ATOM   1534 N NE2 . GLN A 1 204 ? -13.984 12.923  -10.304 1.00 46.95 ? 212 GLN A NE2 1 
ATOM   1535 N N   . PHE A 1 205 ? -12.695 7.364   -10.636 1.00 26.46 ? 213 PHE A N   1 
ATOM   1536 C CA  . PHE A 1 205 ? -12.678 6.692   -11.939 1.00 26.22 ? 213 PHE A CA  1 
ATOM   1537 C C   . PHE A 1 205 ? -11.829 5.424   -11.991 1.00 25.80 ? 213 PHE A C   1 
ATOM   1538 O O   . PHE A 1 205 ? -11.486 4.933   -13.073 1.00 26.80 ? 213 PHE A O   1 
ATOM   1539 C CB  . PHE A 1 205 ? -12.270 7.666   -13.048 1.00 27.37 ? 213 PHE A CB  1 
ATOM   1540 C CG  . PHE A 1 205 ? -13.228 8.809   -13.214 1.00 28.45 ? 213 PHE A CG  1 
ATOM   1541 C CD1 . PHE A 1 205 ? -14.552 8.574   -13.543 1.00 33.09 ? 213 PHE A CD1 1 
ATOM   1542 C CD2 . PHE A 1 205 ? -12.809 10.115  -13.025 1.00 35.68 ? 213 PHE A CD2 1 
ATOM   1543 C CE1 . PHE A 1 205 ? -15.442 9.624   -13.691 1.00 36.89 ? 213 PHE A CE1 1 
ATOM   1544 C CE2 . PHE A 1 205 ? -13.695 11.171  -13.170 1.00 39.21 ? 213 PHE A CE2 1 
ATOM   1545 C CZ  . PHE A 1 205 ? -15.012 10.923  -13.502 1.00 38.80 ? 213 PHE A CZ  1 
ATOM   1546 N N   . ILE A 1 206 ? -11.505 4.889   -10.820 1.00 22.07 ? 214 ILE A N   1 
ATOM   1547 C CA  . ILE A 1 206 ? -10.793 3.620   -10.738 1.00 20.82 ? 214 ILE A CA  1 
ATOM   1548 C C   . ILE A 1 206 ? -11.635 2.514   -11.373 1.00 21.37 ? 214 ILE A C   1 
ATOM   1549 O O   . ILE A 1 206 ? -12.836 2.413   -11.119 1.00 24.80 ? 214 ILE A O   1 
ATOM   1550 C CB  . ILE A 1 206 ? -10.462 3.283   -9.266  1.00 21.15 ? 214 ILE A CB  1 
ATOM   1551 C CG1 . ILE A 1 206 ? -9.420  4.266   -8.723  1.00 22.51 ? 214 ILE A CG1 1 
ATOM   1552 C CG2 . ILE A 1 206 ? -9.976  1.839   -9.129  1.00 23.29 ? 214 ILE A CG2 1 
ATOM   1553 C CD1 . ILE A 1 206 ? -8.023  4.084   -9.312  1.00 24.81 ? 214 ILE A CD1 1 
ATOM   1554 N N   . GLY A 1 207 ? -10.997 1.684   -12.190 1.00 20.23 ? 215 GLY A N   1 
ATOM   1555 C CA  . GLY A 1 207 ? -11.706 0.730   -13.026 1.00 21.65 ? 215 GLY A CA  1 
ATOM   1556 C C   . GLY A 1 207 ? -12.006 -0.617  -12.396 1.00 24.06 ? 215 GLY A C   1 
ATOM   1557 O O   . GLY A 1 207 ? -12.092 -1.627  -13.093 1.00 24.33 ? 215 GLY A O   1 
ATOM   1558 N N   . TYR A 1 208 ? -12.167 -0.623  -11.078 1.00 21.09 ? 216 TYR A N   1 
ATOM   1559 C CA  . TYR A 1 208 ? -12.485 -1.839  -10.335 1.00 22.13 ? 216 TYR A CA  1 
ATOM   1560 C C   . TYR A 1 208 ? -13.432 -1.451  -9.223  1.00 18.57 ? 216 TYR A C   1 
ATOM   1561 O O   . TYR A 1 208 ? -13.398 -0.319  -8.747  1.00 22.26 ? 216 TYR A O   1 
ATOM   1562 C CB  . TYR A 1 208 ? -11.205 -2.470  -9.755  1.00 19.12 ? 216 TYR A CB  1 
ATOM   1563 C CG  . TYR A 1 208 ? -10.223 -2.870  -10.824 1.00 19.48 ? 216 TYR A CG  1 
ATOM   1564 C CD1 . TYR A 1 208 ? -10.385 -4.055  -11.523 1.00 20.65 ? 216 TYR A CD1 1 
ATOM   1565 C CD2 . TYR A 1 208 ? -9.160  -2.040  -11.171 1.00 20.48 ? 216 TYR A CD2 1 
ATOM   1566 C CE1 . TYR A 1 208 ? -9.512  -4.418  -12.521 1.00 22.54 ? 216 TYR A CE1 1 
ATOM   1567 C CE2 . TYR A 1 208 ? -8.276  -2.393  -12.174 1.00 19.02 ? 216 TYR A CE2 1 
ATOM   1568 C CZ  . TYR A 1 208 ? -8.464  -3.586  -12.849 1.00 20.38 ? 216 TYR A CZ  1 
ATOM   1569 O OH  . TYR A 1 208 ? -7.599  -3.967  -13.846 1.00 21.65 ? 216 TYR A OH  1 
ATOM   1570 N N   . PRO A 1 209 ? -14.299 -2.378  -8.804  1.00 20.56 ? 217 PRO A N   1 
ATOM   1571 C CA  . PRO A 1 209 ? -15.222 -2.032  -7.722  1.00 20.02 ? 217 PRO A CA  1 
ATOM   1572 C C   . PRO A 1 209 ? -14.451 -1.787  -6.437  1.00 18.30 ? 217 PRO A C   1 
ATOM   1573 O O   . PRO A 1 209 ? -13.541 -2.556  -6.110  1.00 20.73 ? 217 PRO A O   1 
ATOM   1574 C CB  . PRO A 1 209 ? -16.083 -3.292  -7.571  1.00 23.37 ? 217 PRO A CB  1 
ATOM   1575 C CG  . PRO A 1 209 ? -15.875 -4.078  -8.826  1.00 25.39 ? 217 PRO A CG  1 
ATOM   1576 C CD  . PRO A 1 209 ? -14.494 -3.750  -9.301  1.00 21.53 ? 217 PRO A CD  1 
ATOM   1577 N N   . ILE A 1 210 ? -14.798 -0.710  -5.744  1.00 17.99 ? 218 ILE A N   1 
ATOM   1578 C CA  . ILE A 1 210 ? -14.230 -0.399  -4.446  1.00 18.06 ? 218 ILE A CA  1 
ATOM   1579 C C   . ILE A 1 210 ? -15.363 -0.498  -3.431  1.00 21.86 ? 218 ILE A C   1 
ATOM   1580 O O   . ILE A 1 210 ? -16.326 0.273   -3.487  1.00 23.50 ? 218 ILE A O   1 
ATOM   1581 C CB  . ILE A 1 210 ? -13.659 1.022   -4.401  1.00 17.67 ? 218 ILE A CB  1 
ATOM   1582 C CG1 . ILE A 1 210 ? -12.512 1.172   -5.413  1.00 19.51 ? 218 ILE A CG1 1 
ATOM   1583 C CG2 . ILE A 1 210 ? -13.210 1.364   -2.976  1.00 20.66 ? 218 ILE A CG2 1 
ATOM   1584 C CD1 . ILE A 1 210 ? -11.949 2.605   -5.505  1.00 20.12 ? 218 ILE A CD1 1 
ATOM   1585 N N   . THR A 1 211 ? -15.259 -1.451  -2.517  1.00 17.39 ? 219 THR A N   1 
ATOM   1586 C CA  . THR A 1 211 ? -16.305 -1.617  -1.501  1.00 15.80 ? 219 THR A CA  1 
ATOM   1587 C C   . THR A 1 211 ? -15.820 -1.117  -0.152  1.00 15.84 ? 219 THR A C   1 
ATOM   1588 O O   . THR A 1 211 ? -14.833 -1.611  0.380   1.00 15.94 ? 219 THR A O   1 
ATOM   1589 C CB  . THR A 1 211 ? -16.715 -3.084  -1.367  1.00 15.72 ? 219 THR A CB  1 
ATOM   1590 O OG1 . THR A 1 211 ? -17.194 -3.571  -2.631  1.00 18.98 ? 219 THR A OG1 1 
ATOM   1591 C CG2 . THR A 1 211 ? -17.821 -3.238  -0.314  1.00 19.29 ? 219 THR A CG2 1 
ATOM   1592 N N   . LEU A 1 212 ? -16.510 -0.122  0.396   1.00 17.32 ? 220 LEU A N   1 
ATOM   1593 C CA  . LEU A 1 212 ? -16.194 0.369   1.719   1.00 16.26 ? 220 LEU A CA  1 
ATOM   1594 C C   . LEU A 1 212 ? -17.012 -0.410  2.739   1.00 16.32 ? 220 LEU A C   1 
ATOM   1595 O O   . LEU A 1 212 ? -18.239 -0.234  2.819   1.00 19.23 ? 220 LEU A O   1 
ATOM   1596 C CB  . LEU A 1 212 ? -16.518 1.859   1.821   1.00 18.52 ? 220 LEU A CB  1 
ATOM   1597 C CG  . LEU A 1 212 ? -16.354 2.462   3.217   1.00 21.36 ? 220 LEU A CG  1 
ATOM   1598 C CD1 . LEU A 1 212 ? -14.951 2.216   3.775   1.00 19.36 ? 220 LEU A CD1 1 
ATOM   1599 C CD2 . LEU A 1 212 ? -16.667 3.949   3.184   1.00 22.07 ? 220 LEU A CD2 1 
ATOM   1600 N N   . PHE A 1 213 ? -16.343 -1.276  3.498   1.00 16.84 ? 221 PHE A N   1 
ATOM   1601 C CA  . PHE A 1 213 ? -17.020 -2.046  4.541   1.00 17.30 ? 221 PHE A CA  1 
ATOM   1602 C C   . PHE A 1 213 ? -17.440 -1.097  5.645   1.00 20.72 ? 221 PHE A C   1 
ATOM   1603 O O   . PHE A 1 213 ? -16.807 -0.055  5.869   1.00 19.91 ? 221 PHE A O   1 
ATOM   1604 C CB  . PHE A 1 213 ? -16.107 -3.120  5.153   1.00 17.01 ? 221 PHE A CB  1 
ATOM   1605 C CG  . PHE A 1 213 ? -15.861 -4.327  4.270   1.00 15.51 ? 221 PHE A CG  1 
ATOM   1606 C CD1 . PHE A 1 213 ? -15.842 -4.232  2.885   1.00 16.65 ? 221 PHE A CD1 1 
ATOM   1607 C CD2 . PHE A 1 213 ? -15.629 -5.563  4.856   1.00 16.92 ? 221 PHE A CD2 1 
ATOM   1608 C CE1 . PHE A 1 213 ? -15.595 -5.354  2.103   1.00 16.16 ? 221 PHE A CE1 1 
ATOM   1609 C CE2 . PHE A 1 213 ? -15.388 -6.697  4.084   1.00 16.10 ? 221 PHE A CE2 1 
ATOM   1610 C CZ  . PHE A 1 213 ? -15.381 -6.595  2.706   1.00 16.83 ? 221 PHE A CZ  1 
ATOM   1611 N N   . VAL A 1 214 ? -18.499 -1.471  6.351   1.00 18.46 ? 222 VAL A N   1 
ATOM   1612 C CA  . VAL A 1 214 ? -19.090 -0.744  7.456   1.00 20.67 ? 222 VAL A CA  1 
ATOM   1613 C C   . VAL A 1 214 ? -18.728 -1.446  8.781   1.00 23.19 ? 222 VAL A C   1 
ATOM   1614 O O   . VAL A 1 214 ? -18.579 -2.617  8.803   1.00 22.29 ? 222 VAL A O   1 
ATOM   1615 C CB  . VAL A 1 214 ? -20.636 -0.765  7.301   1.00 28.29 ? 222 VAL A CB  1 
ATOM   1616 C CG1 . VAL A 1 214 ? -21.304 -0.105  8.450   1.00 26.92 ? 222 VAL A CG1 1 
ATOM   1617 C CG2 . VAL A 1 214 ? -21.016 -0.122  6.085   1.00 32.30 ? 222 VAL A CG2 1 
ATOM   1618 N N   . GLU A 1 215 ? -18.625 -0.720  9.881   1.00 28.58 ? 223 GLU A N   1 
ATOM   1619 C CA  . GLU A 1 215 ? -18.256 -1.349  11.137  1.00 30.32 ? 223 GLU A CA  1 
ATOM   1620 C C   . GLU A 1 215 ? -19.433 -1.921  11.909  1.00 33.92 ? 223 GLU A C   1 
ATOM   1621 O O   . GLU A 1 215 ? -20.516 -1.331  11.957  1.00 35.00 ? 223 GLU A O   1 
ATOM   1622 C CB  . GLU A 1 215 ? -17.483 -0.373  12.003  1.00 33.54 ? 223 GLU A CB  1 
ATOM   1623 C CG  . GLU A 1 215 ? -16.114 -0.076  11.459  1.00 34.65 ? 223 GLU A CG  1 
ATOM   1624 C CD  . GLU A 1 215 ? -15.099 0.030   12.555  1.00 31.81 ? 223 GLU A CD  1 
ATOM   1625 O OE1 . GLU A 1 215 ? -14.968 -0.940  13.329  1.00 34.49 ? 223 GLU A OE1 1 
ATOM   1626 O OE2 . GLU A 1 215 ? -14.446 1.087   12.644  1.00 40.34 ? 223 GLU A OE2 1 
ATOM   1627 N N   . LYS A 1 216 ? -19.189 -3.082  12.510  1.00 34.89 ? 224 LYS A N   1 
ATOM   1628 C CA  . LYS A 1 216 ? -20.148 -3.762  13.361  1.00 35.36 ? 224 LYS A CA  1 
ATOM   1629 C C   . LYS A 1 216 ? -20.194 -3.093  14.735  1.00 42.03 ? 224 LYS A C   1 
ATOM   1630 O O   . LYS A 1 216 ? -21.041 -2.242  15.001  1.00 45.12 ? 224 LYS A O   1 
ATOM   1631 C CB  . LYS A 1 216 ? -19.744 -5.234  13.514  1.00 39.58 ? 224 LYS A CB  1 
ATOM   1632 C CG  . LYS A 1 216 ? -19.693 -6.027  12.211  1.00 34.40 ? 224 LYS A CG  1 
ATOM   1633 C CD  . LYS A 1 216 ? -18.711 -7.184  12.312  1.00 37.46 ? 224 LYS A CD  1 
ATOM   1634 C CE  . LYS A 1 216 ? -17.267 -6.658  12.327  1.00 35.45 ? 224 LYS A CE  1 
ATOM   1635 N NZ  . LYS A 1 216 ? -16.203 -7.690  12.488  1.00 37.32 ? 224 LYS A NZ  1 
HETATM 1636 C C01 . FJ1 B 2 .   ? 7.490   -1.768  0.023   1.00 18.22 ? 501 FJ1 A C01 1 
HETATM 1637 C C02 . FJ1 B 2 .   ? 6.498   -2.860  -0.253  1.00 16.79 ? 501 FJ1 A C02 1 
HETATM 1638 C C03 . FJ1 B 2 .   ? 5.221   -2.343  -0.854  1.00 18.07 ? 501 FJ1 A C03 1 
HETATM 1639 C C04 . FJ1 B 2 .   ? 7.776   -0.916  -1.151  1.00 21.31 ? 501 FJ1 A C04 1 
HETATM 1640 C C05 . FJ1 B 2 .   ? 6.711   -0.697  -2.147  1.00 20.30 ? 501 FJ1 A C05 1 
HETATM 1641 C C06 . FJ1 B 2 .   ? 5.464   -1.402  -2.012  1.00 20.02 ? 501 FJ1 A C06 1 
HETATM 1642 N N07 . FJ1 B 2 .   ? 4.680   -1.044  -3.046  1.00 22.06 ? 501 FJ1 A N07 1 
HETATM 1643 N N08 . FJ1 B 2 .   ? 5.301   -0.173  -3.833  1.00 21.69 ? 501 FJ1 A N08 1 
HETATM 1644 C C09 . FJ1 B 2 .   ? 6.529   0.083   -3.361  1.00 20.26 ? 501 FJ1 A C09 1 
HETATM 1645 C C10 . FJ1 B 2 .   ? 6.148   -3.579  1.011   1.00 17.86 ? 501 FJ1 A C10 1 
HETATM 1646 C C11 . FJ1 B 2 .   ? 7.129   -3.843  -1.189  1.00 17.39 ? 501 FJ1 A C11 1 
HETATM 1647 O O12 . FJ1 B 2 .   ? 8.895   -0.433  -1.332  1.00 24.63 ? 501 FJ1 A O12 1 
HETATM 1648 C C13 . FJ1 B 2 .   ? 7.480   1.011   -4.030  1.00 25.96 ? 501 FJ1 A C13 1 
HETATM 1649 F F14 . FJ1 B 2 .   ? 7.673   2.086   -3.276  1.00 27.17 ? 501 FJ1 A F14 1 
HETATM 1650 F F15 . FJ1 B 2 .   ? 8.635   0.396   -4.253  1.00 29.93 ? 501 FJ1 A F15 1 
HETATM 1651 F F16 . FJ1 B 2 .   ? 6.933   1.367   -5.184  1.00 31.69 ? 501 FJ1 A F16 1 
HETATM 1652 O O   . HOH C 3 .   ? -8.777  -2.991  9.254   1.00 19.29 ? 601 HOH A O   1 
HETATM 1653 O O   . HOH C 3 .   ? -1.734  -7.274  -5.317  1.00 18.57 ? 602 HOH A O   1 
HETATM 1654 O O   . HOH C 3 .   ? -3.606  -3.443  -1.076  1.00 16.44 ? 603 HOH A O   1 
HETATM 1655 O O   . HOH C 3 .   ? 3.770   -14.347 -2.792  1.00 19.41 ? 604 HOH A O   1 
HETATM 1656 O O   . HOH C 3 .   ? 12.675  3.659   8.023   1.00 19.23 ? 605 HOH A O   1 
HETATM 1657 O O   . HOH C 3 .   ? 14.950  -0.814  0.742   1.00 23.08 ? 606 HOH A O   1 
HETATM 1658 O O   . HOH C 3 .   ? 6.785   -9.412  9.092   1.00 21.41 ? 607 HOH A O   1 
HETATM 1659 O O   . HOH C 3 .   ? -2.639  -0.968  -1.827  1.00 22.68 ? 608 HOH A O   1 
HETATM 1660 O O   . HOH C 3 .   ? 10.342  -0.910  11.863  1.00 20.70 ? 609 HOH A O   1 
HETATM 1661 O O   . HOH C 3 .   ? -20.803 -1.270  2.886   1.00 23.15 ? 610 HOH A O   1 
HETATM 1662 O O   . HOH C 3 .   ? -0.039  -13.808 -8.987  1.00 22.28 ? 611 HOH A O   1 
HETATM 1663 O O   . HOH C 3 .   ? 11.733  -4.355  -2.284  1.00 25.67 ? 612 HOH A O   1 
HETATM 1664 O O   . HOH C 3 .   ? 3.301   5.219   -6.653  1.00 20.55 ? 613 HOH A O   1 
HETATM 1665 O O   . HOH C 3 .   ? -6.758  6.319   -6.511  1.00 22.72 ? 614 HOH A O   1 
HETATM 1666 O O   . HOH C 3 .   ? -4.370  1.278   -12.763 1.00 24.24 ? 615 HOH A O   1 
HETATM 1667 O O   . HOH C 3 .   ? 0.693   11.494  -6.436  1.00 23.73 ? 616 HOH A O   1 
HETATM 1668 O O   . HOH C 3 .   ? -8.218  1.790   -12.798 1.00 24.00 ? 617 HOH A O   1 
HETATM 1669 O O   . HOH C 3 .   ? -1.850  -17.020 -5.533  1.00 25.77 ? 618 HOH A O   1 
HETATM 1670 O O   . HOH C 3 .   ? 0.672   5.504   -5.647  1.00 23.11 ? 619 HOH A O   1 
HETATM 1671 O O   . HOH C 3 .   ? -1.350  -3.425  -4.067  1.00 22.69 ? 620 HOH A O   1 
HETATM 1672 O O   . HOH C 3 .   ? 10.840  -3.671  1.527   1.00 24.15 ? 621 HOH A O   1 
HETATM 1673 O O   . HOH C 3 .   ? 0.788   -14.789 -11.771 1.00 25.65 ? 622 HOH A O   1 
HETATM 1674 O O   . HOH C 3 .   ? -16.839 -4.624  8.979   1.00 25.44 ? 623 HOH A O   1 
HETATM 1675 O O   . HOH C 3 .   ? 4.237   2.926   -4.594  1.00 19.22 ? 624 HOH A O   1 
HETATM 1676 O O   . HOH C 3 .   ? 14.823  -11.012 12.967  1.00 25.61 ? 625 HOH A O   1 
HETATM 1677 O O   . HOH C 3 .   ? -12.543 -6.042  10.455  1.00 26.91 ? 626 HOH A O   1 
HETATM 1678 O O   . HOH C 3 .   ? -11.508 -8.808  1.804   1.00 24.87 ? 627 HOH A O   1 
HETATM 1679 O O   . HOH C 3 .   ? -15.037 -4.468  -4.044  1.00 22.02 ? 628 HOH A O   1 
HETATM 1680 O O   . HOH C 3 .   ? 4.440   14.787  6.111   1.00 20.80 ? 629 HOH A O   1 
HETATM 1681 O O   . HOH C 3 .   ? -6.576  -10.557 -1.720  1.00 25.13 ? 630 HOH A O   1 
HETATM 1682 O O   . HOH C 3 .   ? 4.514   -8.330  -8.211  1.00 26.62 ? 631 HOH A O   1 
HETATM 1683 O O   . HOH C 3 .   ? -6.117  15.574  4.562   1.00 22.86 ? 632 HOH A O   1 
HETATM 1684 O O   . HOH C 3 .   ? 13.630  6.130   8.324   1.00 25.46 ? 633 HOH A O   1 
HETATM 1685 O O   . HOH C 3 .   ? -14.474 -4.108  10.223  1.00 25.32 ? 634 HOH A O   1 
HETATM 1686 O O   . HOH C 3 .   ? 0.094   -0.694  -1.956  1.00 23.74 ? 635 HOH A O   1 
HETATM 1687 O O   . HOH C 3 .   ? -15.731 14.257  -1.977  1.00 25.87 ? 636 HOH A O   1 
HETATM 1688 O O   . HOH C 3 .   ? -7.918  -0.123  -14.888 1.00 27.23 ? 637 HOH A O   1 
HETATM 1689 O O   . HOH C 3 .   ? 10.572  -14.747 -4.501  1.00 26.27 ? 638 HOH A O   1 
HETATM 1690 O O   . HOH C 3 .   ? 0.610   -14.629 -18.734 1.00 28.97 ? 639 HOH A O   1 
HETATM 1691 O O   . HOH C 3 .   ? 2.020   -2.098  -3.315  1.00 25.78 ? 640 HOH A O   1 
HETATM 1692 O O   . HOH C 3 .   ? 3.060   21.995  4.392   1.00 28.11 ? 641 HOH A O   1 
HETATM 1693 O O   . HOH C 3 .   ? -8.166  12.273  12.740  1.00 24.97 ? 642 HOH A O   1 
HETATM 1694 O O   . HOH C 3 .   ? -16.919 2.515   6.841   1.00 28.24 ? 643 HOH A O   1 
HETATM 1695 O O   . HOH C 3 .   ? 7.804   -6.332  12.236  1.00 27.59 ? 644 HOH A O   1 
HETATM 1696 O O   . HOH C 3 .   ? 0.925   -2.075  -7.656  1.00 25.97 ? 645 HOH A O   1 
HETATM 1697 O O   . HOH C 3 .   ? -9.953  -5.378  9.948   1.00 28.75 ? 646 HOH A O   1 
HETATM 1698 O O   . HOH C 3 .   ? -2.105  19.928  10.384  1.00 29.08 ? 647 HOH A O   1 
HETATM 1699 O O   . HOH C 3 .   ? -6.897  -6.533  8.226   1.00 29.50 ? 648 HOH A O   1 
HETATM 1700 O O   . HOH C 3 .   ? 9.886   -11.752 -8.271  1.00 29.51 ? 649 HOH A O   1 
HETATM 1701 O O   . HOH C 3 .   ? 3.500   12.556  8.793   1.00 27.38 ? 650 HOH A O   1 
HETATM 1702 O O   . HOH C 3 .   ? 11.416  -3.719  11.786  1.00 26.20 ? 651 HOH A O   1 
HETATM 1703 O O   . HOH C 3 .   ? -5.297  13.970  8.749   1.00 25.89 ? 652 HOH A O   1 
HETATM 1704 O O   . HOH C 3 .   ? -1.488  -0.329  -15.090 1.00 32.24 ? 653 HOH A O   1 
HETATM 1705 O O   . HOH C 3 .   ? -4.907  -4.823  -17.670 1.00 26.70 ? 654 HOH A O   1 
HETATM 1706 O O   . HOH C 3 .   ? 7.449   -2.555  13.923  1.00 29.95 ? 655 HOH A O   1 
HETATM 1707 O O   . HOH C 3 .   ? -10.267 -13.002 -6.555  1.00 27.11 ? 656 HOH A O   1 
HETATM 1708 O O   . HOH C 3 .   ? -18.958 0.868   -0.997  1.00 29.10 ? 657 HOH A O   1 
HETATM 1709 O O   . HOH C 3 .   ? -13.259 18.108  1.588   1.00 28.47 ? 658 HOH A O   1 
HETATM 1710 O O   . HOH C 3 .   ? -10.292 -1.423  -15.206 1.00 29.81 ? 659 HOH A O   1 
HETATM 1711 O O   . HOH C 3 .   ? 12.195  6.557   10.880  1.00 30.65 ? 660 HOH A O   1 
HETATM 1712 O O   . HOH C 3 .   ? -2.281  1.945   15.662  1.00 32.54 ? 661 HOH A O   1 
HETATM 1713 O O   . HOH C 3 .   ? -3.758  -19.324 -3.639  1.00 33.71 ? 662 HOH A O   1 
HETATM 1714 O O   . HOH C 3 .   ? -14.009 -9.073  -11.343 1.00 30.20 ? 663 HOH A O   1 
HETATM 1715 O O   . HOH C 3 .   ? 2.089   17.149  9.411   1.00 26.35 ? 664 HOH A O   1 
HETATM 1716 O O   . HOH C 3 .   ? -7.864  -13.596 -5.132  1.00 27.17 ? 665 HOH A O   1 
HETATM 1717 O O   . HOH C 3 .   ? -19.084 11.570  2.791   1.00 27.97 ? 666 HOH A O   1 
HETATM 1718 O O   . HOH C 3 .   ? 5.381   -4.497  -14.362 1.00 33.85 ? 667 HOH A O   1 
HETATM 1719 O O   . HOH C 3 .   ? -7.783  10.813  16.047  1.00 30.70 ? 668 HOH A O   1 
HETATM 1720 O O   . HOH C 3 .   ? -18.191 5.658   10.766  1.00 32.83 ? 669 HOH A O   1 
HETATM 1721 O O   . HOH C 3 .   ? 11.214  -14.483 6.042   1.00 31.63 ? 670 HOH A O   1 
HETATM 1722 O O   . HOH C 3 .   ? 2.011   14.977  7.243   1.00 25.14 ? 671 HOH A O   1 
HETATM 1723 O O   . HOH C 3 .   ? -13.138 -4.121  -13.645 1.00 28.29 ? 672 HOH A O   1 
HETATM 1724 O O   . HOH C 3 .   ? -0.701  7.949   -7.901  1.00 30.13 ? 673 HOH A O   1 
HETATM 1725 O O   . HOH C 3 .   ? -9.018  8.399   -2.600  1.00 26.85 ? 674 HOH A O   1 
HETATM 1726 O O   . HOH C 3 .   ? 4.546   7.090   10.555  1.00 27.03 ? 675 HOH A O   1 
HETATM 1727 O O   . HOH C 3 .   ? -17.302 7.447   -2.184  1.00 28.48 ? 676 HOH A O   1 
HETATM 1728 O O   . HOH C 3 .   ? -0.806  -11.316 -21.538 1.00 32.38 ? 677 HOH A O   1 
HETATM 1729 O O   . HOH C 3 .   ? 4.931   19.295  0.667   1.00 30.18 ? 678 HOH A O   1 
HETATM 1730 O O   . HOH C 3 .   ? -5.030  0.971   -16.797 1.00 33.72 ? 679 HOH A O   1 
HETATM 1731 O O   . HOH C 3 .   ? 7.716   19.659  1.531   1.00 35.53 ? 680 HOH A O   1 
HETATM 1732 O O   . HOH C 3 .   ? -19.921 2.123   2.737   1.00 31.32 ? 681 HOH A O   1 
HETATM 1733 O O   . HOH C 3 .   ? 6.447   4.562   13.516  1.00 30.21 ? 682 HOH A O   1 
HETATM 1734 O O   . HOH C 3 .   ? -3.952  16.622  8.820   1.00 34.01 ? 683 HOH A O   1 
HETATM 1735 O O   . HOH C 3 .   ? 13.209  -7.068  14.037  1.00 30.81 ? 684 HOH A O   1 
HETATM 1736 O O   . HOH C 3 .   ? -12.693 6.871   14.126  1.00 34.29 ? 685 HOH A O   1 
HETATM 1737 O O   . HOH C 3 .   ? -14.692 2.117   -8.506  1.00 31.83 ? 686 HOH A O   1 
HETATM 1738 O O   . HOH C 3 .   ? -9.660  3.626   16.955  1.00 34.09 ? 687 HOH A O   1 
HETATM 1739 O O   . HOH C 3 .   ? 2.232   -12.927 10.041  1.00 36.49 ? 688 HOH A O   1 
HETATM 1740 O O   . HOH C 3 .   ? 8.495   20.624  8.258   1.00 31.96 ? 689 HOH A O   1 
HETATM 1741 O O   . HOH C 3 .   ? 14.898  12.609  5.537   1.00 29.77 ? 690 HOH A O   1 
HETATM 1742 O O   . HOH C 3 .   ? -13.924 -6.301  -11.625 1.00 30.70 ? 691 HOH A O   1 
HETATM 1743 O O   . HOH C 3 .   ? 0.230   7.123   17.682  1.00 36.19 ? 692 HOH A O   1 
HETATM 1744 O O   . HOH C 3 .   ? -1.106  -9.209  10.484  1.00 38.99 ? 693 HOH A O   1 
HETATM 1745 O O   . HOH C 3 .   ? -3.994  -5.965  12.508  1.00 35.06 ? 694 HOH A O   1 
HETATM 1746 O O   . HOH C 3 .   ? 15.919  5.487   9.732   1.00 33.47 ? 695 HOH A O   1 
HETATM 1747 O O   . HOH C 3 .   ? 5.018   0.313   15.999  1.00 34.62 ? 696 HOH A O   1 
HETATM 1748 O O   . HOH C 3 .   ? -0.612  17.667  10.528  1.00 31.08 ? 697 HOH A O   1 
HETATM 1749 O O   . HOH C 3 .   ? -16.190 -4.028  12.599  1.00 38.43 ? 698 HOH A O   1 
HETATM 1750 O O   . HOH C 3 .   ? 6.226   -4.349  15.721  1.00 36.16 ? 699 HOH A O   1 
HETATM 1751 O O   . HOH C 3 .   ? 13.099  15.544  -9.676  1.00 35.15 ? 700 HOH A O   1 
HETATM 1752 O O   . HOH C 3 .   ? -1.371  -6.528  11.582  1.00 32.99 ? 701 HOH A O   1 
HETATM 1753 O O   . HOH C 3 .   ? 8.753   -3.864  11.845  1.00 29.03 ? 702 HOH A O   1 
# 
loop_
_pdbx_poly_seq_scheme.asym_id 
_pdbx_poly_seq_scheme.entity_id 
_pdbx_poly_seq_scheme.seq_id 
_pdbx_poly_seq_scheme.mon_id 
_pdbx_poly_seq_scheme.ndb_seq_num 
_pdbx_poly_seq_scheme.pdb_seq_num 
_pdbx_poly_seq_scheme.auth_seq_num 
_pdbx_poly_seq_scheme.pdb_mon_id 
_pdbx_poly_seq_scheme.auth_mon_id 
_pdbx_poly_seq_scheme.pdb_strand_id 
_pdbx_poly_seq_scheme.pdb_ins_code 
_pdbx_poly_seq_scheme.hetero 
A 1 1   ASP 1   9   ?   ?   ?   A . n 
A 1 2   GLN 2   10  ?   ?   ?   A . n 
A 1 3   PRO 3   11  ?   ?   ?   A . n 
A 1 4   MET 4   12  ?   ?   ?   A . n 
A 1 5   GLU 5   13  ?   ?   ?   A . n 
A 1 6   GLU 6   14  ?   ?   ?   A . n 
A 1 7   GLU 7   15  ?   ?   ?   A . n 
A 1 8   GLU 8   16  ?   ?   ?   A . n 
A 1 9   VAL 9   17  17  VAL VAL A . n 
A 1 10  GLU 10  18  18  GLU GLU A . n 
A 1 11  THR 11  19  19  THR THR A . n 
A 1 12  PHE 12  20  20  PHE PHE A . n 
A 1 13  ALA 13  21  21  ALA ALA A . n 
A 1 14  PHE 14  22  22  PHE PHE A . n 
A 1 15  GLN 15  23  23  GLN GLN A . n 
A 1 16  ALA 16  24  24  ALA ALA A . n 
A 1 17  GLU 17  25  25  GLU GLU A . n 
A 1 18  ILE 18  26  26  ILE ILE A . n 
A 1 19  ALA 19  27  27  ALA ALA A . n 
A 1 20  GLN 20  28  28  GLN GLN A . n 
A 1 21  LEU 21  29  29  LEU LEU A . n 
A 1 22  MET 22  30  30  MET MET A . n 
A 1 23  SER 23  31  31  SER SER A . n 
A 1 24  LEU 24  32  32  LEU LEU A . n 
A 1 25  ILE 25  33  33  ILE ILE A . n 
A 1 26  ILE 26  34  34  ILE ILE A . n 
A 1 27  ASN 27  35  35  ASN ASN A . n 
A 1 28  THR 28  36  36  THR THR A . n 
A 1 29  PHE 29  37  37  PHE PHE A . n 
A 1 30  TYR 30  38  38  TYR TYR A . n 
A 1 31  SER 31  39  39  SER SER A . n 
A 1 32  ASN 32  40  40  ASN ASN A . n 
A 1 33  LYS 33  41  41  LYS LYS A . n 
A 1 34  GLU 34  42  42  GLU GLU A . n 
A 1 35  ILE 35  43  43  ILE ILE A . n 
A 1 36  PHE 36  44  44  PHE PHE A . n 
A 1 37  LEU 37  45  45  LEU LEU A . n 
A 1 38  ARG 38  46  46  ARG ARG A . n 
A 1 39  GLU 39  47  47  GLU GLU A . n 
A 1 40  LEU 40  48  48  LEU LEU A . n 
A 1 41  ILE 41  49  49  ILE ILE A . n 
A 1 42  SER 42  50  50  SER SER A . n 
A 1 43  ASN 43  51  51  ASN ASN A . n 
A 1 44  SER 44  52  52  SER SER A . n 
A 1 45  SER 45  53  53  SER SER A . n 
A 1 46  ASP 46  54  54  ASP ASP A . n 
A 1 47  ALA 47  55  55  ALA ALA A . n 
A 1 48  LEU 48  56  56  LEU LEU A . n 
A 1 49  ASP 49  57  57  ASP ASP A . n 
A 1 50  LYS 50  58  58  LYS LYS A . n 
A 1 51  ILE 51  59  59  ILE ILE A . n 
A 1 52  ARG 52  60  60  ARG ARG A . n 
A 1 53  TYR 53  61  61  TYR TYR A . n 
A 1 54  GLU 54  62  62  GLU GLU A . n 
A 1 55  SER 55  63  63  SER SER A . n 
A 1 56  LEU 56  64  64  LEU LEU A . n 
A 1 57  THR 57  65  65  THR THR A . n 
A 1 58  ASP 58  66  66  ASP ASP A . n 
A 1 59  PRO 59  67  67  PRO PRO A . n 
A 1 60  SER 60  68  68  SER SER A . n 
A 1 61  LYS 61  69  69  LYS LYS A . n 
A 1 62  LEU 62  70  70  LEU LEU A . n 
A 1 63  ASP 63  71  71  ASP ASP A . n 
A 1 64  SER 64  72  72  SER SER A . n 
A 1 65  GLY 65  73  73  GLY GLY A . n 
A 1 66  LYS 66  74  74  LYS LYS A . n 
A 1 67  GLU 67  75  75  GLU GLU A . n 
A 1 68  LEU 68  76  76  LEU LEU A . n 
A 1 69  HIS 69  77  77  HIS HIS A . n 
A 1 70  ILE 70  78  78  ILE ILE A . n 
A 1 71  ASN 71  79  79  ASN ASN A . n 
A 1 72  LEU 72  80  80  LEU LEU A . n 
A 1 73  ILE 73  81  81  ILE ILE A . n 
A 1 74  PRO 74  82  82  PRO PRO A . n 
A 1 75  ASN 75  83  83  ASN ASN A . n 
A 1 76  LYS 76  84  84  LYS LYS A . n 
A 1 77  GLN 77  85  85  GLN GLN A . n 
A 1 78  ASP 78  86  86  ASP ASP A . n 
A 1 79  ARG 79  87  87  ARG ARG A . n 
A 1 80  THR 80  88  88  THR THR A . n 
A 1 81  LEU 81  89  89  LEU LEU A . n 
A 1 82  THR 82  90  90  THR THR A . n 
A 1 83  ILE 83  91  91  ILE ILE A . n 
A 1 84  VAL 84  92  92  VAL VAL A . n 
A 1 85  ASP 85  93  93  ASP ASP A . n 
A 1 86  THR 86  94  94  THR THR A . n 
A 1 87  GLY 87  95  95  GLY GLY A . n 
A 1 88  ILE 88  96  96  ILE ILE A . n 
A 1 89  GLY 89  97  97  GLY GLY A . n 
A 1 90  MET 90  98  98  MET MET A . n 
A 1 91  THR 91  99  99  THR THR A . n 
A 1 92  LYS 92  100 100 LYS LYS A . n 
A 1 93  ALA 93  101 101 ALA ALA A . n 
A 1 94  ASP 94  102 102 ASP ASP A . n 
A 1 95  LEU 95  103 103 LEU LEU A . n 
A 1 96  ILE 96  104 104 ILE ILE A . n 
A 1 97  ASN 97  105 105 ASN ASN A . n 
A 1 98  ASN 98  106 106 ASN ASN A . n 
A 1 99  LEU 99  107 107 LEU LEU A . n 
A 1 100 GLY 100 108 108 GLY GLY A . n 
A 1 101 THR 101 109 109 THR THR A . n 
A 1 102 ILE 102 110 110 ILE ILE A . n 
A 1 103 ALA 103 111 111 ALA ALA A . n 
A 1 104 LYS 104 112 112 LYS LYS A . n 
A 1 105 SER 105 113 113 SER SER A . n 
A 1 106 GLY 106 114 114 GLY GLY A . n 
A 1 107 THR 107 115 115 THR THR A . n 
A 1 108 LYS 108 116 116 LYS LYS A . n 
A 1 109 ALA 109 117 117 ALA ALA A . n 
A 1 110 PHE 110 118 118 PHE PHE A . n 
A 1 111 MET 111 119 119 MET MET A . n 
A 1 112 GLU 112 120 120 GLU GLU A . n 
A 1 113 ALA 113 121 121 ALA ALA A . n 
A 1 114 LEU 114 122 122 LEU LEU A . n 
A 1 115 GLN 115 123 123 GLN GLN A . n 
A 1 116 ALA 116 124 124 ALA ALA A . n 
A 1 117 GLY 117 125 125 GLY GLY A . n 
A 1 118 ALA 118 126 126 ALA ALA A . n 
A 1 119 ASP 119 127 127 ASP ASP A . n 
A 1 120 ILE 120 128 128 ILE ILE A . n 
A 1 121 SER 121 129 129 SER SER A . n 
A 1 122 MET 122 130 130 MET MET A . n 
A 1 123 ILE 123 131 131 ILE ILE A . n 
A 1 124 GLY 124 132 132 GLY GLY A . n 
A 1 125 GLN 125 133 133 GLN GLN A . n 
A 1 126 PHE 126 134 134 PHE PHE A . n 
A 1 127 GLY 127 135 135 GLY GLY A . n 
A 1 128 VAL 128 136 136 VAL VAL A . n 
A 1 129 GLY 129 137 137 GLY GLY A . n 
A 1 130 PHE 130 138 138 PHE PHE A . n 
A 1 131 TYR 131 139 139 TYR TYR A . n 
A 1 132 SER 132 140 140 SER SER A . n 
A 1 133 ALA 133 141 141 ALA ALA A . n 
A 1 134 TYR 134 142 142 TYR TYR A . n 
A 1 135 LEU 135 143 143 LEU LEU A . n 
A 1 136 VAL 136 144 144 VAL VAL A . n 
A 1 137 ALA 137 145 145 ALA ALA A . n 
A 1 138 GLU 138 146 146 GLU GLU A . n 
A 1 139 LYS 139 147 147 LYS LYS A . n 
A 1 140 VAL 140 148 148 VAL VAL A . n 
A 1 141 THR 141 149 149 THR THR A . n 
A 1 142 VAL 142 150 150 VAL VAL A . n 
A 1 143 ILE 143 151 151 ILE ILE A . n 
A 1 144 THR 144 152 152 THR THR A . n 
A 1 145 LYS 145 153 153 LYS LYS A . n 
A 1 146 HIS 146 154 154 HIS HIS A . n 
A 1 147 ASN 147 155 155 ASN ASN A . n 
A 1 148 ASP 148 156 156 ASP ASP A . n 
A 1 149 ASP 149 157 157 ASP ASP A . n 
A 1 150 GLU 150 158 158 GLU GLU A . n 
A 1 151 GLN 151 159 159 GLN GLN A . n 
A 1 152 TYR 152 160 160 TYR TYR A . n 
A 1 153 ALA 153 161 161 ALA ALA A . n 
A 1 154 TRP 154 162 162 TRP TRP A . n 
A 1 155 GLU 155 163 163 GLU GLU A . n 
A 1 156 SER 156 164 164 SER SER A . n 
A 1 157 SER 157 165 165 SER SER A . n 
A 1 158 ALA 158 166 166 ALA ALA A . n 
A 1 159 GLY 159 167 167 GLY GLY A . n 
A 1 160 GLY 160 168 168 GLY GLY A . n 
A 1 161 SER 161 169 169 SER SER A . n 
A 1 162 PHE 162 170 170 PHE PHE A . n 
A 1 163 THR 163 171 171 THR THR A . n 
A 1 164 VAL 164 172 172 VAL VAL A . n 
A 1 165 ARG 165 173 173 ARG ARG A . n 
A 1 166 THR 166 174 174 THR THR A . n 
A 1 167 ASP 167 175 175 ASP ASP A . n 
A 1 168 THR 168 176 176 THR THR A . n 
A 1 169 GLY 169 177 177 GLY GLY A . n 
A 1 170 GLU 170 178 178 GLU GLU A . n 
A 1 171 PRO 171 179 179 PRO PRO A . n 
A 1 172 MET 172 180 180 MET MET A . n 
A 1 173 GLY 173 181 181 GLY GLY A . n 
A 1 174 ARG 174 182 182 ARG ARG A . n 
A 1 175 GLY 175 183 183 GLY GLY A . n 
A 1 176 THR 176 184 184 THR THR A . n 
A 1 177 LYS 177 185 185 LYS LYS A . n 
A 1 178 VAL 178 186 186 VAL VAL A . n 
A 1 179 ILE 179 187 187 ILE ILE A . n 
A 1 180 LEU 180 188 188 LEU LEU A . n 
A 1 181 HIS 181 189 189 HIS HIS A . n 
A 1 182 LEU 182 190 190 LEU LEU A . n 
A 1 183 LYS 183 191 191 LYS LYS A . n 
A 1 184 GLU 184 192 192 GLU GLU A . n 
A 1 185 ASP 185 193 193 ASP ASP A . n 
A 1 186 GLN 186 194 194 GLN GLN A . n 
A 1 187 THR 187 195 195 THR THR A . n 
A 1 188 GLU 188 196 196 GLU GLU A . n 
A 1 189 TYR 189 197 197 TYR TYR A . n 
A 1 190 LEU 190 198 198 LEU LEU A . n 
A 1 191 GLU 191 199 199 GLU GLU A . n 
A 1 192 GLU 192 200 200 GLU GLU A . n 
A 1 193 ARG 193 201 201 ARG ARG A . n 
A 1 194 ARG 194 202 202 ARG ARG A . n 
A 1 195 ILE 195 203 203 ILE ILE A . n 
A 1 196 LYS 196 204 204 LYS LYS A . n 
A 1 197 GLU 197 205 205 GLU GLU A . n 
A 1 198 ILE 198 206 206 ILE ILE A . n 
A 1 199 VAL 199 207 207 VAL VAL A . n 
A 1 200 LYS 200 208 208 LYS LYS A . n 
A 1 201 LYS 201 209 209 LYS LYS A . n 
A 1 202 HIS 202 210 210 HIS HIS A . n 
A 1 203 SER 203 211 211 SER SER A . n 
A 1 204 GLN 204 212 212 GLN GLN A . n 
A 1 205 PHE 205 213 213 PHE PHE A . n 
A 1 206 ILE 206 214 214 ILE ILE A . n 
A 1 207 GLY 207 215 215 GLY GLY A . n 
A 1 208 TYR 208 216 216 TYR TYR A . n 
A 1 209 PRO 209 217 217 PRO PRO A . n 
A 1 210 ILE 210 218 218 ILE ILE A . n 
A 1 211 THR 211 219 219 THR THR A . n 
A 1 212 LEU 212 220 220 LEU LEU A . n 
A 1 213 PHE 213 221 221 PHE PHE A . n 
A 1 214 VAL 214 222 222 VAL VAL A . n 
A 1 215 GLU 215 223 223 GLU GLU A . n 
A 1 216 LYS 216 224 224 LYS LYS A . n 
A 1 217 GLU 217 225 ?   ?   ?   A . n 
A 1 218 ARG 218 226 ?   ?   ?   A . n 
A 1 219 ASP 219 227 ?   ?   ?   A . n 
A 1 220 LYS 220 228 ?   ?   ?   A . n 
A 1 221 GLU 221 229 ?   ?   ?   A . n 
A 1 222 VAL 222 230 ?   ?   ?   A . n 
A 1 223 SER 223 231 ?   ?   ?   A . n 
A 1 224 ASP 224 232 ?   ?   ?   A . n 
A 1 225 ASP 225 233 ?   ?   ?   A . n 
A 1 226 GLU 226 234 ?   ?   ?   A . n 
A 1 227 ALA 227 235 ?   ?   ?   A . n 
A 1 228 GLU 228 236 ?   ?   ?   A . n 
# 
loop_
_pdbx_nonpoly_scheme.asym_id 
_pdbx_nonpoly_scheme.entity_id 
_pdbx_nonpoly_scheme.mon_id 
_pdbx_nonpoly_scheme.ndb_seq_num 
_pdbx_nonpoly_scheme.pdb_seq_num 
_pdbx_nonpoly_scheme.auth_seq_num 
_pdbx_nonpoly_scheme.pdb_mon_id 
_pdbx_nonpoly_scheme.auth_mon_id 
_pdbx_nonpoly_scheme.pdb_strand_id 
_pdbx_nonpoly_scheme.pdb_ins_code 
B 2 FJ1 1   501 501 FJ1 FJ1 A . 
C 3 HOH 1   601 301 HOH HOH A . 
C 3 HOH 2   602 302 HOH HOH A . 
C 3 HOH 3   603 303 HOH HOH A . 
C 3 HOH 4   604 304 HOH HOH A . 
C 3 HOH 5   605 305 HOH HOH A . 
C 3 HOH 6   606 306 HOH HOH A . 
C 3 HOH 7   607 307 HOH HOH A . 
C 3 HOH 8   608 308 HOH HOH A . 
C 3 HOH 9   609 309 HOH HOH A . 
C 3 HOH 10  610 310 HOH HOH A . 
C 3 HOH 11  611 311 HOH HOH A . 
C 3 HOH 12  612 312 HOH HOH A . 
C 3 HOH 13  613 313 HOH HOH A . 
C 3 HOH 14  614 314 HOH HOH A . 
C 3 HOH 15  615 315 HOH HOH A . 
C 3 HOH 16  616 316 HOH HOH A . 
C 3 HOH 17  617 317 HOH HOH A . 
C 3 HOH 18  618 318 HOH HOH A . 
C 3 HOH 19  619 319 HOH HOH A . 
C 3 HOH 20  620 320 HOH HOH A . 
C 3 HOH 21  621 321 HOH HOH A . 
C 3 HOH 22  622 322 HOH HOH A . 
C 3 HOH 23  623 323 HOH HOH A . 
C 3 HOH 24  624 324 HOH HOH A . 
C 3 HOH 25  625 325 HOH HOH A . 
C 3 HOH 26  626 326 HOH HOH A . 
C 3 HOH 27  627 327 HOH HOH A . 
C 3 HOH 28  628 328 HOH HOH A . 
C 3 HOH 29  629 329 HOH HOH A . 
C 3 HOH 30  630 330 HOH HOH A . 
C 3 HOH 31  631 331 HOH HOH A . 
C 3 HOH 32  632 332 HOH HOH A . 
C 3 HOH 33  633 333 HOH HOH A . 
C 3 HOH 34  634 334 HOH HOH A . 
C 3 HOH 35  635 335 HOH HOH A . 
C 3 HOH 36  636 336 HOH HOH A . 
C 3 HOH 37  637 337 HOH HOH A . 
C 3 HOH 38  638 338 HOH HOH A . 
C 3 HOH 39  639 339 HOH HOH A . 
C 3 HOH 40  640 340 HOH HOH A . 
C 3 HOH 41  641 341 HOH HOH A . 
C 3 HOH 42  642 342 HOH HOH A . 
C 3 HOH 43  643 343 HOH HOH A . 
C 3 HOH 44  644 344 HOH HOH A . 
C 3 HOH 45  645 345 HOH HOH A . 
C 3 HOH 46  646 346 HOH HOH A . 
C 3 HOH 47  647 347 HOH HOH A . 
C 3 HOH 48  648 348 HOH HOH A . 
C 3 HOH 49  649 349 HOH HOH A . 
C 3 HOH 50  650 350 HOH HOH A . 
C 3 HOH 51  651 351 HOH HOH A . 
C 3 HOH 52  652 352 HOH HOH A . 
C 3 HOH 53  653 353 HOH HOH A . 
C 3 HOH 54  654 354 HOH HOH A . 
C 3 HOH 55  655 355 HOH HOH A . 
C 3 HOH 56  656 356 HOH HOH A . 
C 3 HOH 57  657 357 HOH HOH A . 
C 3 HOH 58  658 358 HOH HOH A . 
C 3 HOH 59  659 359 HOH HOH A . 
C 3 HOH 60  660 360 HOH HOH A . 
C 3 HOH 61  661 361 HOH HOH A . 
C 3 HOH 62  662 362 HOH HOH A . 
C 3 HOH 63  663 363 HOH HOH A . 
C 3 HOH 64  664 364 HOH HOH A . 
C 3 HOH 65  665 365 HOH HOH A . 
C 3 HOH 66  666 366 HOH HOH A . 
C 3 HOH 67  667 367 HOH HOH A . 
C 3 HOH 68  668 368 HOH HOH A . 
C 3 HOH 69  669 369 HOH HOH A . 
C 3 HOH 70  670 370 HOH HOH A . 
C 3 HOH 71  671 371 HOH HOH A . 
C 3 HOH 72  672 372 HOH HOH A . 
C 3 HOH 73  673 373 HOH HOH A . 
C 3 HOH 74  674 374 HOH HOH A . 
C 3 HOH 75  675 375 HOH HOH A . 
C 3 HOH 76  676 376 HOH HOH A . 
C 3 HOH 77  677 377 HOH HOH A . 
C 3 HOH 78  678 378 HOH HOH A . 
C 3 HOH 79  679 379 HOH HOH A . 
C 3 HOH 80  680 380 HOH HOH A . 
C 3 HOH 81  681 381 HOH HOH A . 
C 3 HOH 82  682 382 HOH HOH A . 
C 3 HOH 83  683 383 HOH HOH A . 
C 3 HOH 84  684 384 HOH HOH A . 
C 3 HOH 85  685 385 HOH HOH A . 
C 3 HOH 86  686 386 HOH HOH A . 
C 3 HOH 87  687 387 HOH HOH A . 
C 3 HOH 88  688 388 HOH HOH A . 
C 3 HOH 89  689 389 HOH HOH A . 
C 3 HOH 90  690 390 HOH HOH A . 
C 3 HOH 91  691 391 HOH HOH A . 
C 3 HOH 92  692 392 HOH HOH A . 
C 3 HOH 93  693 393 HOH HOH A . 
C 3 HOH 94  694 394 HOH HOH A . 
C 3 HOH 95  695 395 HOH HOH A . 
C 3 HOH 96  696 396 HOH HOH A . 
C 3 HOH 97  697 397 HOH HOH A . 
C 3 HOH 98  698 398 HOH HOH A . 
C 3 HOH 99  699 399 HOH HOH A . 
C 3 HOH 100 700 400 HOH HOH A . 
C 3 HOH 101 701 401 HOH HOH A . 
C 3 HOH 102 702 402 HOH HOH A . 
# 
_pdbx_struct_assembly.id                   1 
_pdbx_struct_assembly.details              author_and_software_defined_assembly 
_pdbx_struct_assembly.method_details       PISA 
_pdbx_struct_assembly.oligomeric_details   monomeric 
_pdbx_struct_assembly.oligomeric_count     1 
# 
_pdbx_struct_assembly_gen.assembly_id       1 
_pdbx_struct_assembly_gen.oper_expression   1 
_pdbx_struct_assembly_gen.asym_id_list      A,B,C 
# 
_pdbx_struct_oper_list.id                   1 
_pdbx_struct_oper_list.type                 'identity operation' 
_pdbx_struct_oper_list.name                 1_555 
_pdbx_struct_oper_list.symmetry_operation   x,y,z 
_pdbx_struct_oper_list.matrix[1][1]         1.0000000000 
_pdbx_struct_oper_list.matrix[1][2]         0.0000000000 
_pdbx_struct_oper_list.matrix[1][3]         0.0000000000 
_pdbx_struct_oper_list.vector[1]            0.0000000000 
_pdbx_struct_oper_list.matrix[2][1]         0.0000000000 
_pdbx_struct_oper_list.matrix[2][2]         1.0000000000 
_pdbx_struct_oper_list.matrix[2][3]         0.0000000000 
_pdbx_struct_oper_list.vector[2]            0.0000000000 
_pdbx_struct_oper_list.matrix[3][1]         0.0000000000 
_pdbx_struct_oper_list.matrix[3][2]         0.0000000000 
_pdbx_struct_oper_list.matrix[3][3]         1.0000000000 
_pdbx_struct_oper_list.vector[3]            0.0000000000 
# 
loop_
_pdbx_audit_revision_history.ordinal 
_pdbx_audit_revision_history.data_content_type 
_pdbx_audit_revision_history.major_revision 
_pdbx_audit_revision_history.minor_revision 
_pdbx_audit_revision_history.revision_date 
1 'Structure model' 1 0 2013-05-15 
2 'Structure model' 1 1 2023-11-08 
# 
_pdbx_audit_revision_details.ordinal             1 
_pdbx_audit_revision_details.revision_ordinal    1 
_pdbx_audit_revision_details.data_content_type   'Structure model' 
_pdbx_audit_revision_details.provider            repository 
_pdbx_audit_revision_details.type                'Initial release' 
_pdbx_audit_revision_details.description         ? 
_pdbx_audit_revision_details.details             ? 
# 
loop_
_pdbx_audit_revision_group.ordinal 
_pdbx_audit_revision_group.revision_ordinal 
_pdbx_audit_revision_group.data_content_type 
_pdbx_audit_revision_group.group 
1 2 'Structure model' 'Data collection'        
2 2 'Structure model' 'Database references'    
3 2 'Structure model' 'Derived calculations'   
4 2 'Structure model' 'Refinement description' 
# 
loop_
_pdbx_audit_revision_category.ordinal 
_pdbx_audit_revision_category.revision_ordinal 
_pdbx_audit_revision_category.data_content_type 
_pdbx_audit_revision_category.category 
1 2 'Structure model' chem_comp_atom                
2 2 'Structure model' chem_comp_bond                
3 2 'Structure model' database_2                    
4 2 'Structure model' pdbx_initial_refinement_model 
5 2 'Structure model' struct_site                   
# 
loop_
_pdbx_audit_revision_item.ordinal 
_pdbx_audit_revision_item.revision_ordinal 
_pdbx_audit_revision_item.data_content_type 
_pdbx_audit_revision_item.item 
1 2 'Structure model' '_database_2.pdbx_DOI'                
2 2 'Structure model' '_database_2.pdbx_database_accession' 
3 2 'Structure model' '_struct_site.pdbx_auth_asym_id'      
4 2 'Structure model' '_struct_site.pdbx_auth_comp_id'      
5 2 'Structure model' '_struct_site.pdbx_auth_seq_id'       
# 
loop_
_software.name 
_software.classification 
_software.version 
_software.citation_id 
_software.pdbx_ordinal 
HKL-2000 'data collection' .                            ? 1 
PHENIX   'model building'  .                            ? 2 
PHENIX   refinement        '(phenix.refine: 1.6.2_432)' ? 3 
HKL-2000 'data reduction'  .                            ? 4 
HKL-2000 'data scaling'    .                            ? 5 
PHENIX   phasing           .                            ? 6 
# 
loop_
_pdbx_validate_torsion.id 
_pdbx_validate_torsion.PDB_model_num 
_pdbx_validate_torsion.auth_comp_id 
_pdbx_validate_torsion.auth_asym_id 
_pdbx_validate_torsion.auth_seq_id 
_pdbx_validate_torsion.PDB_ins_code 
_pdbx_validate_torsion.label_alt_id 
_pdbx_validate_torsion.phi 
_pdbx_validate_torsion.psi 
1 1 THR A 94  ? ? -104.99 40.87   
2 1 ASN A 105 ? ? -121.68 -55.12  
3 1 ALA A 166 ? ? 65.53   -142.97 
# 
loop_
_pdbx_unobs_or_zero_occ_residues.id 
_pdbx_unobs_or_zero_occ_residues.PDB_model_num 
_pdbx_unobs_or_zero_occ_residues.polymer_flag 
_pdbx_unobs_or_zero_occ_residues.occupancy_flag 
_pdbx_unobs_or_zero_occ_residues.auth_asym_id 
_pdbx_unobs_or_zero_occ_residues.auth_comp_id 
_pdbx_unobs_or_zero_occ_residues.auth_seq_id 
_pdbx_unobs_or_zero_occ_residues.PDB_ins_code 
_pdbx_unobs_or_zero_occ_residues.label_asym_id 
_pdbx_unobs_or_zero_occ_residues.label_comp_id 
_pdbx_unobs_or_zero_occ_residues.label_seq_id 
1  1 Y 1 A ASP 9   ? A ASP 1   
2  1 Y 1 A GLN 10  ? A GLN 2   
3  1 Y 1 A PRO 11  ? A PRO 3   
4  1 Y 1 A MET 12  ? A MET 4   
5  1 Y 1 A GLU 13  ? A GLU 5   
6  1 Y 1 A GLU 14  ? A GLU 6   
7  1 Y 1 A GLU 15  ? A GLU 7   
8  1 Y 1 A GLU 16  ? A GLU 8   
9  1 Y 1 A GLU 225 ? A GLU 217 
10 1 Y 1 A ARG 226 ? A ARG 218 
11 1 Y 1 A ASP 227 ? A ASP 219 
12 1 Y 1 A LYS 228 ? A LYS 220 
13 1 Y 1 A GLU 229 ? A GLU 221 
14 1 Y 1 A VAL 230 ? A VAL 222 
15 1 Y 1 A SER 231 ? A SER 223 
16 1 Y 1 A ASP 232 ? A ASP 224 
17 1 Y 1 A ASP 233 ? A ASP 225 
18 1 Y 1 A GLU 234 ? A GLU 226 
19 1 Y 1 A ALA 235 ? A ALA 227 
20 1 Y 1 A GLU 236 ? A GLU 228 
# 
loop_
_chem_comp_atom.comp_id 
_chem_comp_atom.atom_id 
_chem_comp_atom.type_symbol 
_chem_comp_atom.pdbx_aromatic_flag 
_chem_comp_atom.pdbx_stereo_config 
_chem_comp_atom.pdbx_ordinal 
ALA N    N N N 1   
ALA CA   C N S 2   
ALA C    C N N 3   
ALA O    O N N 4   
ALA CB   C N N 5   
ALA OXT  O N N 6   
ALA H    H N N 7   
ALA H2   H N N 8   
ALA HA   H N N 9   
ALA HB1  H N N 10  
ALA HB2  H N N 11  
ALA HB3  H N N 12  
ALA HXT  H N N 13  
ARG N    N N N 14  
ARG CA   C N S 15  
ARG C    C N N 16  
ARG O    O N N 17  
ARG CB   C N N 18  
ARG CG   C N N 19  
ARG CD   C N N 20  
ARG NE   N N N 21  
ARG CZ   C N N 22  
ARG NH1  N N N 23  
ARG NH2  N N N 24  
ARG OXT  O N N 25  
ARG H    H N N 26  
ARG H2   H N N 27  
ARG HA   H N N 28  
ARG HB2  H N N 29  
ARG HB3  H N N 30  
ARG HG2  H N N 31  
ARG HG3  H N N 32  
ARG HD2  H N N 33  
ARG HD3  H N N 34  
ARG HE   H N N 35  
ARG HH11 H N N 36  
ARG HH12 H N N 37  
ARG HH21 H N N 38  
ARG HH22 H N N 39  
ARG HXT  H N N 40  
ASN N    N N N 41  
ASN CA   C N S 42  
ASN C    C N N 43  
ASN O    O N N 44  
ASN CB   C N N 45  
ASN CG   C N N 46  
ASN OD1  O N N 47  
ASN ND2  N N N 48  
ASN OXT  O N N 49  
ASN H    H N N 50  
ASN H2   H N N 51  
ASN HA   H N N 52  
ASN HB2  H N N 53  
ASN HB3  H N N 54  
ASN HD21 H N N 55  
ASN HD22 H N N 56  
ASN HXT  H N N 57  
ASP N    N N N 58  
ASP CA   C N S 59  
ASP C    C N N 60  
ASP O    O N N 61  
ASP CB   C N N 62  
ASP CG   C N N 63  
ASP OD1  O N N 64  
ASP OD2  O N N 65  
ASP OXT  O N N 66  
ASP H    H N N 67  
ASP H2   H N N 68  
ASP HA   H N N 69  
ASP HB2  H N N 70  
ASP HB3  H N N 71  
ASP HD2  H N N 72  
ASP HXT  H N N 73  
FJ1 C01  C N N 74  
FJ1 C02  C N N 75  
FJ1 C03  C N N 76  
FJ1 C04  C N N 77  
FJ1 C05  C Y N 78  
FJ1 C06  C Y N 79  
FJ1 N07  N Y N 80  
FJ1 N08  N Y N 81  
FJ1 C09  C Y N 82  
FJ1 C10  C N N 83  
FJ1 C11  C N N 84  
FJ1 O12  O N N 85  
FJ1 C13  C N N 86  
FJ1 F14  F N N 87  
FJ1 F15  F N N 88  
FJ1 F16  F N N 89  
FJ1 H1   H N N 90  
FJ1 H2   H N N 91  
FJ1 H3   H N N 92  
FJ1 H4   H N N 93  
FJ1 H5   H N N 94  
FJ1 H6   H N N 95  
FJ1 H7   H N N 96  
FJ1 H8   H N N 97  
FJ1 H9   H N N 98  
FJ1 H10  H N N 99  
FJ1 H11  H N N 100 
GLN N    N N N 101 
GLN CA   C N S 102 
GLN C    C N N 103 
GLN O    O N N 104 
GLN CB   C N N 105 
GLN CG   C N N 106 
GLN CD   C N N 107 
GLN OE1  O N N 108 
GLN NE2  N N N 109 
GLN OXT  O N N 110 
GLN H    H N N 111 
GLN H2   H N N 112 
GLN HA   H N N 113 
GLN HB2  H N N 114 
GLN HB3  H N N 115 
GLN HG2  H N N 116 
GLN HG3  H N N 117 
GLN HE21 H N N 118 
GLN HE22 H N N 119 
GLN HXT  H N N 120 
GLU N    N N N 121 
GLU CA   C N S 122 
GLU C    C N N 123 
GLU O    O N N 124 
GLU CB   C N N 125 
GLU CG   C N N 126 
GLU CD   C N N 127 
GLU OE1  O N N 128 
GLU OE2  O N N 129 
GLU OXT  O N N 130 
GLU H    H N N 131 
GLU H2   H N N 132 
GLU HA   H N N 133 
GLU HB2  H N N 134 
GLU HB3  H N N 135 
GLU HG2  H N N 136 
GLU HG3  H N N 137 
GLU HE2  H N N 138 
GLU HXT  H N N 139 
GLY N    N N N 140 
GLY CA   C N N 141 
GLY C    C N N 142 
GLY O    O N N 143 
GLY OXT  O N N 144 
GLY H    H N N 145 
GLY H2   H N N 146 
GLY HA2  H N N 147 
GLY HA3  H N N 148 
GLY HXT  H N N 149 
HIS N    N N N 150 
HIS CA   C N S 151 
HIS C    C N N 152 
HIS O    O N N 153 
HIS CB   C N N 154 
HIS CG   C Y N 155 
HIS ND1  N Y N 156 
HIS CD2  C Y N 157 
HIS CE1  C Y N 158 
HIS NE2  N Y N 159 
HIS OXT  O N N 160 
HIS H    H N N 161 
HIS H2   H N N 162 
HIS HA   H N N 163 
HIS HB2  H N N 164 
HIS HB3  H N N 165 
HIS HD1  H N N 166 
HIS HD2  H N N 167 
HIS HE1  H N N 168 
HIS HE2  H N N 169 
HIS HXT  H N N 170 
HOH O    O N N 171 
HOH H1   H N N 172 
HOH H2   H N N 173 
ILE N    N N N 174 
ILE CA   C N S 175 
ILE C    C N N 176 
ILE O    O N N 177 
ILE CB   C N S 178 
ILE CG1  C N N 179 
ILE CG2  C N N 180 
ILE CD1  C N N 181 
ILE OXT  O N N 182 
ILE H    H N N 183 
ILE H2   H N N 184 
ILE HA   H N N 185 
ILE HB   H N N 186 
ILE HG12 H N N 187 
ILE HG13 H N N 188 
ILE HG21 H N N 189 
ILE HG22 H N N 190 
ILE HG23 H N N 191 
ILE HD11 H N N 192 
ILE HD12 H N N 193 
ILE HD13 H N N 194 
ILE HXT  H N N 195 
LEU N    N N N 196 
LEU CA   C N S 197 
LEU C    C N N 198 
LEU O    O N N 199 
LEU CB   C N N 200 
LEU CG   C N N 201 
LEU CD1  C N N 202 
LEU CD2  C N N 203 
LEU OXT  O N N 204 
LEU H    H N N 205 
LEU H2   H N N 206 
LEU HA   H N N 207 
LEU HB2  H N N 208 
LEU HB3  H N N 209 
LEU HG   H N N 210 
LEU HD11 H N N 211 
LEU HD12 H N N 212 
LEU HD13 H N N 213 
LEU HD21 H N N 214 
LEU HD22 H N N 215 
LEU HD23 H N N 216 
LEU HXT  H N N 217 
LYS N    N N N 218 
LYS CA   C N S 219 
LYS C    C N N 220 
LYS O    O N N 221 
LYS CB   C N N 222 
LYS CG   C N N 223 
LYS CD   C N N 224 
LYS CE   C N N 225 
LYS NZ   N N N 226 
LYS OXT  O N N 227 
LYS H    H N N 228 
LYS H2   H N N 229 
LYS HA   H N N 230 
LYS HB2  H N N 231 
LYS HB3  H N N 232 
LYS HG2  H N N 233 
LYS HG3  H N N 234 
LYS HD2  H N N 235 
LYS HD3  H N N 236 
LYS HE2  H N N 237 
LYS HE3  H N N 238 
LYS HZ1  H N N 239 
LYS HZ2  H N N 240 
LYS HZ3  H N N 241 
LYS HXT  H N N 242 
MET N    N N N 243 
MET CA   C N S 244 
MET C    C N N 245 
MET O    O N N 246 
MET CB   C N N 247 
MET CG   C N N 248 
MET SD   S N N 249 
MET CE   C N N 250 
MET OXT  O N N 251 
MET H    H N N 252 
MET H2   H N N 253 
MET HA   H N N 254 
MET HB2  H N N 255 
MET HB3  H N N 256 
MET HG2  H N N 257 
MET HG3  H N N 258 
MET HE1  H N N 259 
MET HE2  H N N 260 
MET HE3  H N N 261 
MET HXT  H N N 262 
PHE N    N N N 263 
PHE CA   C N S 264 
PHE C    C N N 265 
PHE O    O N N 266 
PHE CB   C N N 267 
PHE CG   C Y N 268 
PHE CD1  C Y N 269 
PHE CD2  C Y N 270 
PHE CE1  C Y N 271 
PHE CE2  C Y N 272 
PHE CZ   C Y N 273 
PHE OXT  O N N 274 
PHE H    H N N 275 
PHE H2   H N N 276 
PHE HA   H N N 277 
PHE HB2  H N N 278 
PHE HB3  H N N 279 
PHE HD1  H N N 280 
PHE HD2  H N N 281 
PHE HE1  H N N 282 
PHE HE2  H N N 283 
PHE HZ   H N N 284 
PHE HXT  H N N 285 
PRO N    N N N 286 
PRO CA   C N S 287 
PRO C    C N N 288 
PRO O    O N N 289 
PRO CB   C N N 290 
PRO CG   C N N 291 
PRO CD   C N N 292 
PRO OXT  O N N 293 
PRO H    H N N 294 
PRO HA   H N N 295 
PRO HB2  H N N 296 
PRO HB3  H N N 297 
PRO HG2  H N N 298 
PRO HG3  H N N 299 
PRO HD2  H N N 300 
PRO HD3  H N N 301 
PRO HXT  H N N 302 
SER N    N N N 303 
SER CA   C N S 304 
SER C    C N N 305 
SER O    O N N 306 
SER CB   C N N 307 
SER OG   O N N 308 
SER OXT  O N N 309 
SER H    H N N 310 
SER H2   H N N 311 
SER HA   H N N 312 
SER HB2  H N N 313 
SER HB3  H N N 314 
SER HG   H N N 315 
SER HXT  H N N 316 
THR N    N N N 317 
THR CA   C N S 318 
THR C    C N N 319 
THR O    O N N 320 
THR CB   C N R 321 
THR OG1  O N N 322 
THR CG2  C N N 323 
THR OXT  O N N 324 
THR H    H N N 325 
THR H2   H N N 326 
THR HA   H N N 327 
THR HB   H N N 328 
THR HG1  H N N 329 
THR HG21 H N N 330 
THR HG22 H N N 331 
THR HG23 H N N 332 
THR HXT  H N N 333 
TRP N    N N N 334 
TRP CA   C N S 335 
TRP C    C N N 336 
TRP O    O N N 337 
TRP CB   C N N 338 
TRP CG   C Y N 339 
TRP CD1  C Y N 340 
TRP CD2  C Y N 341 
TRP NE1  N Y N 342 
TRP CE2  C Y N 343 
TRP CE3  C Y N 344 
TRP CZ2  C Y N 345 
TRP CZ3  C Y N 346 
TRP CH2  C Y N 347 
TRP OXT  O N N 348 
TRP H    H N N 349 
TRP H2   H N N 350 
TRP HA   H N N 351 
TRP HB2  H N N 352 
TRP HB3  H N N 353 
TRP HD1  H N N 354 
TRP HE1  H N N 355 
TRP HE3  H N N 356 
TRP HZ2  H N N 357 
TRP HZ3  H N N 358 
TRP HH2  H N N 359 
TRP HXT  H N N 360 
TYR N    N N N 361 
TYR CA   C N S 362 
TYR C    C N N 363 
TYR O    O N N 364 
TYR CB   C N N 365 
TYR CG   C Y N 366 
TYR CD1  C Y N 367 
TYR CD2  C Y N 368 
TYR CE1  C Y N 369 
TYR CE2  C Y N 370 
TYR CZ   C Y N 371 
TYR OH   O N N 372 
TYR OXT  O N N 373 
TYR H    H N N 374 
TYR H2   H N N 375 
TYR HA   H N N 376 
TYR HB2  H N N 377 
TYR HB3  H N N 378 
TYR HD1  H N N 379 
TYR HD2  H N N 380 
TYR HE1  H N N 381 
TYR HE2  H N N 382 
TYR HH   H N N 383 
TYR HXT  H N N 384 
VAL N    N N N 385 
VAL CA   C N S 386 
VAL C    C N N 387 
VAL O    O N N 388 
VAL CB   C N N 389 
VAL CG1  C N N 390 
VAL CG2  C N N 391 
VAL OXT  O N N 392 
VAL H    H N N 393 
VAL H2   H N N 394 
VAL HA   H N N 395 
VAL HB   H N N 396 
VAL HG11 H N N 397 
VAL HG12 H N N 398 
VAL HG13 H N N 399 
VAL HG21 H N N 400 
VAL HG22 H N N 401 
VAL HG23 H N N 402 
VAL HXT  H N N 403 
# 
loop_
_chem_comp_bond.comp_id 
_chem_comp_bond.atom_id_1 
_chem_comp_bond.atom_id_2 
_chem_comp_bond.value_order 
_chem_comp_bond.pdbx_aromatic_flag 
_chem_comp_bond.pdbx_stereo_config 
_chem_comp_bond.pdbx_ordinal 
ALA N   CA   sing N N 1   
ALA N   H    sing N N 2   
ALA N   H2   sing N N 3   
ALA CA  C    sing N N 4   
ALA CA  CB   sing N N 5   
ALA CA  HA   sing N N 6   
ALA C   O    doub N N 7   
ALA C   OXT  sing N N 8   
ALA CB  HB1  sing N N 9   
ALA CB  HB2  sing N N 10  
ALA CB  HB3  sing N N 11  
ALA OXT HXT  sing N N 12  
ARG N   CA   sing N N 13  
ARG N   H    sing N N 14  
ARG N   H2   sing N N 15  
ARG CA  C    sing N N 16  
ARG CA  CB   sing N N 17  
ARG CA  HA   sing N N 18  
ARG C   O    doub N N 19  
ARG C   OXT  sing N N 20  
ARG CB  CG   sing N N 21  
ARG CB  HB2  sing N N 22  
ARG CB  HB3  sing N N 23  
ARG CG  CD   sing N N 24  
ARG CG  HG2  sing N N 25  
ARG CG  HG3  sing N N 26  
ARG CD  NE   sing N N 27  
ARG CD  HD2  sing N N 28  
ARG CD  HD3  sing N N 29  
ARG NE  CZ   sing N N 30  
ARG NE  HE   sing N N 31  
ARG CZ  NH1  sing N N 32  
ARG CZ  NH2  doub N N 33  
ARG NH1 HH11 sing N N 34  
ARG NH1 HH12 sing N N 35  
ARG NH2 HH21 sing N N 36  
ARG NH2 HH22 sing N N 37  
ARG OXT HXT  sing N N 38  
ASN N   CA   sing N N 39  
ASN N   H    sing N N 40  
ASN N   H2   sing N N 41  
ASN CA  C    sing N N 42  
ASN CA  CB   sing N N 43  
ASN CA  HA   sing N N 44  
ASN C   O    doub N N 45  
ASN C   OXT  sing N N 46  
ASN CB  CG   sing N N 47  
ASN CB  HB2  sing N N 48  
ASN CB  HB3  sing N N 49  
ASN CG  OD1  doub N N 50  
ASN CG  ND2  sing N N 51  
ASN ND2 HD21 sing N N 52  
ASN ND2 HD22 sing N N 53  
ASN OXT HXT  sing N N 54  
ASP N   CA   sing N N 55  
ASP N   H    sing N N 56  
ASP N   H2   sing N N 57  
ASP CA  C    sing N N 58  
ASP CA  CB   sing N N 59  
ASP CA  HA   sing N N 60  
ASP C   O    doub N N 61  
ASP C   OXT  sing N N 62  
ASP CB  CG   sing N N 63  
ASP CB  HB2  sing N N 64  
ASP CB  HB3  sing N N 65  
ASP CG  OD1  doub N N 66  
ASP CG  OD2  sing N N 67  
ASP OD2 HD2  sing N N 68  
ASP OXT HXT  sing N N 69  
FJ1 F14 C13  sing N N 70  
FJ1 F16 C13  sing N N 71  
FJ1 C13 C09  sing N N 72  
FJ1 C13 F15  sing N N 73  
FJ1 N08 C09  doub Y N 74  
FJ1 N08 N07  sing Y N 75  
FJ1 C09 C05  sing Y N 76  
FJ1 N07 C06  sing Y N 77  
FJ1 C05 C06  doub Y N 78  
FJ1 C05 C04  sing N N 79  
FJ1 C06 C03  sing N N 80  
FJ1 O12 C04  doub N N 81  
FJ1 C04 C01  sing N N 82  
FJ1 C03 C02  sing N N 83  
FJ1 C01 C02  sing N N 84  
FJ1 C02 C10  sing N N 85  
FJ1 C02 C11  sing N N 86  
FJ1 C01 H1   sing N N 87  
FJ1 C01 H2   sing N N 88  
FJ1 C03 H3   sing N N 89  
FJ1 C03 H4   sing N N 90  
FJ1 N07 H5   sing N N 91  
FJ1 C10 H6   sing N N 92  
FJ1 C10 H7   sing N N 93  
FJ1 C10 H8   sing N N 94  
FJ1 C11 H9   sing N N 95  
FJ1 C11 H10  sing N N 96  
FJ1 C11 H11  sing N N 97  
GLN N   CA   sing N N 98  
GLN N   H    sing N N 99  
GLN N   H2   sing N N 100 
GLN CA  C    sing N N 101 
GLN CA  CB   sing N N 102 
GLN CA  HA   sing N N 103 
GLN C   O    doub N N 104 
GLN C   OXT  sing N N 105 
GLN CB  CG   sing N N 106 
GLN CB  HB2  sing N N 107 
GLN CB  HB3  sing N N 108 
GLN CG  CD   sing N N 109 
GLN CG  HG2  sing N N 110 
GLN CG  HG3  sing N N 111 
GLN CD  OE1  doub N N 112 
GLN CD  NE2  sing N N 113 
GLN NE2 HE21 sing N N 114 
GLN NE2 HE22 sing N N 115 
GLN OXT HXT  sing N N 116 
GLU N   CA   sing N N 117 
GLU N   H    sing N N 118 
GLU N   H2   sing N N 119 
GLU CA  C    sing N N 120 
GLU CA  CB   sing N N 121 
GLU CA  HA   sing N N 122 
GLU C   O    doub N N 123 
GLU C   OXT  sing N N 124 
GLU CB  CG   sing N N 125 
GLU CB  HB2  sing N N 126 
GLU CB  HB3  sing N N 127 
GLU CG  CD   sing N N 128 
GLU CG  HG2  sing N N 129 
GLU CG  HG3  sing N N 130 
GLU CD  OE1  doub N N 131 
GLU CD  OE2  sing N N 132 
GLU OE2 HE2  sing N N 133 
GLU OXT HXT  sing N N 134 
GLY N   CA   sing N N 135 
GLY N   H    sing N N 136 
GLY N   H2   sing N N 137 
GLY CA  C    sing N N 138 
GLY CA  HA2  sing N N 139 
GLY CA  HA3  sing N N 140 
GLY C   O    doub N N 141 
GLY C   OXT  sing N N 142 
GLY OXT HXT  sing N N 143 
HIS N   CA   sing N N 144 
HIS N   H    sing N N 145 
HIS N   H2   sing N N 146 
HIS CA  C    sing N N 147 
HIS CA  CB   sing N N 148 
HIS CA  HA   sing N N 149 
HIS C   O    doub N N 150 
HIS C   OXT  sing N N 151 
HIS CB  CG   sing N N 152 
HIS CB  HB2  sing N N 153 
HIS CB  HB3  sing N N 154 
HIS CG  ND1  sing Y N 155 
HIS CG  CD2  doub Y N 156 
HIS ND1 CE1  doub Y N 157 
HIS ND1 HD1  sing N N 158 
HIS CD2 NE2  sing Y N 159 
HIS CD2 HD2  sing N N 160 
HIS CE1 NE2  sing Y N 161 
HIS CE1 HE1  sing N N 162 
HIS NE2 HE2  sing N N 163 
HIS OXT HXT  sing N N 164 
HOH O   H1   sing N N 165 
HOH O   H2   sing N N 166 
ILE N   CA   sing N N 167 
ILE N   H    sing N N 168 
ILE N   H2   sing N N 169 
ILE CA  C    sing N N 170 
ILE CA  CB   sing N N 171 
ILE CA  HA   sing N N 172 
ILE C   O    doub N N 173 
ILE C   OXT  sing N N 174 
ILE CB  CG1  sing N N 175 
ILE CB  CG2  sing N N 176 
ILE CB  HB   sing N N 177 
ILE CG1 CD1  sing N N 178 
ILE CG1 HG12 sing N N 179 
ILE CG1 HG13 sing N N 180 
ILE CG2 HG21 sing N N 181 
ILE CG2 HG22 sing N N 182 
ILE CG2 HG23 sing N N 183 
ILE CD1 HD11 sing N N 184 
ILE CD1 HD12 sing N N 185 
ILE CD1 HD13 sing N N 186 
ILE OXT HXT  sing N N 187 
LEU N   CA   sing N N 188 
LEU N   H    sing N N 189 
LEU N   H2   sing N N 190 
LEU CA  C    sing N N 191 
LEU CA  CB   sing N N 192 
LEU CA  HA   sing N N 193 
LEU C   O    doub N N 194 
LEU C   OXT  sing N N 195 
LEU CB  CG   sing N N 196 
LEU CB  HB2  sing N N 197 
LEU CB  HB3  sing N N 198 
LEU CG  CD1  sing N N 199 
LEU CG  CD2  sing N N 200 
LEU CG  HG   sing N N 201 
LEU CD1 HD11 sing N N 202 
LEU CD1 HD12 sing N N 203 
LEU CD1 HD13 sing N N 204 
LEU CD2 HD21 sing N N 205 
LEU CD2 HD22 sing N N 206 
LEU CD2 HD23 sing N N 207 
LEU OXT HXT  sing N N 208 
LYS N   CA   sing N N 209 
LYS N   H    sing N N 210 
LYS N   H2   sing N N 211 
LYS CA  C    sing N N 212 
LYS CA  CB   sing N N 213 
LYS CA  HA   sing N N 214 
LYS C   O    doub N N 215 
LYS C   OXT  sing N N 216 
LYS CB  CG   sing N N 217 
LYS CB  HB2  sing N N 218 
LYS CB  HB3  sing N N 219 
LYS CG  CD   sing N N 220 
LYS CG  HG2  sing N N 221 
LYS CG  HG3  sing N N 222 
LYS CD  CE   sing N N 223 
LYS CD  HD2  sing N N 224 
LYS CD  HD3  sing N N 225 
LYS CE  NZ   sing N N 226 
LYS CE  HE2  sing N N 227 
LYS CE  HE3  sing N N 228 
LYS NZ  HZ1  sing N N 229 
LYS NZ  HZ2  sing N N 230 
LYS NZ  HZ3  sing N N 231 
LYS OXT HXT  sing N N 232 
MET N   CA   sing N N 233 
MET N   H    sing N N 234 
MET N   H2   sing N N 235 
MET CA  C    sing N N 236 
MET CA  CB   sing N N 237 
MET CA  HA   sing N N 238 
MET C   O    doub N N 239 
MET C   OXT  sing N N 240 
MET CB  CG   sing N N 241 
MET CB  HB2  sing N N 242 
MET CB  HB3  sing N N 243 
MET CG  SD   sing N N 244 
MET CG  HG2  sing N N 245 
MET CG  HG3  sing N N 246 
MET SD  CE   sing N N 247 
MET CE  HE1  sing N N 248 
MET CE  HE2  sing N N 249 
MET CE  HE3  sing N N 250 
MET OXT HXT  sing N N 251 
PHE N   CA   sing N N 252 
PHE N   H    sing N N 253 
PHE N   H2   sing N N 254 
PHE CA  C    sing N N 255 
PHE CA  CB   sing N N 256 
PHE CA  HA   sing N N 257 
PHE C   O    doub N N 258 
PHE C   OXT  sing N N 259 
PHE CB  CG   sing N N 260 
PHE CB  HB2  sing N N 261 
PHE CB  HB3  sing N N 262 
PHE CG  CD1  doub Y N 263 
PHE CG  CD2  sing Y N 264 
PHE CD1 CE1  sing Y N 265 
PHE CD1 HD1  sing N N 266 
PHE CD2 CE2  doub Y N 267 
PHE CD2 HD2  sing N N 268 
PHE CE1 CZ   doub Y N 269 
PHE CE1 HE1  sing N N 270 
PHE CE2 CZ   sing Y N 271 
PHE CE2 HE2  sing N N 272 
PHE CZ  HZ   sing N N 273 
PHE OXT HXT  sing N N 274 
PRO N   CA   sing N N 275 
PRO N   CD   sing N N 276 
PRO N   H    sing N N 277 
PRO CA  C    sing N N 278 
PRO CA  CB   sing N N 279 
PRO CA  HA   sing N N 280 
PRO C   O    doub N N 281 
PRO C   OXT  sing N N 282 
PRO CB  CG   sing N N 283 
PRO CB  HB2  sing N N 284 
PRO CB  HB3  sing N N 285 
PRO CG  CD   sing N N 286 
PRO CG  HG2  sing N N 287 
PRO CG  HG3  sing N N 288 
PRO CD  HD2  sing N N 289 
PRO CD  HD3  sing N N 290 
PRO OXT HXT  sing N N 291 
SER N   CA   sing N N 292 
SER N   H    sing N N 293 
SER N   H2   sing N N 294 
SER CA  C    sing N N 295 
SER CA  CB   sing N N 296 
SER CA  HA   sing N N 297 
SER C   O    doub N N 298 
SER C   OXT  sing N N 299 
SER CB  OG   sing N N 300 
SER CB  HB2  sing N N 301 
SER CB  HB3  sing N N 302 
SER OG  HG   sing N N 303 
SER OXT HXT  sing N N 304 
THR N   CA   sing N N 305 
THR N   H    sing N N 306 
THR N   H2   sing N N 307 
THR CA  C    sing N N 308 
THR CA  CB   sing N N 309 
THR CA  HA   sing N N 310 
THR C   O    doub N N 311 
THR C   OXT  sing N N 312 
THR CB  OG1  sing N N 313 
THR CB  CG2  sing N N 314 
THR CB  HB   sing N N 315 
THR OG1 HG1  sing N N 316 
THR CG2 HG21 sing N N 317 
THR CG2 HG22 sing N N 318 
THR CG2 HG23 sing N N 319 
THR OXT HXT  sing N N 320 
TRP N   CA   sing N N 321 
TRP N   H    sing N N 322 
TRP N   H2   sing N N 323 
TRP CA  C    sing N N 324 
TRP CA  CB   sing N N 325 
TRP CA  HA   sing N N 326 
TRP C   O    doub N N 327 
TRP C   OXT  sing N N 328 
TRP CB  CG   sing N N 329 
TRP CB  HB2  sing N N 330 
TRP CB  HB3  sing N N 331 
TRP CG  CD1  doub Y N 332 
TRP CG  CD2  sing Y N 333 
TRP CD1 NE1  sing Y N 334 
TRP CD1 HD1  sing N N 335 
TRP CD2 CE2  doub Y N 336 
TRP CD2 CE3  sing Y N 337 
TRP NE1 CE2  sing Y N 338 
TRP NE1 HE1  sing N N 339 
TRP CE2 CZ2  sing Y N 340 
TRP CE3 CZ3  doub Y N 341 
TRP CE3 HE3  sing N N 342 
TRP CZ2 CH2  doub Y N 343 
TRP CZ2 HZ2  sing N N 344 
TRP CZ3 CH2  sing Y N 345 
TRP CZ3 HZ3  sing N N 346 
TRP CH2 HH2  sing N N 347 
TRP OXT HXT  sing N N 348 
TYR N   CA   sing N N 349 
TYR N   H    sing N N 350 
TYR N   H2   sing N N 351 
TYR CA  C    sing N N 352 
TYR CA  CB   sing N N 353 
TYR CA  HA   sing N N 354 
TYR C   O    doub N N 355 
TYR C   OXT  sing N N 356 
TYR CB  CG   sing N N 357 
TYR CB  HB2  sing N N 358 
TYR CB  HB3  sing N N 359 
TYR CG  CD1  doub Y N 360 
TYR CG  CD2  sing Y N 361 
TYR CD1 CE1  sing Y N 362 
TYR CD1 HD1  sing N N 363 
TYR CD2 CE2  doub Y N 364 
TYR CD2 HD2  sing N N 365 
TYR CE1 CZ   doub Y N 366 
TYR CE1 HE1  sing N N 367 
TYR CE2 CZ   sing Y N 368 
TYR CE2 HE2  sing N N 369 
TYR CZ  OH   sing N N 370 
TYR OH  HH   sing N N 371 
TYR OXT HXT  sing N N 372 
VAL N   CA   sing N N 373 
VAL N   H    sing N N 374 
VAL N   H2   sing N N 375 
VAL CA  C    sing N N 376 
VAL CA  CB   sing N N 377 
VAL CA  HA   sing N N 378 
VAL C   O    doub N N 379 
VAL C   OXT  sing N N 380 
VAL CB  CG1  sing N N 381 
VAL CB  CG2  sing N N 382 
VAL CB  HB   sing N N 383 
VAL CG1 HG11 sing N N 384 
VAL CG1 HG12 sing N N 385 
VAL CG1 HG13 sing N N 386 
VAL CG2 HG21 sing N N 387 
VAL CG2 HG22 sing N N 388 
VAL CG2 HG23 sing N N 389 
VAL OXT HXT  sing N N 390 
# 
loop_
_pdbx_entity_nonpoly.entity_id 
_pdbx_entity_nonpoly.name 
_pdbx_entity_nonpoly.comp_id 
2 '6,6-dimethyl-3-(trifluoromethyl)-1,5,6,7-tetrahydro-4H-indazol-4-one' FJ1 
3 water                                                                  HOH 
# 
_pdbx_initial_refinement_model.id               1 
_pdbx_initial_refinement_model.entity_id_list   ? 
_pdbx_initial_refinement_model.type             'experimental model' 
_pdbx_initial_refinement_model.source_name      PDB 
_pdbx_initial_refinement_model.accession_code   3T10 
_pdbx_initial_refinement_model.details          ? 
# 
